data_8JPU
#
_entry.id   8JPU
#
_cell.length_a   65.949
_cell.length_b   138.376
_cell.length_c   209.855
_cell.angle_alpha   90.00
_cell.angle_beta   90.00
_cell.angle_gamma   90.00
#
_symmetry.space_group_name_H-M   'P 21 21 21'
#
loop_
_entity.id
_entity.type
_entity.pdbx_description
1 polymer 'Tylactone synthase modules 4 & 5'
2 non-polymer 'SULFATE ION'
3 water water
#
_entity_poly.entity_id   1
_entity_poly.type   'polypeptide(L)'
_entity_poly.pdbx_seq_one_letter_code
;VPLLLSGHTEAALREQSTRLLNDLLEHPDEHPADVGYTLITGRAHFGHRAAVIGESREELLDALKALAEGREHHTVVRGD
GTAHPDRRVVFVFPGQGSQWPSMARDLLDRAPAFRETAKACDAALSVHLDWSVLDVLQEKPDAPPLSRVDVVQPVLFTMM
LSLAACWRDLGVHPAAVVGHSQGEIAAACVAGALSLEDAARIVALRSRAWLTLAGKGGMAAVSLPEARLRERIERFGQRL
SVAAVNSPGTAAVAGDVDALRELLAELTAEGIRAKPIPGVDTAGHSAQVDGLKEHLFEVLAPVSPRSSDIPFYSTVTGAP
LDTERLDAGYWYRNMREPVEFEKAVRALIADGYDLFLECNPHPMLAMSLDETLTDSGGHGTVMHTLRRQKGSAKDFGMAL
CLAYVNGLEIDGEALFGPDSRRVNPPTYPFQ
;
_entity_poly.pdbx_strand_id   A,B,C,D
#
# COMPACT_ATOMS: atom_id res chain seq x y z
N VAL A 1 -1.20 19.18 -22.97
CA VAL A 1 -1.47 17.91 -23.69
C VAL A 1 -0.57 17.84 -24.92
N PRO A 2 0.12 16.71 -25.16
CA PRO A 2 0.83 16.49 -26.43
C PRO A 2 -0.12 16.15 -27.57
N LEU A 3 -0.10 17.02 -28.60
CA LEU A 3 -0.85 16.80 -29.82
C LEU A 3 0.15 16.52 -30.94
N LEU A 4 0.13 15.27 -31.44
CA LEU A 4 1.09 14.77 -32.41
C LEU A 4 0.45 14.76 -33.80
N LEU A 5 1.12 15.39 -34.78
CA LEU A 5 0.55 15.68 -36.09
C LEU A 5 1.52 15.27 -37.17
N SER A 6 0.98 14.70 -38.26
CA SER A 6 1.80 14.19 -39.36
C SER A 6 1.06 14.38 -40.67
N GLY A 7 1.82 14.62 -41.75
CA GLY A 7 1.35 14.46 -43.11
C GLY A 7 2.46 13.99 -44.04
N HIS A 8 2.07 13.43 -45.19
CA HIS A 8 3.01 12.83 -46.13
C HIS A 8 3.70 13.92 -46.94
N THR A 9 3.13 15.14 -46.88
CA THR A 9 3.80 16.35 -47.31
C THR A 9 3.56 17.46 -46.29
N GLU A 10 4.30 18.56 -46.44
CA GLU A 10 4.11 19.76 -45.66
C GLU A 10 2.66 20.25 -45.77
N ALA A 11 2.12 20.24 -46.99
CA ALA A 11 0.76 20.72 -47.24
C ALA A 11 -0.24 19.86 -46.46
N ALA A 12 0.02 18.55 -46.41
CA ALA A 12 -0.84 17.60 -45.72
C ALA A 12 -0.77 17.84 -44.21
N LEU A 13 0.43 18.11 -43.70
CA LEU A 13 0.61 18.51 -42.32
C LEU A 13 -0.14 19.83 -42.05
N ARG A 14 0.03 20.79 -42.94
CA ARG A 14 -0.63 22.08 -42.79
C ARG A 14 -2.14 21.86 -42.64
N GLU A 15 -2.72 21.04 -43.52
CA GLU A 15 -4.15 20.75 -43.46
C GLU A 15 -4.47 20.01 -42.16
N GLN A 16 -3.56 19.14 -41.71
CA GLN A 16 -3.80 18.36 -40.51
C GLN A 16 -3.96 19.34 -39.34
N SER A 17 -3.29 20.48 -39.42
CA SER A 17 -3.37 21.49 -38.39
C SER A 17 -4.69 22.26 -38.47
N THR A 18 -5.17 22.55 -39.68
CA THR A 18 -6.42 23.30 -39.82
C THR A 18 -7.58 22.45 -39.31
N ARG A 19 -7.63 21.18 -39.72
CA ARG A 19 -8.68 20.27 -39.30
C ARG A 19 -8.75 20.25 -37.77
N LEU A 20 -7.58 20.25 -37.14
CA LEU A 20 -7.48 20.15 -35.69
C LEU A 20 -7.92 21.45 -35.05
N LEU A 21 -7.41 22.57 -35.56
CA LEU A 21 -7.88 23.88 -35.13
C LEU A 21 -9.40 23.92 -35.25
N ASN A 22 -9.91 23.56 -36.43
CA ASN A 22 -11.33 23.62 -36.73
C ASN A 22 -12.09 22.68 -35.80
N ASP A 23 -11.55 21.49 -35.56
CA ASP A 23 -12.23 20.50 -34.75
C ASP A 23 -12.50 21.08 -33.36
N LEU A 24 -11.48 21.72 -32.77
CA LEU A 24 -11.59 22.23 -31.40
C LEU A 24 -12.52 23.44 -31.36
N LEU A 25 -12.50 24.24 -32.44
CA LEU A 25 -13.39 25.38 -32.56
C LEU A 25 -14.83 24.90 -32.80
N GLU A 26 -14.98 23.86 -33.63
CA GLU A 26 -16.29 23.28 -33.92
C GLU A 26 -16.61 22.15 -32.93
N HIS A 27 -15.88 22.10 -31.82
CA HIS A 27 -16.16 21.17 -30.73
C HIS A 27 -15.46 21.61 -29.46
N PRO A 28 -15.79 22.80 -28.90
CA PRO A 28 -15.26 23.20 -27.59
C PRO A 28 -15.82 22.29 -26.49
N ASP A 29 -15.19 22.37 -25.30
CA ASP A 29 -15.60 21.56 -24.16
C ASP A 29 -15.22 20.10 -24.40
N GLU A 30 -14.71 19.81 -25.61
CA GLU A 30 -14.04 18.56 -25.93
C GLU A 30 -12.58 18.67 -25.52
N HIS A 31 -12.13 17.76 -24.65
CA HIS A 31 -10.83 17.88 -24.00
C HIS A 31 -9.73 17.36 -24.91
N PRO A 32 -8.59 18.08 -25.04
CA PRO A 32 -7.55 17.72 -26.01
C PRO A 32 -6.99 16.31 -25.81
N ALA A 33 -7.02 15.83 -24.56
CA ALA A 33 -6.49 14.51 -24.21
C ALA A 33 -7.17 13.43 -25.05
N ASP A 34 -8.46 13.61 -25.36
CA ASP A 34 -9.19 12.68 -26.20
C ASP A 34 -8.83 12.93 -27.66
N VAL A 35 -8.52 14.18 -27.99
CA VAL A 35 -8.11 14.54 -29.33
C VAL A 35 -6.66 14.07 -29.56
N GLY A 36 -5.84 14.21 -28.52
CA GLY A 36 -4.43 13.85 -28.60
C GLY A 36 -4.23 12.35 -28.76
N TYR A 37 -5.18 11.57 -28.21
CA TYR A 37 -5.14 10.12 -28.25
C TYR A 37 -5.53 9.58 -29.63
N THR A 38 -6.60 10.13 -30.23
CA THR A 38 -7.02 9.67 -31.56
C THR A 38 -6.09 10.25 -32.61
N LEU A 39 -5.42 11.36 -32.31
CA LEU A 39 -4.40 11.90 -33.19
C LEU A 39 -3.29 10.87 -33.44
N ILE A 40 -3.13 9.93 -32.50
CA ILE A 40 -2.03 8.98 -32.51
C ILE A 40 -2.54 7.60 -32.93
N THR A 41 -3.74 7.23 -32.46
CA THR A 41 -4.21 5.86 -32.60
C THR A 41 -5.05 5.71 -33.88
N GLY A 42 -5.56 6.84 -34.40
CA GLY A 42 -6.68 6.84 -35.33
C GLY A 42 -6.24 7.05 -36.78
N ARG A 43 -4.93 6.86 -37.01
CA ARG A 43 -4.21 7.47 -38.11
C ARG A 43 -2.79 6.91 -38.13
N ALA A 44 -2.20 6.77 -39.32
CA ALA A 44 -0.80 6.44 -39.43
C ALA A 44 0.01 7.72 -39.23
N HIS A 45 1.34 7.61 -39.37
CA HIS A 45 2.24 8.73 -39.15
C HIS A 45 3.27 8.80 -40.27
N PHE A 46 3.56 10.01 -40.75
CA PHE A 46 4.31 10.23 -41.98
C PHE A 46 5.51 11.12 -41.70
N GLY A 47 6.24 11.48 -42.76
CA GLY A 47 7.61 11.94 -42.64
C GLY A 47 7.71 13.43 -42.26
N HIS A 48 6.62 14.17 -42.50
CA HIS A 48 6.53 15.58 -42.12
C HIS A 48 5.71 15.71 -40.84
N ARG A 49 6.40 16.06 -39.74
CA ARG A 49 5.87 15.91 -38.40
C ARG A 49 5.97 17.22 -37.62
N ALA A 50 4.98 17.46 -36.76
CA ALA A 50 4.96 18.59 -35.83
C ALA A 50 4.36 18.14 -34.51
N ALA A 51 4.71 18.83 -33.42
CA ALA A 51 4.18 18.53 -32.11
C ALA A 51 3.90 19.81 -31.33
N VAL A 52 2.81 19.78 -30.55
CA VAL A 52 2.28 20.97 -29.88
C VAL A 52 2.05 20.64 -28.41
N ILE A 53 2.51 21.54 -27.53
CA ILE A 53 2.20 21.49 -26.10
C ILE A 53 1.34 22.71 -25.75
N GLY A 54 0.23 22.48 -25.05
CA GLY A 54 -0.79 23.49 -24.85
C GLY A 54 -0.75 24.07 -23.44
N GLU A 55 -0.02 25.19 -23.28
CA GLU A 55 0.01 25.92 -22.03
C GLU A 55 -1.37 26.51 -21.75
N SER A 56 -2.03 27.00 -22.82
CA SER A 56 -3.39 27.51 -22.73
C SER A 56 -4.11 27.22 -24.05
N ARG A 57 -5.45 27.23 -24.02
CA ARG A 57 -6.23 27.01 -25.23
C ARG A 57 -5.86 28.08 -26.27
N GLU A 58 -5.80 29.35 -25.84
CA GLU A 58 -5.40 30.42 -26.73
C GLU A 58 -3.99 30.14 -27.26
N GLU A 59 -3.17 29.48 -26.43
CA GLU A 59 -1.80 29.17 -26.79
C GLU A 59 -1.81 28.21 -27.98
N LEU A 60 -2.55 27.09 -27.84
CA LEU A 60 -2.58 26.07 -28.87
C LEU A 60 -3.33 26.59 -30.11
N LEU A 61 -4.53 27.15 -29.90
CA LEU A 61 -5.35 27.60 -31.00
C LEU A 61 -4.53 28.51 -31.91
N ASP A 62 -3.69 29.35 -31.27
CA ASP A 62 -2.77 30.23 -31.97
C ASP A 62 -1.67 29.41 -32.64
N ALA A 63 -1.24 28.33 -31.96
CA ALA A 63 -0.13 27.52 -32.43
C ALA A 63 -0.52 26.77 -33.69
N LEU A 64 -1.73 26.19 -33.68
CA LEU A 64 -2.22 25.45 -34.83
C LEU A 64 -2.37 26.37 -36.05
N LYS A 65 -2.80 27.62 -35.82
CA LYS A 65 -2.96 28.58 -36.90
C LYS A 65 -1.61 28.83 -37.57
N ALA A 66 -0.54 28.85 -36.77
CA ALA A 66 0.80 29.15 -37.27
C ALA A 66 1.28 28.02 -38.17
N LEU A 67 1.16 26.79 -37.66
CA LEU A 67 1.62 25.61 -38.37
C LEU A 67 0.84 25.45 -39.66
N ALA A 68 -0.48 25.66 -39.56
CA ALA A 68 -1.37 25.62 -40.71
C ALA A 68 -0.97 26.67 -41.74
N GLU A 69 -0.30 27.75 -41.29
CA GLU A 69 -0.02 28.88 -42.16
C GLU A 69 1.43 28.85 -42.62
N GLY A 70 2.23 27.92 -42.08
CA GLY A 70 3.58 27.68 -42.55
C GLY A 70 4.60 28.61 -41.91
N ARG A 71 4.26 29.16 -40.73
CA ARG A 71 5.15 30.07 -40.03
C ARG A 71 5.53 29.48 -38.68
N GLU A 72 6.82 29.63 -38.33
CA GLU A 72 7.36 29.08 -37.10
C GLU A 72 6.64 29.68 -35.90
N HIS A 73 6.58 28.90 -34.81
CA HIS A 73 5.97 29.32 -33.56
C HIS A 73 6.70 28.62 -32.42
N HIS A 74 6.76 29.26 -31.24
CA HIS A 74 7.67 28.82 -30.19
C HIS A 74 7.26 27.44 -29.65
N THR A 75 5.95 27.13 -29.63
CA THR A 75 5.46 25.93 -28.96
C THR A 75 5.18 24.80 -29.95
N VAL A 76 5.69 24.91 -31.19
CA VAL A 76 5.43 23.91 -32.22
C VAL A 76 6.78 23.39 -32.73
N VAL A 77 7.17 22.22 -32.23
CA VAL A 77 8.44 21.60 -32.59
C VAL A 77 8.28 20.87 -33.90
N ARG A 78 9.27 21.03 -34.79
CA ARG A 78 9.15 20.51 -36.15
C ARG A 78 10.28 19.53 -36.43
N GLY A 79 10.00 18.59 -37.33
CA GLY A 79 11.02 17.64 -37.78
C GLY A 79 11.95 18.30 -38.80
N ASP A 80 13.22 18.46 -38.42
CA ASP A 80 14.20 19.13 -39.26
C ASP A 80 15.36 18.17 -39.51
N GLY A 81 15.26 17.41 -40.62
CA GLY A 81 16.32 16.56 -41.09
C GLY A 81 15.84 15.13 -41.33
N THR A 82 16.42 14.18 -40.57
CA THR A 82 16.18 12.76 -40.77
C THR A 82 14.78 12.40 -40.24
N ALA A 83 14.02 11.64 -41.02
CA ALA A 83 12.66 11.31 -40.66
C ALA A 83 12.28 9.93 -41.21
N HIS A 84 13.31 9.10 -41.49
CA HIS A 84 13.08 7.75 -41.93
C HIS A 84 11.98 7.14 -41.09
N PRO A 85 10.94 6.53 -41.71
CA PRO A 85 9.82 5.96 -40.97
C PRO A 85 10.29 5.08 -39.81
N ASP A 86 11.40 4.36 -40.04
CA ASP A 86 11.92 3.41 -39.07
C ASP A 86 13.31 3.85 -38.61
N ARG A 87 13.38 4.94 -37.83
CA ARG A 87 14.63 5.38 -37.24
C ARG A 87 14.90 4.56 -35.98
N ARG A 88 16.17 4.20 -35.76
CA ARG A 88 16.58 3.44 -34.59
C ARG A 88 17.25 4.38 -33.60
N VAL A 89 16.98 4.17 -32.29
CA VAL A 89 17.48 5.04 -31.25
C VAL A 89 18.49 4.27 -30.39
N VAL A 90 19.64 4.91 -30.12
CA VAL A 90 20.61 4.42 -29.13
C VAL A 90 20.37 5.14 -27.80
N PHE A 91 20.16 4.37 -26.71
CA PHE A 91 20.06 4.97 -25.40
C PHE A 91 21.46 5.17 -24.83
N VAL A 92 21.79 6.41 -24.49
CA VAL A 92 23.11 6.74 -23.98
C VAL A 92 23.00 6.94 -22.47
N PHE A 93 23.85 6.21 -21.73
CA PHE A 93 23.82 6.19 -20.27
C PHE A 93 25.11 6.80 -19.73
N PRO A 94 25.11 8.11 -19.41
CA PRO A 94 26.33 8.81 -18.98
C PRO A 94 26.64 8.51 -17.52
N GLY A 95 27.79 8.98 -17.04
CA GLY A 95 28.22 8.76 -15.67
C GLY A 95 27.79 9.90 -14.75
N GLN A 96 28.62 10.18 -13.74
CA GLN A 96 28.25 11.08 -12.66
C GLN A 96 28.30 12.54 -13.12
N GLY A 97 27.60 13.41 -12.39
CA GLY A 97 27.63 14.85 -12.63
C GLY A 97 26.26 15.36 -13.11
N SER A 98 25.37 14.41 -13.35
CA SER A 98 24.07 14.67 -13.93
C SER A 98 23.05 14.90 -12.81
N GLN A 99 23.44 14.59 -11.58
CA GLN A 99 22.50 14.54 -10.47
C GLN A 99 22.06 15.96 -10.12
N TRP A 100 20.80 16.10 -9.72
CA TRP A 100 20.31 17.28 -9.02
C TRP A 100 19.22 16.90 -8.04
N PRO A 101 19.02 17.70 -6.96
CA PRO A 101 18.32 17.23 -5.77
C PRO A 101 16.89 16.77 -6.07
N SER A 102 16.16 17.53 -6.90
CA SER A 102 14.74 17.32 -7.11
C SER A 102 14.47 16.55 -8.41
N MET A 103 15.50 15.93 -8.99
CA MET A 103 15.40 15.40 -10.34
C MET A 103 14.23 14.44 -10.46
N ALA A 104 13.81 13.84 -9.35
CA ALA A 104 12.88 12.71 -9.39
C ALA A 104 11.48 13.10 -8.88
N ARG A 105 11.37 14.25 -8.21
CA ARG A 105 10.23 14.55 -7.35
C ARG A 105 8.92 14.47 -8.14
N ASP A 106 8.92 14.97 -9.39
CA ASP A 106 7.70 15.09 -10.16
C ASP A 106 7.33 13.74 -10.79
N LEU A 107 8.32 13.07 -11.39
CA LEU A 107 8.04 11.85 -12.12
C LEU A 107 7.66 10.73 -11.16
N LEU A 108 8.06 10.83 -9.88
CA LEU A 108 7.61 9.86 -8.89
C LEU A 108 6.11 10.05 -8.64
N ASP A 109 5.64 11.30 -8.78
CA ASP A 109 4.25 11.64 -8.62
C ASP A 109 3.46 11.26 -9.88
N ARG A 110 4.01 11.52 -11.06
CA ARG A 110 3.21 11.67 -12.27
C ARG A 110 3.36 10.46 -13.20
N ALA A 111 4.46 9.72 -13.11
CA ALA A 111 4.78 8.71 -14.10
C ALA A 111 4.77 7.32 -13.46
N PRO A 112 3.73 6.48 -13.70
CA PRO A 112 3.65 5.18 -13.07
C PRO A 112 4.88 4.30 -13.30
N ALA A 113 5.36 4.29 -14.55
CA ALA A 113 6.44 3.38 -14.95
C ALA A 113 7.75 3.79 -14.29
N PHE A 114 8.03 5.10 -14.25
CA PHE A 114 9.17 5.64 -13.52
C PHE A 114 9.12 5.16 -12.08
N ARG A 115 7.94 5.26 -11.47
CA ARG A 115 7.79 4.98 -10.04
C ARG A 115 8.07 3.51 -9.77
N GLU A 116 7.51 2.61 -10.59
CA GLU A 116 7.61 1.19 -10.28
C GLU A 116 9.05 0.72 -10.43
N THR A 117 9.75 1.23 -11.46
CA THR A 117 11.15 0.86 -11.65
C THR A 117 12.01 1.45 -10.53
N ALA A 118 11.61 2.62 -10.01
CA ALA A 118 12.31 3.25 -8.91
C ALA A 118 12.16 2.43 -7.64
N LYS A 119 10.93 1.97 -7.37
CA LYS A 119 10.65 1.20 -6.16
C LYS A 119 11.33 -0.16 -6.26
N ALA A 120 11.39 -0.67 -7.49
CA ALA A 120 12.08 -1.92 -7.78
C ALA A 120 13.57 -1.78 -7.51
N CYS A 121 14.20 -0.72 -8.03
CA CYS A 121 15.62 -0.52 -7.80
C CYS A 121 15.91 -0.38 -6.31
N ASP A 122 15.02 0.34 -5.61
CA ASP A 122 15.17 0.67 -4.21
C ASP A 122 15.17 -0.61 -3.38
N ALA A 123 14.21 -1.50 -3.66
CA ALA A 123 14.14 -2.80 -3.01
C ALA A 123 15.43 -3.57 -3.25
N ALA A 124 15.79 -3.74 -4.52
CA ALA A 124 16.93 -4.54 -4.91
C ALA A 124 18.18 -3.99 -4.22
N LEU A 125 18.25 -2.66 -4.09
CA LEU A 125 19.46 -2.02 -3.60
C LEU A 125 19.53 -2.10 -2.08
N SER A 126 18.36 -2.21 -1.43
CA SER A 126 18.26 -2.11 0.02
C SER A 126 18.88 -3.32 0.69
N VAL A 127 18.85 -4.44 -0.04
CA VAL A 127 19.50 -5.67 0.36
C VAL A 127 20.95 -5.41 0.75
N HIS A 128 21.55 -4.36 0.17
CA HIS A 128 22.99 -4.14 0.23
C HIS A 128 23.33 -2.91 1.08
N LEU A 129 22.40 -1.95 1.14
CA LEU A 129 22.69 -0.67 1.76
C LEU A 129 21.77 -0.48 2.96
N ASP A 130 22.27 0.25 3.98
CA ASP A 130 21.48 0.55 5.17
C ASP A 130 20.74 1.88 4.99
N TRP A 131 20.48 2.28 3.75
CA TRP A 131 19.64 3.44 3.48
C TRP A 131 18.74 3.18 2.27
N SER A 132 17.80 4.10 2.04
CA SER A 132 16.78 3.97 1.00
C SER A 132 17.00 5.00 -0.10
N VAL A 133 17.00 4.53 -1.35
CA VAL A 133 17.23 5.37 -2.51
C VAL A 133 16.01 6.26 -2.72
N LEU A 134 14.82 5.67 -2.51
CA LEU A 134 13.57 6.42 -2.56
C LEU A 134 13.65 7.61 -1.60
N ASP A 135 14.14 7.36 -0.39
CA ASP A 135 14.26 8.41 0.61
C ASP A 135 14.97 9.62 0.01
N VAL A 136 16.07 9.36 -0.71
CA VAL A 136 16.89 10.40 -1.29
C VAL A 136 16.12 11.11 -2.40
N LEU A 137 15.40 10.34 -3.22
CA LEU A 137 14.76 10.87 -4.42
C LEU A 137 13.56 11.73 -4.04
N GLN A 138 12.98 11.47 -2.87
CA GLN A 138 11.90 12.31 -2.38
C GLN A 138 12.43 13.18 -1.25
N GLU A 139 13.74 13.39 -1.26
CA GLU A 139 14.41 14.40 -0.45
C GLU A 139 13.88 14.36 0.99
N LYS A 140 13.75 13.15 1.55
CA LYS A 140 13.30 12.97 2.92
C LYS A 140 14.36 13.52 3.86
N PRO A 141 13.96 14.21 4.96
CA PRO A 141 14.89 15.05 5.72
C PRO A 141 16.08 14.29 6.28
N ASP A 142 15.88 13.02 6.68
CA ASP A 142 16.89 12.29 7.42
C ASP A 142 17.66 11.36 6.48
N ALA A 143 17.35 11.42 5.19
CA ALA A 143 18.03 10.63 4.18
C ALA A 143 19.46 11.13 4.01
N PRO A 144 20.41 10.26 3.61
CA PRO A 144 21.81 10.66 3.47
C PRO A 144 22.04 11.59 2.27
N PRO A 145 23.19 12.31 2.23
CA PRO A 145 23.43 13.31 1.20
C PRO A 145 23.65 12.71 -0.18
N LEU A 146 23.02 13.35 -1.17
CA LEU A 146 23.06 12.93 -2.56
C LEU A 146 24.49 12.92 -3.08
N SER A 147 25.36 13.66 -2.41
CA SER A 147 26.66 14.03 -2.97
C SER A 147 27.70 12.97 -2.61
N ARG A 148 27.52 12.31 -1.47
CA ARG A 148 28.37 11.20 -1.07
C ARG A 148 28.35 10.11 -2.14
N VAL A 149 29.53 9.55 -2.43
CA VAL A 149 29.75 8.90 -3.71
C VAL A 149 29.04 7.55 -3.70
N ASP A 150 28.86 6.98 -2.51
CA ASP A 150 28.16 5.72 -2.37
C ASP A 150 26.65 5.94 -2.41
N VAL A 151 26.22 7.20 -2.38
CA VAL A 151 24.81 7.53 -2.54
C VAL A 151 24.51 7.84 -3.99
N VAL A 152 25.34 8.70 -4.60
CA VAL A 152 25.06 9.24 -5.92
C VAL A 152 24.96 8.09 -6.93
N GLN A 153 25.86 7.11 -6.86
CA GLN A 153 25.99 6.16 -7.95
C GLN A 153 24.78 5.23 -8.02
N PRO A 154 24.33 4.63 -6.90
CA PRO A 154 23.08 3.86 -6.89
C PRO A 154 21.87 4.71 -7.27
N VAL A 155 21.85 5.95 -6.76
CA VAL A 155 20.75 6.86 -7.04
C VAL A 155 20.67 7.17 -8.54
N LEU A 156 21.80 7.47 -9.18
CA LEU A 156 21.80 7.81 -10.60
C LEU A 156 21.50 6.57 -11.44
N PHE A 157 21.96 5.41 -10.98
CA PHE A 157 21.55 4.13 -11.55
C PHE A 157 20.02 4.03 -11.55
N THR A 158 19.41 4.21 -10.37
CA THR A 158 17.96 4.11 -10.26
C THR A 158 17.31 5.09 -11.26
N MET A 159 17.84 6.32 -11.29
CA MET A 159 17.33 7.35 -12.17
C MET A 159 17.35 6.84 -13.61
N MET A 160 18.48 6.26 -14.02
CA MET A 160 18.72 6.03 -15.44
C MET A 160 17.93 4.81 -15.90
N LEU A 161 17.70 3.86 -14.98
CA LEU A 161 16.76 2.78 -15.19
C LEU A 161 15.31 3.30 -15.22
N SER A 162 14.93 4.13 -14.24
CA SER A 162 13.55 4.58 -14.16
C SER A 162 13.17 5.45 -15.37
N LEU A 163 14.14 6.21 -15.92
CA LEU A 163 13.89 7.02 -17.10
C LEU A 163 13.72 6.11 -18.32
N ALA A 164 14.55 5.07 -18.39
CA ALA A 164 14.47 4.10 -19.47
C ALA A 164 13.11 3.40 -19.44
N ALA A 165 12.62 3.05 -18.25
CA ALA A 165 11.36 2.36 -18.13
C ALA A 165 10.23 3.27 -18.61
N CYS A 166 10.40 4.57 -18.32
CA CYS A 166 9.40 5.57 -18.64
C CYS A 166 9.26 5.72 -20.15
N TRP A 167 10.41 5.87 -20.83
CA TRP A 167 10.44 5.91 -22.28
C TRP A 167 9.82 4.66 -22.91
N ARG A 168 10.22 3.47 -22.45
CA ARG A 168 9.76 2.24 -23.08
C ARG A 168 8.24 2.10 -22.97
N ASP A 169 7.68 2.40 -21.79
CA ASP A 169 6.24 2.38 -21.59
C ASP A 169 5.55 3.30 -22.61
N LEU A 170 6.20 4.41 -22.97
CA LEU A 170 5.65 5.39 -23.89
C LEU A 170 6.10 5.11 -25.32
N GLY A 171 6.67 3.92 -25.56
CA GLY A 171 6.81 3.39 -26.91
C GLY A 171 8.16 3.72 -27.56
N VAL A 172 9.10 4.24 -26.77
CA VAL A 172 10.45 4.42 -27.28
C VAL A 172 11.38 3.39 -26.65
N HIS A 173 12.01 2.59 -27.51
CA HIS A 173 12.75 1.40 -27.10
C HIS A 173 14.16 1.48 -27.65
N PRO A 174 15.18 1.18 -26.83
CA PRO A 174 16.56 1.17 -27.33
C PRO A 174 16.74 0.04 -28.35
N ALA A 175 17.39 0.38 -29.47
CA ALA A 175 17.89 -0.58 -30.43
C ALA A 175 19.36 -0.88 -30.15
N ALA A 176 19.97 -0.04 -29.30
CA ALA A 176 21.26 -0.36 -28.71
C ALA A 176 21.49 0.53 -27.48
N VAL A 177 22.54 0.22 -26.71
CA VAL A 177 22.94 1.05 -25.59
C VAL A 177 24.45 1.22 -25.63
N VAL A 178 24.89 2.41 -25.21
CA VAL A 178 26.26 2.65 -24.82
C VAL A 178 26.26 3.41 -23.49
N GLY A 179 27.21 3.07 -22.61
CA GLY A 179 27.34 3.72 -21.32
C GLY A 179 28.70 4.40 -21.19
N HIS A 180 28.73 5.49 -20.43
CA HIS A 180 29.98 6.18 -20.15
C HIS A 180 30.33 5.93 -18.69
N SER A 181 31.46 5.26 -18.44
CA SER A 181 31.95 5.05 -17.09
C SER A 181 30.91 4.23 -16.32
N GLN A 182 30.48 4.71 -15.15
CA GLN A 182 29.59 3.94 -14.27
C GLN A 182 28.25 3.68 -14.96
N GLY A 183 27.96 4.45 -16.01
CA GLY A 183 26.68 4.37 -16.71
C GLY A 183 26.54 3.06 -17.49
N GLU A 184 27.68 2.39 -17.70
CA GLU A 184 27.69 1.09 -18.37
C GLU A 184 26.99 0.03 -17.49
N ILE A 185 26.80 0.30 -16.20
CA ILE A 185 26.06 -0.60 -15.34
C ILE A 185 24.56 -0.51 -15.66
N ALA A 186 24.04 0.70 -15.74
CA ALA A 186 22.65 0.90 -16.14
C ALA A 186 22.41 0.35 -17.54
N ALA A 187 23.32 0.68 -18.46
CA ALA A 187 23.21 0.27 -19.85
C ALA A 187 23.07 -1.26 -19.95
N ALA A 188 23.90 -1.97 -19.19
CA ALA A 188 23.89 -3.42 -19.18
C ALA A 188 22.55 -3.94 -18.67
N CYS A 189 22.00 -3.25 -17.66
CA CYS A 189 20.75 -3.72 -17.08
C CYS A 189 19.61 -3.44 -18.08
N VAL A 190 19.66 -2.29 -18.76
CA VAL A 190 18.63 -1.95 -19.73
C VAL A 190 18.76 -2.89 -20.93
N ALA A 191 19.97 -3.31 -21.27
CA ALA A 191 20.18 -4.13 -22.44
C ALA A 191 19.88 -5.61 -22.14
N GLY A 192 19.69 -5.95 -20.86
CA GLY A 192 19.31 -7.30 -20.47
C GLY A 192 20.52 -8.19 -20.16
N ALA A 193 21.69 -7.57 -19.96
CA ALA A 193 22.94 -8.29 -19.76
C ALA A 193 23.10 -8.69 -18.31
N LEU A 194 22.70 -7.79 -17.39
CA LEU A 194 22.66 -8.10 -15.97
C LEU A 194 21.21 -8.19 -15.52
N SER A 195 20.97 -8.97 -14.47
CA SER A 195 19.75 -8.83 -13.70
C SER A 195 19.77 -7.52 -12.92
N LEU A 196 18.60 -7.10 -12.45
CA LEU A 196 18.50 -6.00 -11.50
C LEU A 196 19.37 -6.31 -10.28
N GLU A 197 19.32 -7.58 -9.84
CA GLU A 197 20.02 -8.03 -8.65
C GLU A 197 21.54 -7.81 -8.80
N ASP A 198 22.09 -8.11 -9.97
CA ASP A 198 23.53 -8.04 -10.15
C ASP A 198 23.96 -6.58 -10.34
N ALA A 199 23.23 -5.82 -11.15
CA ALA A 199 23.53 -4.43 -11.36
C ALA A 199 23.52 -3.69 -10.02
N ALA A 200 22.48 -3.97 -9.22
CA ALA A 200 22.28 -3.30 -7.94
C ALA A 200 23.50 -3.54 -7.04
N ARG A 201 23.91 -4.80 -6.93
CA ARG A 201 25.07 -5.19 -6.14
C ARG A 201 26.33 -4.52 -6.68
N ILE A 202 26.50 -4.49 -8.01
CA ILE A 202 27.72 -3.93 -8.58
C ILE A 202 27.80 -2.45 -8.18
N VAL A 203 26.73 -1.68 -8.42
CA VAL A 203 26.81 -0.23 -8.21
C VAL A 203 26.88 0.06 -6.71
N ALA A 204 26.27 -0.79 -5.87
CA ALA A 204 26.27 -0.59 -4.43
C ALA A 204 27.68 -0.80 -3.87
N LEU A 205 28.34 -1.91 -4.25
CA LEU A 205 29.65 -2.23 -3.71
C LEU A 205 30.74 -1.44 -4.43
N ARG A 206 30.60 -1.22 -5.73
CA ARG A 206 31.56 -0.42 -6.47
C ARG A 206 31.62 0.99 -5.89
N SER A 207 30.44 1.54 -5.54
CA SER A 207 30.37 2.93 -5.08
C SER A 207 30.81 3.02 -3.63
N ARG A 208 30.51 2.00 -2.84
CA ARG A 208 30.94 1.95 -1.44
C ARG A 208 32.46 1.82 -1.34
N ALA A 209 33.08 1.11 -2.30
CA ALA A 209 34.52 1.03 -2.35
C ALA A 209 35.13 2.42 -2.51
N TRP A 210 34.39 3.31 -3.18
CA TRP A 210 34.90 4.63 -3.55
C TRP A 210 34.96 5.59 -2.35
N LEU A 211 34.28 5.24 -1.25
CA LEU A 211 34.19 6.11 -0.08
C LEU A 211 35.57 6.37 0.51
N THR A 212 36.44 5.36 0.37
CA THR A 212 37.80 5.39 0.90
C THR A 212 38.57 6.58 0.33
N LEU A 213 38.25 6.96 -0.91
CA LEU A 213 39.11 7.81 -1.72
C LEU A 213 38.38 9.09 -2.11
N ALA A 214 37.16 9.28 -1.59
CA ALA A 214 36.39 10.50 -1.83
C ALA A 214 37.23 11.72 -1.44
N GLY A 215 37.39 12.63 -2.40
CA GLY A 215 38.04 13.91 -2.16
C GLY A 215 39.57 13.81 -2.14
N LYS A 216 40.11 12.66 -2.53
CA LYS A 216 41.55 12.53 -2.68
C LYS A 216 41.91 12.63 -4.16
N GLY A 217 40.94 13.04 -4.97
CA GLY A 217 41.09 13.05 -6.41
C GLY A 217 39.83 13.56 -7.10
N GLY A 218 39.93 13.77 -8.41
CA GLY A 218 38.89 14.43 -9.20
C GLY A 218 38.95 14.02 -10.66
N MET A 219 38.05 14.62 -11.46
CA MET A 219 38.03 14.42 -12.90
C MET A 219 37.73 15.76 -13.57
N ALA A 220 38.40 16.01 -14.70
CA ALA A 220 38.20 17.24 -15.44
C ALA A 220 37.87 16.92 -16.90
N ALA A 221 37.11 17.83 -17.52
CA ALA A 221 36.86 17.83 -18.96
C ALA A 221 37.80 18.83 -19.61
N VAL A 222 38.47 18.41 -20.69
CA VAL A 222 39.33 19.33 -21.42
C VAL A 222 39.06 19.17 -22.91
N SER A 223 39.11 20.29 -23.63
CA SER A 223 38.85 20.32 -25.06
C SER A 223 40.16 20.19 -25.83
N LEU A 224 40.71 18.97 -25.79
CA LEU A 224 41.94 18.62 -26.47
C LEU A 224 41.78 17.21 -27.05
N PRO A 225 42.34 16.93 -28.23
CA PRO A 225 42.46 15.56 -28.71
C PRO A 225 43.31 14.72 -27.77
N GLU A 226 42.90 13.46 -27.55
CA GLU A 226 43.54 12.55 -26.61
C GLU A 226 45.05 12.74 -26.62
N ALA A 227 45.64 12.83 -27.82
CA ALA A 227 47.09 12.77 -27.98
C ALA A 227 47.73 14.02 -27.38
N ARG A 228 47.07 15.17 -27.58
CA ARG A 228 47.54 16.44 -27.06
C ARG A 228 47.35 16.49 -25.54
N LEU A 229 46.32 15.81 -25.04
CA LEU A 229 46.12 15.67 -23.60
C LEU A 229 47.19 14.75 -23.02
N ARG A 230 47.52 13.68 -23.76
CA ARG A 230 48.53 12.74 -23.32
C ARG A 230 49.89 13.42 -23.27
N GLU A 231 50.18 14.28 -24.26
CA GLU A 231 51.42 15.06 -24.27
C GLU A 231 51.59 15.82 -22.96
N ARG A 232 50.48 16.38 -22.46
CA ARG A 232 50.52 17.41 -21.43
C ARG A 232 50.57 16.78 -20.04
N ILE A 233 50.19 15.51 -19.93
CA ILE A 233 50.07 14.90 -18.61
C ILE A 233 51.18 13.89 -18.40
N GLU A 234 52.08 13.72 -19.38
CA GLU A 234 53.26 12.88 -19.20
C GLU A 234 53.94 13.20 -17.87
N ARG A 235 54.20 14.50 -17.64
CA ARG A 235 55.14 14.91 -16.61
C ARG A 235 54.57 14.60 -15.23
N PHE A 236 53.27 14.28 -15.17
CA PHE A 236 52.60 13.98 -13.91
C PHE A 236 52.70 12.48 -13.61
N GLY A 237 53.10 11.70 -14.62
CA GLY A 237 53.11 10.25 -14.53
C GLY A 237 51.77 9.69 -14.05
N GLN A 238 51.83 8.85 -13.03
CA GLN A 238 50.67 8.13 -12.54
C GLN A 238 49.75 9.08 -11.76
N ARG A 239 50.17 10.34 -11.61
CA ARG A 239 49.39 11.29 -10.82
C ARG A 239 48.12 11.66 -11.59
N LEU A 240 48.22 11.66 -12.93
CA LEU A 240 47.08 11.91 -13.78
C LEU A 240 46.96 10.82 -14.85
N SER A 241 45.74 10.65 -15.36
CA SER A 241 45.42 9.63 -16.36
C SER A 241 44.39 10.20 -17.33
N VAL A 242 44.43 9.76 -18.58
CA VAL A 242 43.29 9.91 -19.48
C VAL A 242 42.13 9.10 -18.94
N ALA A 243 41.01 9.76 -18.64
CA ALA A 243 39.84 9.11 -18.07
C ALA A 243 38.83 8.76 -19.16
N ALA A 244 38.74 9.63 -20.19
CA ALA A 244 37.79 9.43 -21.27
C ALA A 244 38.30 10.09 -22.56
N VAL A 245 38.02 9.39 -23.67
CA VAL A 245 38.11 9.92 -25.02
C VAL A 245 36.69 10.05 -25.57
N ASN A 246 36.14 11.26 -25.64
CA ASN A 246 34.71 11.41 -25.92
C ASN A 246 34.48 11.86 -27.35
N SER A 247 35.48 12.49 -27.96
CA SER A 247 35.34 13.06 -29.28
C SER A 247 36.72 13.42 -29.80
N PRO A 248 36.90 13.60 -31.12
CA PRO A 248 38.10 14.26 -31.61
C PRO A 248 38.03 15.70 -31.14
N GLY A 249 38.92 16.08 -30.22
CA GLY A 249 38.89 17.44 -29.68
C GLY A 249 38.32 17.50 -28.26
N THR A 250 37.75 16.39 -27.78
CA THR A 250 37.18 16.34 -26.45
C THR A 250 37.70 15.10 -25.71
N ALA A 251 37.99 15.26 -24.42
CA ALA A 251 38.53 14.19 -23.59
C ALA A 251 38.33 14.54 -22.11
N ALA A 252 38.80 13.66 -21.21
CA ALA A 252 38.73 13.93 -19.77
C ALA A 252 40.00 13.45 -19.09
N VAL A 253 40.34 14.11 -17.97
CA VAL A 253 41.49 13.73 -17.16
C VAL A 253 41.04 13.53 -15.71
N ALA A 254 41.64 12.52 -15.05
CA ALA A 254 41.38 12.24 -13.64
C ALA A 254 42.69 11.98 -12.91
N GLY A 255 42.69 12.20 -11.59
CA GLY A 255 43.85 11.91 -10.76
C GLY A 255 43.88 12.79 -9.52
N ASP A 256 45.11 13.03 -9.01
CA ASP A 256 45.30 13.68 -7.72
C ASP A 256 44.94 15.16 -7.87
N VAL A 257 44.37 15.76 -6.83
CA VAL A 257 43.70 17.05 -6.99
C VAL A 257 44.76 18.13 -7.27
N ASP A 258 45.92 17.97 -6.65
CA ASP A 258 47.02 18.92 -6.83
C ASP A 258 47.43 18.94 -8.30
N ALA A 259 47.51 17.76 -8.91
CA ALA A 259 47.98 17.63 -10.28
C ALA A 259 46.95 18.21 -11.25
N LEU A 260 45.66 17.97 -10.98
CA LEU A 260 44.58 18.53 -11.80
C LEU A 260 44.64 20.04 -11.76
N ARG A 261 44.83 20.60 -10.56
CA ARG A 261 44.82 22.05 -10.37
C ARG A 261 45.91 22.68 -11.23
N GLU A 262 47.09 22.05 -11.24
CA GLU A 262 48.22 22.52 -12.03
C GLU A 262 47.87 22.49 -13.51
N LEU A 263 47.43 21.31 -13.97
CA LEU A 263 47.17 21.09 -15.38
C LEU A 263 46.13 22.08 -15.88
N LEU A 264 45.04 22.24 -15.13
CA LEU A 264 43.96 23.14 -15.53
C LEU A 264 44.45 24.60 -15.51
N ALA A 265 45.27 24.94 -14.51
CA ALA A 265 45.85 26.28 -14.41
C ALA A 265 46.68 26.56 -15.65
N GLU A 266 47.39 25.53 -16.13
CA GLU A 266 48.24 25.65 -17.31
C GLU A 266 47.35 25.82 -18.53
N LEU A 267 46.31 24.99 -18.62
CA LEU A 267 45.47 24.93 -19.82
C LEU A 267 44.67 26.22 -19.96
N THR A 268 44.17 26.74 -18.83
CA THR A 268 43.37 27.96 -18.86
C THR A 268 44.26 29.12 -19.31
N ALA A 269 45.48 29.16 -18.77
CA ALA A 269 46.46 30.18 -19.13
C ALA A 269 46.73 30.18 -20.63
N GLU A 270 46.57 29.02 -21.29
CA GLU A 270 46.84 28.93 -22.71
C GLU A 270 45.54 29.08 -23.50
N GLY A 271 44.41 29.21 -22.78
CA GLY A 271 43.13 29.47 -23.42
C GLY A 271 42.53 28.22 -24.03
N ILE A 272 42.89 27.06 -23.44
CA ILE A 272 42.25 25.79 -23.76
C ILE A 272 41.14 25.55 -22.75
N ARG A 273 39.92 25.29 -23.25
CA ARG A 273 38.78 25.03 -22.39
C ARG A 273 39.03 23.74 -21.61
N ALA A 274 39.12 23.88 -20.29
CA ALA A 274 39.21 22.74 -19.40
C ALA A 274 38.55 23.12 -18.08
N LYS A 275 37.62 22.29 -17.61
CA LYS A 275 36.87 22.55 -16.39
C LYS A 275 36.79 21.27 -15.55
N PRO A 276 36.75 21.37 -14.20
CA PRO A 276 36.37 20.25 -13.36
C PRO A 276 34.93 19.79 -13.64
N ILE A 277 34.73 18.48 -13.56
CA ILE A 277 33.42 17.87 -13.73
C ILE A 277 32.68 17.99 -12.41
N PRO A 278 31.71 18.90 -12.29
CA PRO A 278 31.04 19.10 -11.01
C PRO A 278 30.28 17.82 -10.63
N GLY A 279 30.19 17.57 -9.32
CA GLY A 279 29.49 16.41 -8.79
C GLY A 279 30.34 15.15 -8.85
N VAL A 280 31.66 15.32 -8.87
CA VAL A 280 32.58 14.20 -8.80
C VAL A 280 33.73 14.57 -7.85
N ASP A 281 33.88 13.80 -6.77
CA ASP A 281 34.98 13.94 -5.83
C ASP A 281 35.88 12.70 -5.84
N THR A 282 35.87 11.95 -6.95
CA THR A 282 36.71 10.75 -7.06
C THR A 282 37.39 10.71 -8.42
N ALA A 283 38.52 9.99 -8.49
CA ALA A 283 39.36 9.96 -9.67
C ALA A 283 39.17 8.63 -10.40
N GLY A 284 37.95 8.39 -10.88
CA GLY A 284 37.71 7.25 -11.74
C GLY A 284 38.72 7.21 -12.88
N HIS A 285 39.16 5.99 -13.23
CA HIS A 285 39.92 5.76 -14.45
C HIS A 285 41.31 6.37 -14.29
N SER A 286 41.83 6.27 -13.06
CA SER A 286 43.18 6.71 -12.73
C SER A 286 43.85 5.60 -11.93
N ALA A 287 45.11 5.81 -11.57
CA ALA A 287 45.88 4.78 -10.90
C ALA A 287 45.47 4.70 -9.44
N GLN A 288 44.64 5.66 -8.98
CA GLN A 288 44.08 5.58 -7.64
C GLN A 288 43.23 4.32 -7.54
N VAL A 289 42.64 3.88 -8.66
CA VAL A 289 41.74 2.74 -8.65
C VAL A 289 42.52 1.47 -8.35
N ASP A 290 43.84 1.46 -8.57
CA ASP A 290 44.65 0.27 -8.37
C ASP A 290 44.50 -0.24 -6.94
N GLY A 291 44.22 0.67 -6.00
CA GLY A 291 44.18 0.32 -4.59
C GLY A 291 42.83 -0.24 -4.15
N LEU A 292 41.84 -0.25 -5.05
CA LEU A 292 40.53 -0.82 -4.79
C LEU A 292 40.42 -2.24 -5.38
N LYS A 293 41.33 -2.57 -6.29
CA LYS A 293 41.21 -3.75 -7.15
C LYS A 293 40.97 -5.00 -6.29
N GLU A 294 41.83 -5.23 -5.29
CA GLU A 294 41.75 -6.45 -4.51
C GLU A 294 40.45 -6.45 -3.71
N HIS A 295 40.09 -5.28 -3.13
CA HIS A 295 38.88 -5.17 -2.35
C HIS A 295 37.65 -5.54 -3.18
N LEU A 296 37.68 -5.16 -4.46
CA LEU A 296 36.51 -5.27 -5.31
C LEU A 296 36.26 -6.73 -5.67
N PHE A 297 37.31 -7.43 -6.10
CA PHE A 297 37.18 -8.84 -6.46
C PHE A 297 36.67 -9.64 -5.27
N GLU A 298 37.06 -9.25 -4.04
CA GLU A 298 36.64 -9.94 -2.84
C GLU A 298 35.14 -9.74 -2.58
N VAL A 299 34.60 -8.57 -2.92
CA VAL A 299 33.24 -8.21 -2.54
C VAL A 299 32.31 -8.27 -3.75
N LEU A 300 32.82 -7.86 -4.92
CA LEU A 300 32.02 -7.81 -6.14
C LEU A 300 32.29 -9.06 -6.97
N ALA A 301 31.98 -10.22 -6.41
CA ALA A 301 31.92 -11.45 -7.18
C ALA A 301 31.07 -12.47 -6.41
N PRO A 302 30.46 -13.44 -7.11
CA PRO A 302 30.40 -13.48 -8.57
C PRO A 302 29.10 -12.94 -9.18
N VAL A 303 29.16 -12.49 -10.42
CA VAL A 303 27.98 -12.03 -11.14
C VAL A 303 27.66 -13.03 -12.25
N SER A 304 26.43 -12.95 -12.76
CA SER A 304 25.95 -13.91 -13.75
C SER A 304 25.58 -13.20 -15.05
N PRO A 305 26.56 -12.73 -15.84
CA PRO A 305 26.26 -11.99 -17.07
C PRO A 305 25.73 -12.95 -18.15
N ARG A 306 24.90 -12.41 -19.04
CA ARG A 306 24.16 -13.20 -20.06
C ARG A 306 24.17 -12.39 -21.34
N SER A 307 24.02 -13.05 -22.46
CA SER A 307 23.89 -12.41 -23.76
C SER A 307 22.70 -11.47 -23.74
N SER A 308 22.92 -10.25 -24.23
CA SER A 308 21.93 -9.19 -24.10
C SER A 308 20.90 -9.33 -25.21
N ASP A 309 19.71 -8.78 -24.95
CA ASP A 309 18.63 -8.74 -25.93
C ASP A 309 19.01 -7.75 -27.03
N ILE A 310 19.47 -6.55 -26.65
CA ILE A 310 19.89 -5.56 -27.63
C ILE A 310 21.38 -5.32 -27.50
N PRO A 311 22.05 -4.85 -28.57
CA PRO A 311 23.51 -4.73 -28.58
C PRO A 311 24.08 -3.74 -27.57
N PHE A 312 25.25 -4.10 -27.04
CA PHE A 312 25.98 -3.34 -26.06
C PHE A 312 27.33 -2.92 -26.64
N TYR A 313 27.46 -1.61 -26.91
CA TYR A 313 28.70 -1.03 -27.38
C TYR A 313 29.55 -0.61 -26.18
N SER A 314 30.54 -1.45 -25.87
CA SER A 314 31.40 -1.28 -24.71
C SER A 314 32.28 -0.04 -24.94
N THR A 315 32.39 0.78 -23.88
CA THR A 315 33.35 1.86 -23.86
C THR A 315 34.59 1.43 -23.06
N VAL A 316 34.66 0.16 -22.66
CA VAL A 316 35.95 -0.40 -22.28
C VAL A 316 36.71 -0.80 -23.54
N THR A 317 36.04 -1.51 -24.45
CA THR A 317 36.68 -2.01 -25.66
C THR A 317 36.51 -1.01 -26.81
N GLY A 318 35.37 -0.31 -26.81
CA GLY A 318 35.07 0.67 -27.84
C GLY A 318 34.29 0.03 -28.98
N ALA A 319 33.88 -1.21 -28.75
CA ALA A 319 33.22 -2.02 -29.76
C ALA A 319 32.00 -2.71 -29.18
N PRO A 320 31.09 -3.25 -30.03
CA PRO A 320 30.16 -4.29 -29.62
C PRO A 320 30.85 -5.49 -28.99
N LEU A 321 30.10 -6.20 -28.16
CA LEU A 321 30.64 -7.10 -27.16
C LEU A 321 29.56 -8.10 -26.81
N ASP A 322 29.91 -9.39 -26.71
CA ASP A 322 29.01 -10.36 -26.11
C ASP A 322 28.96 -10.10 -24.61
N THR A 323 27.78 -9.70 -24.12
CA THR A 323 27.62 -9.21 -22.75
C THR A 323 27.75 -10.35 -21.75
N GLU A 324 28.00 -11.56 -22.27
CA GLU A 324 28.29 -12.71 -21.42
C GLU A 324 29.56 -12.46 -20.61
N ARG A 325 30.39 -11.54 -21.11
CA ARG A 325 31.74 -11.35 -20.59
C ARG A 325 31.76 -10.18 -19.60
N LEU A 326 30.57 -9.76 -19.15
CA LEU A 326 30.41 -8.66 -18.23
C LEU A 326 30.51 -9.16 -16.79
N ASP A 327 31.61 -9.87 -16.50
CA ASP A 327 31.87 -10.43 -15.18
C ASP A 327 32.61 -9.40 -14.33
N ALA A 328 33.08 -9.83 -13.15
CA ALA A 328 33.64 -8.94 -12.16
C ALA A 328 34.83 -8.19 -12.74
N GLY A 329 35.68 -8.94 -13.45
CA GLY A 329 36.89 -8.41 -14.05
C GLY A 329 36.58 -7.32 -15.08
N TYR A 330 35.46 -7.48 -15.79
CA TYR A 330 34.97 -6.44 -16.67
C TYR A 330 34.68 -5.17 -15.86
N TRP A 331 33.97 -5.31 -14.74
CA TRP A 331 33.50 -4.15 -14.01
C TRP A 331 34.65 -3.42 -13.31
N TYR A 332 35.74 -4.14 -13.03
CA TYR A 332 36.95 -3.49 -12.58
C TYR A 332 37.60 -2.72 -13.73
N ARG A 333 37.62 -3.29 -14.93
CA ARG A 333 38.14 -2.59 -16.10
C ARG A 333 37.29 -1.35 -16.35
N ASN A 334 35.97 -1.47 -16.08
CA ASN A 334 35.06 -0.35 -16.24
C ASN A 334 35.49 0.78 -15.32
N MET A 335 36.04 0.45 -14.14
CA MET A 335 36.45 1.44 -13.16
C MET A 335 37.84 1.96 -13.53
N ARG A 336 38.73 1.05 -13.94
CA ARG A 336 40.15 1.34 -14.02
C ARG A 336 40.46 2.09 -15.32
N GLU A 337 39.88 1.64 -16.43
CA GLU A 337 40.46 1.94 -17.72
C GLU A 337 39.75 3.12 -18.38
N PRO A 338 40.32 3.65 -19.49
CA PRO A 338 39.80 4.82 -20.19
C PRO A 338 38.47 4.58 -20.88
N VAL A 339 37.56 5.56 -20.79
CA VAL A 339 36.27 5.42 -21.43
C VAL A 339 36.44 5.75 -22.90
N GLU A 340 36.28 4.74 -23.75
CA GLU A 340 36.48 4.88 -25.18
C GLU A 340 35.13 5.17 -25.84
N PHE A 341 34.58 6.33 -25.51
CA PHE A 341 33.23 6.69 -25.91
C PHE A 341 33.24 7.13 -27.38
N GLU A 342 34.33 7.75 -27.84
CA GLU A 342 34.43 8.12 -29.24
C GLU A 342 34.38 6.85 -30.09
N LYS A 343 35.18 5.84 -29.72
CA LYS A 343 35.29 4.61 -30.50
C LYS A 343 33.93 3.92 -30.57
N ALA A 344 33.22 3.88 -29.45
CA ALA A 344 31.93 3.22 -29.37
C ALA A 344 30.91 3.93 -30.25
N VAL A 345 30.99 5.26 -30.33
CA VAL A 345 30.03 6.05 -31.09
C VAL A 345 30.35 5.95 -32.57
N ARG A 346 31.64 5.81 -32.92
CA ARG A 346 32.09 5.61 -34.32
C ARG A 346 31.53 4.26 -34.79
N ALA A 347 31.61 3.27 -33.93
CA ALA A 347 31.12 1.94 -34.26
C ALA A 347 29.61 1.96 -34.46
N LEU A 348 28.89 2.66 -33.57
CA LEU A 348 27.45 2.81 -33.66
C LEU A 348 27.08 3.44 -35.01
N ILE A 349 27.77 4.53 -35.37
CA ILE A 349 27.46 5.28 -36.57
C ILE A 349 27.66 4.37 -37.80
N ALA A 350 28.76 3.60 -37.81
CA ALA A 350 29.13 2.83 -38.97
C ALA A 350 28.23 1.60 -39.09
N ASP A 351 27.41 1.35 -38.06
CA ASP A 351 26.45 0.25 -38.04
C ASP A 351 25.05 0.80 -38.25
N GLY A 352 24.92 2.12 -38.42
CA GLY A 352 23.71 2.73 -38.95
C GLY A 352 22.81 3.31 -37.86
N TYR A 353 23.40 3.75 -36.74
CA TYR A 353 22.63 4.43 -35.72
C TYR A 353 22.85 5.94 -35.88
N ASP A 354 21.76 6.69 -35.70
CA ASP A 354 21.76 8.10 -36.10
C ASP A 354 20.89 8.92 -35.17
N LEU A 355 20.31 8.26 -34.15
CA LEU A 355 19.59 8.95 -33.09
C LEU A 355 20.12 8.48 -31.74
N PHE A 356 20.71 9.41 -31.00
CA PHE A 356 21.31 9.13 -29.70
C PHE A 356 20.56 9.91 -28.62
N LEU A 357 19.99 9.17 -27.66
CA LEU A 357 19.22 9.75 -26.56
C LEU A 357 19.97 9.54 -25.25
N GLU A 358 20.37 10.65 -24.61
CA GLU A 358 20.85 10.63 -23.24
C GLU A 358 19.68 10.37 -22.29
N CYS A 359 19.68 9.19 -21.66
CA CYS A 359 18.59 8.74 -20.83
C CYS A 359 18.93 8.97 -19.36
N ASN A 360 18.89 10.24 -18.93
CA ASN A 360 19.47 10.62 -17.64
C ASN A 360 19.00 12.01 -17.21
N PRO A 361 19.31 12.44 -15.97
CA PRO A 361 18.67 13.63 -15.40
C PRO A 361 19.20 14.97 -15.92
N HIS A 362 20.32 14.93 -16.64
CA HIS A 362 20.91 16.12 -17.23
C HIS A 362 21.98 15.69 -18.24
N PRO A 363 22.02 16.28 -19.45
CA PRO A 363 22.90 15.81 -20.51
C PRO A 363 24.36 16.21 -20.29
N MET A 364 25.27 15.29 -20.58
CA MET A 364 26.67 15.41 -20.23
C MET A 364 27.51 15.31 -21.51
N LEU A 365 26.95 14.68 -22.54
CA LEU A 365 27.76 14.15 -23.63
C LEU A 365 27.29 14.70 -24.98
N ALA A 366 26.23 15.50 -24.95
CA ALA A 366 25.64 16.05 -26.16
C ALA A 366 26.72 16.60 -27.09
N MET A 367 27.53 17.53 -26.59
CA MET A 367 28.47 18.25 -27.44
C MET A 367 29.46 17.26 -28.06
N SER A 368 29.93 16.30 -27.25
CA SER A 368 30.90 15.32 -27.72
C SER A 368 30.27 14.44 -28.80
N LEU A 369 29.01 14.04 -28.60
CA LEU A 369 28.28 13.25 -29.56
C LEU A 369 28.19 14.00 -30.90
N ASP A 370 27.76 15.26 -30.85
CA ASP A 370 27.60 16.07 -32.05
C ASP A 370 28.93 16.17 -32.80
N GLU A 371 30.04 16.18 -32.05
CA GLU A 371 31.37 16.38 -32.61
C GLU A 371 31.81 15.14 -33.39
N THR A 372 31.62 13.96 -32.79
CA THR A 372 31.97 12.69 -33.42
C THR A 372 31.09 12.46 -34.64
N LEU A 373 29.82 12.89 -34.56
CA LEU A 373 28.87 12.74 -35.65
C LEU A 373 29.32 13.60 -36.83
N THR A 374 29.64 14.86 -36.54
CA THR A 374 30.12 15.80 -37.55
C THR A 374 31.39 15.25 -38.20
N ASP A 375 32.25 14.62 -37.41
CA ASP A 375 33.55 14.17 -37.89
C ASP A 375 33.43 12.88 -38.69
N SER A 376 32.33 12.15 -38.50
CA SER A 376 32.08 10.93 -39.25
C SER A 376 31.52 11.27 -40.63
N GLY A 377 31.05 12.50 -40.80
CA GLY A 377 30.40 12.93 -42.03
C GLY A 377 28.88 12.75 -41.97
N GLY A 378 28.43 11.50 -42.15
CA GLY A 378 27.02 11.17 -42.10
C GLY A 378 26.42 11.49 -40.74
N HIS A 379 25.24 12.11 -40.74
CA HIS A 379 24.75 12.84 -39.58
C HIS A 379 23.57 12.11 -38.96
N GLY A 380 23.17 12.57 -37.77
CA GLY A 380 22.02 12.07 -37.04
C GLY A 380 21.60 13.06 -35.96
N THR A 381 20.85 12.60 -34.95
CA THR A 381 20.26 13.50 -33.98
C THR A 381 20.68 13.12 -32.56
N VAL A 382 20.78 14.14 -31.70
CA VAL A 382 21.13 14.00 -30.30
C VAL A 382 20.00 14.59 -29.46
N MET A 383 19.51 13.81 -28.49
CA MET A 383 18.48 14.27 -27.58
C MET A 383 18.89 14.01 -26.14
N HIS A 384 18.10 14.63 -25.24
CA HIS A 384 18.20 14.41 -23.80
C HIS A 384 16.82 14.01 -23.28
N THR A 385 16.76 13.66 -21.98
CA THR A 385 15.49 13.42 -21.29
C THR A 385 15.21 14.61 -20.37
N LEU A 386 15.86 14.65 -19.21
CA LEU A 386 15.68 15.77 -18.29
C LEU A 386 16.92 16.67 -18.33
N ARG A 387 16.72 17.89 -17.83
CA ARG A 387 17.81 18.80 -17.53
C ARG A 387 17.65 19.21 -16.08
N ARG A 388 18.75 19.70 -15.49
CA ARG A 388 18.73 20.36 -14.20
C ARG A 388 17.58 21.36 -14.15
N GLN A 389 16.69 21.17 -13.17
CA GLN A 389 15.55 22.04 -12.90
C GLN A 389 14.49 21.89 -14.00
N LYS A 390 14.59 20.83 -14.80
CA LYS A 390 13.62 20.60 -15.86
C LYS A 390 13.29 19.10 -15.94
N GLY A 391 12.70 18.58 -14.86
CA GLY A 391 12.38 17.16 -14.78
C GLY A 391 10.89 16.90 -14.56
N SER A 392 10.05 17.83 -15.03
CA SER A 392 8.61 17.73 -14.84
C SER A 392 8.00 16.82 -15.92
N ALA A 393 6.75 16.42 -15.70
CA ALA A 393 6.01 15.62 -16.67
C ALA A 393 5.94 16.37 -17.99
N LYS A 394 5.71 17.69 -17.92
CA LYS A 394 5.70 18.54 -19.10
C LYS A 394 7.05 18.42 -19.80
N ASP A 395 8.13 18.39 -19.02
CA ASP A 395 9.47 18.45 -19.57
C ASP A 395 9.76 17.17 -20.34
N PHE A 396 9.23 16.05 -19.85
CA PHE A 396 9.38 14.76 -20.50
C PHE A 396 8.46 14.73 -21.72
N GLY A 397 7.27 15.30 -21.56
CA GLY A 397 6.38 15.58 -22.68
C GLY A 397 7.10 16.26 -23.84
N MET A 398 7.83 17.34 -23.52
CA MET A 398 8.63 18.06 -24.50
C MET A 398 9.58 17.08 -25.20
N ALA A 399 10.15 16.16 -24.40
CA ALA A 399 11.10 15.19 -24.92
C ALA A 399 10.42 14.21 -25.86
N LEU A 400 9.23 13.73 -25.47
CA LEU A 400 8.40 12.88 -26.32
C LEU A 400 8.14 13.57 -27.66
N CYS A 401 7.70 14.83 -27.61
CA CYS A 401 7.42 15.58 -28.82
C CYS A 401 8.62 15.52 -29.75
N LEU A 402 9.82 15.80 -29.21
CA LEU A 402 11.03 15.80 -30.01
C LEU A 402 11.33 14.38 -30.51
N ALA A 403 10.95 13.37 -29.72
CA ALA A 403 11.12 11.99 -30.13
C ALA A 403 10.20 11.70 -31.32
N TYR A 404 8.89 11.95 -31.14
CA TYR A 404 7.91 11.77 -32.20
C TYR A 404 8.37 12.48 -33.47
N VAL A 405 8.81 13.73 -33.29
CA VAL A 405 9.06 14.64 -34.39
C VAL A 405 10.31 14.21 -35.15
N ASN A 406 11.15 13.37 -34.52
CA ASN A 406 12.37 12.86 -35.13
C ASN A 406 12.16 11.46 -35.70
N GLY A 407 10.93 10.95 -35.62
CA GLY A 407 10.54 9.78 -36.40
C GLY A 407 10.21 8.57 -35.52
N LEU A 408 10.41 8.71 -34.21
CA LEU A 408 10.00 7.71 -33.24
C LEU A 408 8.49 7.72 -33.08
N GLU A 409 7.95 6.59 -32.58
CA GLU A 409 6.50 6.41 -32.45
C GLU A 409 6.13 6.33 -30.97
N ILE A 410 5.09 7.08 -30.60
CA ILE A 410 4.59 7.16 -29.24
C ILE A 410 3.38 6.23 -29.07
N ASP A 411 3.21 5.69 -27.86
CA ASP A 411 2.06 4.87 -27.52
C ASP A 411 1.04 5.74 -26.78
N GLY A 412 -0.04 6.10 -27.48
CA GLY A 412 -1.06 7.01 -26.96
C GLY A 412 -1.82 6.41 -25.78
N GLU A 413 -1.94 5.09 -25.79
CA GLU A 413 -2.57 4.35 -24.70
C GLU A 413 -1.84 4.62 -23.39
N ALA A 414 -0.54 4.93 -23.49
CA ALA A 414 0.30 5.15 -22.33
C ALA A 414 0.18 6.58 -21.80
N LEU A 415 0.34 7.58 -22.68
CA LEU A 415 0.37 8.96 -22.23
C LEU A 415 -1.04 9.55 -22.20
N PHE A 416 -2.07 8.73 -22.47
CA PHE A 416 -3.44 9.19 -22.34
C PHE A 416 -4.28 8.14 -21.59
N VAL B 1 57.37 -19.64 5.76
CA VAL B 1 57.63 -21.02 6.28
C VAL B 1 56.83 -21.22 7.56
N PRO B 2 55.90 -22.21 7.61
CA PRO B 2 55.25 -22.59 8.86
C PRO B 2 56.25 -23.18 9.85
N LEU B 3 56.24 -22.65 11.08
CA LEU B 3 56.94 -23.28 12.19
C LEU B 3 55.92 -23.77 13.22
N LEU B 4 55.63 -25.07 13.15
CA LEU B 4 54.66 -25.73 14.01
C LEU B 4 55.33 -26.07 15.34
N LEU B 5 54.62 -25.80 16.45
CA LEU B 5 55.17 -25.97 17.77
C LEU B 5 54.14 -26.65 18.67
N SER B 6 54.59 -27.71 19.37
CA SER B 6 53.70 -28.54 20.18
C SER B 6 54.32 -28.80 21.55
N GLY B 7 53.47 -28.78 22.58
CA GLY B 7 53.85 -29.22 23.92
C GLY B 7 52.65 -29.81 24.66
N THR B 9 51.90 -29.19 27.62
CA THR B 9 51.34 -28.10 28.42
C THR B 9 51.60 -26.77 27.72
N GLU B 10 51.00 -25.71 28.26
CA GLU B 10 51.21 -24.36 27.75
C GLU B 10 52.67 -23.95 27.92
N ALA B 11 53.25 -24.30 29.08
CA ALA B 11 54.62 -23.91 29.40
C ALA B 11 55.60 -24.63 28.49
N ALA B 12 55.29 -25.88 28.16
CA ALA B 12 56.15 -26.70 27.32
C ALA B 12 56.26 -26.08 25.93
N LEU B 13 55.13 -25.58 25.44
CA LEU B 13 55.03 -24.88 24.17
C LEU B 13 55.88 -23.61 24.21
N ARG B 14 55.88 -22.94 25.38
CA ARG B 14 56.56 -21.66 25.52
C ARG B 14 58.07 -21.85 25.44
N GLU B 15 58.62 -22.89 26.08
CA GLU B 15 60.06 -23.14 25.98
C GLU B 15 60.40 -23.63 24.58
N GLN B 16 59.50 -24.40 23.95
CA GLN B 16 59.71 -24.88 22.60
C GLN B 16 60.02 -23.68 21.70
N SER B 17 59.34 -22.56 21.97
CA SER B 17 59.48 -21.34 21.19
C SER B 17 60.85 -20.71 21.42
N THR B 18 61.28 -20.66 22.68
CA THR B 18 62.54 -20.03 23.06
C THR B 18 63.71 -20.75 22.38
N PHE B 46 51.46 -32.44 20.37
CA PHE B 46 50.73 -32.63 21.60
C PHE B 46 49.48 -31.75 21.58
N GLY B 47 48.80 -31.64 22.72
CA GLY B 47 47.45 -31.09 22.77
C GLY B 47 47.45 -29.56 22.70
N HIS B 48 48.53 -28.94 23.20
CA HIS B 48 48.72 -27.50 23.13
C HIS B 48 49.61 -27.18 21.94
N ARG B 49 49.03 -26.48 20.94
CA ARG B 49 49.68 -26.27 19.66
C ARG B 49 49.64 -24.78 19.30
N ALA B 50 50.64 -24.35 18.52
CA ALA B 50 50.68 -23.01 17.95
C ALA B 50 51.38 -23.06 16.60
N ALA B 51 51.06 -22.10 15.72
CA ALA B 51 51.73 -21.97 14.44
C ALA B 51 52.22 -20.54 14.26
N VAL B 52 53.54 -20.41 14.05
CA VAL B 52 54.16 -19.11 13.79
C VAL B 52 54.46 -19.03 12.30
N ILE B 53 53.99 -17.94 11.65
CA ILE B 53 54.34 -17.68 10.26
C ILE B 53 55.02 -16.32 10.18
N ALA B 66 57.04 -13.66 21.19
CA ALA B 66 55.69 -13.41 21.67
C ALA B 66 55.13 -14.65 22.35
N LEU B 67 55.13 -15.78 21.65
CA LEU B 67 54.54 -17.02 22.16
C LEU B 67 55.29 -17.49 23.40
N ALA B 68 56.63 -17.44 23.33
CA ALA B 68 57.47 -17.80 24.45
C ALA B 68 57.03 -17.04 25.70
N GLU B 69 56.50 -15.82 25.51
CA GLU B 69 56.19 -14.91 26.59
C GLU B 69 54.67 -14.86 26.81
N GLY B 70 53.93 -15.75 26.14
CA GLY B 70 52.53 -15.97 26.41
C GLY B 70 51.65 -14.81 25.94
N ARG B 71 52.12 -14.05 24.95
CA ARG B 71 51.41 -12.86 24.49
C ARG B 71 51.02 -13.02 23.02
N GLU B 72 49.88 -12.42 22.67
CA GLU B 72 49.24 -12.63 21.38
C GLU B 72 50.03 -11.90 20.29
N HIS B 73 49.71 -12.21 19.03
CA HIS B 73 50.43 -11.73 17.86
C HIS B 73 49.70 -12.23 16.61
N HIS B 74 49.81 -11.47 15.51
CA HIS B 74 49.00 -11.73 14.33
C HIS B 74 49.52 -12.93 13.57
N THR B 75 50.85 -13.14 13.57
CA THR B 75 51.47 -14.20 12.80
C THR B 75 51.55 -15.49 13.61
N VAL B 76 50.75 -15.57 14.68
CA VAL B 76 50.72 -16.73 15.56
C VAL B 76 49.29 -17.26 15.63
N VAL B 77 49.10 -18.52 15.25
CA VAL B 77 47.78 -19.14 15.22
C VAL B 77 47.64 -20.08 16.41
N ARG B 78 46.57 -19.86 17.19
CA ARG B 78 46.11 -20.83 18.17
C ARG B 78 44.72 -21.30 17.76
N GLY B 79 44.20 -22.32 18.46
CA GLY B 79 42.94 -22.94 18.08
C GLY B 79 41.95 -22.99 19.25
N ASP B 80 40.99 -23.91 19.14
CA ASP B 80 39.84 -23.95 20.04
C ASP B 80 40.20 -24.72 21.30
N GLY B 81 39.30 -24.72 22.28
CA GLY B 81 39.44 -25.56 23.46
C GLY B 81 39.57 -27.02 23.07
N THR B 82 38.68 -27.46 22.17
CA THR B 82 38.80 -28.74 21.49
C THR B 82 40.11 -28.78 20.72
N ALA B 83 41.02 -29.69 21.11
CA ALA B 83 42.28 -29.86 20.42
C ALA B 83 42.81 -31.27 20.60
N HIS B 84 41.89 -32.22 20.83
CA HIS B 84 42.24 -33.64 20.80
C HIS B 84 43.29 -33.88 19.71
N PRO B 85 44.49 -34.39 20.06
CA PRO B 85 45.46 -34.78 19.03
C PRO B 85 44.95 -35.94 18.16
N ASP B 86 43.71 -36.38 18.41
CA ASP B 86 43.07 -37.39 17.58
C ASP B 86 41.68 -36.91 17.17
N ARG B 87 41.61 -35.79 16.48
CA ARG B 87 40.34 -35.15 16.16
C ARG B 87 39.92 -35.52 14.75
N ARG B 88 38.60 -35.65 14.51
CA ARG B 88 38.08 -36.10 13.25
C ARG B 88 37.44 -34.94 12.47
N VAL B 89 37.72 -34.87 11.16
CA VAL B 89 37.25 -33.78 10.31
C VAL B 89 36.03 -34.26 9.55
N VAL B 90 35.00 -33.41 9.47
CA VAL B 90 33.97 -33.53 8.44
C VAL B 90 34.31 -32.56 7.29
N PHE B 91 34.57 -33.10 6.10
CA PHE B 91 34.68 -32.30 4.89
C PHE B 91 33.28 -31.93 4.43
N VAL B 92 33.03 -30.62 4.27
CA VAL B 92 31.74 -30.11 3.85
C VAL B 92 31.83 -29.65 2.40
N PHE B 93 30.81 -29.98 1.61
CA PHE B 93 30.81 -29.71 0.18
C PHE B 93 29.61 -28.83 -0.15
N PRO B 94 29.80 -27.49 -0.15
CA PRO B 94 28.72 -26.56 -0.42
C PRO B 94 28.33 -26.66 -1.88
N GLY B 95 27.30 -25.93 -2.28
CA GLY B 95 26.90 -25.85 -3.67
C GLY B 95 27.40 -24.57 -4.32
N GLN B 96 26.55 -23.99 -5.18
CA GLN B 96 26.98 -23.00 -6.14
C GLN B 96 27.13 -21.65 -5.45
N GLY B 97 28.03 -20.79 -5.97
CA GLY B 97 28.15 -19.42 -5.52
C GLY B 97 29.48 -19.14 -4.81
N SER B 98 30.37 -20.14 -4.84
CA SER B 98 31.70 -20.07 -4.25
C SER B 98 32.75 -19.75 -5.31
N GLN B 99 32.36 -19.81 -6.60
CA GLN B 99 33.30 -19.65 -7.69
C GLN B 99 33.88 -18.23 -7.65
N TRP B 100 35.17 -18.11 -8.02
CA TRP B 100 35.74 -16.84 -8.44
C TRP B 100 36.85 -17.10 -9.46
N PRO B 101 37.14 -16.15 -10.38
CA PRO B 101 37.81 -16.44 -11.64
C PRO B 101 39.22 -17.03 -11.56
N SER B 102 39.99 -16.67 -10.52
CA SER B 102 41.37 -17.09 -10.40
C SER B 102 41.55 -18.12 -9.28
N MET B 103 40.44 -18.68 -8.80
CA MET B 103 40.42 -19.54 -7.62
C MET B 103 41.43 -20.68 -7.72
N ALA B 104 41.73 -21.11 -8.95
CA ALA B 104 42.52 -22.30 -9.19
C ALA B 104 43.96 -21.98 -9.59
N ARG B 105 44.23 -20.72 -9.94
CA ARG B 105 45.37 -20.38 -10.78
C ARG B 105 46.67 -20.78 -10.10
N ASP B 106 46.83 -20.38 -8.83
CA ASP B 106 48.09 -20.59 -8.12
C ASP B 106 48.25 -22.08 -7.81
N LEU B 107 47.20 -22.69 -7.26
CA LEU B 107 47.27 -24.09 -6.88
C LEU B 107 47.66 -24.95 -8.09
N LEU B 108 47.29 -24.51 -9.30
CA LEU B 108 47.59 -25.30 -10.48
C LEU B 108 49.09 -25.27 -10.74
N ASP B 109 49.75 -24.18 -10.30
CA ASP B 109 51.19 -24.03 -10.48
C ASP B 109 51.94 -24.76 -9.35
N ARG B 110 51.37 -24.76 -8.14
CA ARG B 110 52.15 -24.96 -6.92
C ARG B 110 51.77 -26.25 -6.21
N ALA B 111 50.63 -26.86 -6.54
CA ALA B 111 50.16 -28.02 -5.80
C ALA B 111 49.98 -29.20 -6.76
N PRO B 112 50.95 -30.16 -6.77
CA PRO B 112 50.90 -31.29 -7.69
C PRO B 112 49.59 -32.06 -7.59
N ALA B 113 49.14 -32.29 -6.35
CA ALA B 113 47.97 -33.11 -6.06
C ALA B 113 46.71 -32.40 -6.56
N PHE B 114 46.64 -31.08 -6.34
CA PHE B 114 45.62 -30.24 -6.96
C PHE B 114 45.60 -30.51 -8.46
N ARG B 115 46.75 -30.32 -9.11
CA ARG B 115 46.82 -30.28 -10.57
C ARG B 115 46.43 -31.63 -11.16
N GLU B 116 46.77 -32.72 -10.45
CA GLU B 116 46.57 -34.04 -11.00
C GLU B 116 45.09 -34.44 -10.92
N THR B 117 44.42 -34.12 -9.81
CA THR B 117 42.99 -34.35 -9.73
C THR B 117 42.23 -33.48 -10.74
N ALA B 118 42.78 -32.31 -11.08
CA ALA B 118 42.12 -31.41 -12.02
C ALA B 118 42.31 -31.92 -13.44
N LYS B 119 43.48 -32.49 -13.74
CA LYS B 119 43.71 -33.09 -15.04
C LYS B 119 42.78 -34.29 -15.21
N ALA B 120 42.51 -35.00 -14.10
CA ALA B 120 41.70 -36.21 -14.11
C ALA B 120 40.22 -35.85 -14.26
N CYS B 121 39.78 -34.84 -13.51
CA CYS B 121 38.42 -34.33 -13.62
C CYS B 121 38.13 -33.84 -15.03
N ASP B 122 39.11 -33.12 -15.62
CA ASP B 122 39.00 -32.59 -16.96
C ASP B 122 38.83 -33.74 -17.95
N ALA B 123 39.67 -34.79 -17.80
CA ALA B 123 39.70 -35.92 -18.71
C ALA B 123 38.33 -36.60 -18.71
N ALA B 124 37.84 -36.91 -17.50
CA ALA B 124 36.56 -37.57 -17.30
C ALA B 124 35.42 -36.74 -17.88
N LEU B 125 35.49 -35.42 -17.69
CA LEU B 125 34.39 -34.52 -18.08
C LEU B 125 34.42 -34.28 -19.59
N SER B 126 35.61 -34.34 -20.20
CA SER B 126 35.78 -34.01 -21.61
C SER B 126 34.93 -34.95 -22.47
N VAL B 127 34.78 -36.18 -21.99
CA VAL B 127 33.99 -37.20 -22.65
C VAL B 127 32.59 -36.66 -22.99
N HIS B 128 32.08 -35.77 -22.14
CA HIS B 128 30.70 -35.32 -22.23
C HIS B 128 30.60 -33.88 -22.74
N LEU B 129 31.67 -33.09 -22.57
CA LEU B 129 31.59 -31.67 -22.89
C LEU B 129 32.47 -31.34 -24.09
N ASP B 130 32.07 -30.31 -24.85
CA ASP B 130 32.86 -29.82 -25.96
C ASP B 130 33.80 -28.69 -25.50
N TRP B 131 33.95 -28.52 -24.17
CA TRP B 131 34.92 -27.56 -23.64
C TRP B 131 35.76 -28.21 -22.54
N SER B 132 36.85 -27.50 -22.16
CA SER B 132 37.83 -27.97 -21.21
C SER B 132 37.75 -27.17 -19.90
N VAL B 133 37.55 -27.90 -18.80
CA VAL B 133 37.50 -27.35 -17.45
C VAL B 133 38.84 -26.70 -17.11
N LEU B 134 39.95 -27.34 -17.50
CA LEU B 134 41.27 -26.79 -17.27
C LEU B 134 41.35 -25.39 -17.89
N ASP B 135 40.82 -25.26 -19.12
CA ASP B 135 40.89 -24.01 -19.86
C ASP B 135 40.23 -22.89 -19.05
N VAL B 136 39.14 -23.23 -18.35
CA VAL B 136 38.39 -22.25 -17.58
C VAL B 136 39.17 -21.92 -16.30
N LEU B 137 39.75 -22.97 -15.70
CA LEU B 137 40.48 -22.83 -14.45
C LEU B 137 41.71 -21.94 -14.65
N GLN B 138 42.30 -21.99 -15.85
CA GLN B 138 43.48 -21.18 -16.13
C GLN B 138 43.09 -20.00 -17.02
N GLU B 139 41.79 -19.68 -17.06
CA GLU B 139 41.26 -18.43 -17.58
C GLU B 139 41.75 -18.19 -19.01
N LYS B 140 41.80 -19.26 -19.82
CA LYS B 140 42.19 -19.10 -21.21
C LYS B 140 41.14 -18.23 -21.91
N PRO B 141 41.55 -17.41 -22.89
CA PRO B 141 40.67 -16.38 -23.43
C PRO B 141 39.39 -16.91 -24.08
N ASP B 142 39.53 -17.96 -24.89
CA ASP B 142 38.42 -18.45 -25.68
C ASP B 142 37.74 -19.59 -24.93
N ALA B 143 38.06 -19.72 -23.65
CA ALA B 143 37.36 -20.63 -22.77
C ALA B 143 35.94 -20.14 -22.52
N PRO B 144 35.01 -21.03 -22.15
CA PRO B 144 33.63 -20.62 -21.83
C PRO B 144 33.53 -19.77 -20.57
N PRO B 145 32.50 -18.90 -20.48
CA PRO B 145 32.24 -18.14 -19.26
C PRO B 145 31.92 -19.00 -18.04
N LEU B 146 32.62 -18.70 -16.94
CA LEU B 146 32.49 -19.38 -15.67
C LEU B 146 31.06 -19.27 -15.13
N SER B 147 30.31 -18.28 -15.61
CA SER B 147 29.04 -17.91 -15.02
C SER B 147 27.92 -18.78 -15.58
N ARG B 148 28.13 -19.29 -16.79
CA ARG B 148 27.18 -20.21 -17.41
C ARG B 148 27.05 -21.46 -16.52
N VAL B 149 25.80 -21.87 -16.27
CA VAL B 149 25.43 -22.82 -15.23
C VAL B 149 25.95 -24.21 -15.63
N ASP B 150 26.03 -24.46 -16.93
CA ASP B 150 26.59 -25.71 -17.41
C ASP B 150 28.11 -25.68 -17.27
N VAL B 151 28.68 -24.50 -16.95
CA VAL B 151 30.12 -24.36 -16.78
C VAL B 151 30.49 -24.36 -15.31
N VAL B 152 29.69 -23.67 -14.50
CA VAL B 152 30.05 -23.44 -13.11
C VAL B 152 30.02 -24.77 -12.36
N GLN B 153 29.06 -25.64 -12.68
CA GLN B 153 28.82 -26.79 -11.84
C GLN B 153 29.91 -27.85 -12.06
N PRO B 154 30.34 -28.14 -13.32
CA PRO B 154 31.48 -29.03 -13.53
C PRO B 154 32.79 -28.45 -13.01
N VAL B 155 32.93 -27.12 -13.09
CA VAL B 155 34.17 -26.49 -12.66
C VAL B 155 34.27 -26.52 -11.14
N LEU B 156 33.18 -26.20 -10.44
CA LEU B 156 33.17 -26.23 -8.98
C LEU B 156 33.37 -27.67 -8.48
N PHE B 157 32.81 -28.63 -9.21
CA PHE B 157 33.02 -30.03 -8.90
C PHE B 157 34.52 -30.35 -8.98
N THR B 158 35.17 -29.91 -10.06
CA THR B 158 36.60 -30.15 -10.20
C THR B 158 37.34 -29.49 -9.04
N MET B 159 36.94 -28.26 -8.68
CA MET B 159 37.57 -27.51 -7.60
C MET B 159 37.55 -28.32 -6.31
N MET B 160 36.36 -28.83 -5.95
CA MET B 160 36.14 -29.34 -4.61
C MET B 160 36.84 -30.69 -4.45
N LEU B 161 36.96 -31.43 -5.56
CA LEU B 161 37.69 -32.68 -5.60
C LEU B 161 39.19 -32.42 -5.57
N SER B 162 39.62 -31.43 -6.36
CA SER B 162 41.04 -31.10 -6.44
C SER B 162 41.55 -30.54 -5.12
N LEU B 163 40.67 -29.84 -4.38
CA LEU B 163 41.02 -29.29 -3.08
C LEU B 163 41.03 -30.40 -2.03
N ALA B 164 40.10 -31.35 -2.14
CA ALA B 164 40.07 -32.48 -1.24
C ALA B 164 41.35 -33.30 -1.38
N ALA B 165 41.79 -33.51 -2.63
CA ALA B 165 42.99 -34.27 -2.92
C ALA B 165 44.21 -33.53 -2.34
N CYS B 166 44.17 -32.21 -2.43
CA CYS B 166 45.23 -31.37 -1.90
C CYS B 166 45.37 -31.61 -0.40
N TRP B 167 44.23 -31.59 0.31
CA TRP B 167 44.19 -31.81 1.74
C TRP B 167 44.75 -33.18 2.11
N ARG B 168 44.28 -34.23 1.44
CA ARG B 168 44.65 -35.60 1.79
C ARG B 168 46.15 -35.80 1.57
N ASP B 169 46.70 -35.18 0.52
CA ASP B 169 48.12 -35.22 0.23
C ASP B 169 48.91 -34.61 1.39
N LEU B 170 48.37 -33.55 2.00
CA LEU B 170 49.01 -32.89 3.13
C LEU B 170 48.56 -33.54 4.43
N GLY B 171 47.98 -34.75 4.32
CA GLY B 171 47.87 -35.64 5.46
C GLY B 171 46.52 -35.51 6.18
N VAL B 172 45.65 -34.62 5.71
CA VAL B 172 44.34 -34.47 6.32
C VAL B 172 43.30 -35.23 5.51
N HIS B 173 42.65 -36.20 6.18
CA HIS B 173 41.77 -37.16 5.53
C HIS B 173 40.39 -37.04 6.16
N PRO B 174 39.31 -37.16 5.36
CA PRO B 174 37.95 -37.04 5.87
C PRO B 174 37.53 -38.26 6.68
N ALA B 175 36.86 -38.02 7.81
CA ALA B 175 36.25 -39.08 8.58
C ALA B 175 34.75 -39.10 8.30
N ALA B 176 34.29 -38.13 7.49
CA ALA B 176 32.90 -38.04 7.07
C ALA B 176 32.75 -36.92 6.05
N VAL B 177 31.69 -36.98 5.23
CA VAL B 177 31.42 -35.91 4.28
C VAL B 177 29.94 -35.54 4.34
N VAL B 178 29.67 -34.25 4.11
CA VAL B 178 28.32 -33.75 3.97
C VAL B 178 28.32 -32.75 2.82
N GLY B 179 27.29 -32.82 1.96
CA GLY B 179 27.23 -32.01 0.76
C GLY B 179 25.94 -31.21 0.70
N HIS B 180 26.04 -29.98 0.18
CA HIS B 180 24.89 -29.07 0.08
C HIS B 180 24.52 -28.89 -1.39
N SER B 181 23.32 -29.34 -1.75
CA SER B 181 22.85 -29.25 -3.13
C SER B 181 23.83 -30.00 -4.03
N GLN B 182 24.32 -29.35 -5.09
CA GLN B 182 25.16 -29.99 -6.10
C GLN B 182 26.45 -30.53 -5.51
N GLY B 183 26.83 -29.99 -4.35
CA GLY B 183 28.03 -30.43 -3.64
C GLY B 183 27.95 -31.89 -3.18
N GLU B 184 26.72 -32.42 -3.10
CA GLU B 184 26.51 -33.81 -2.73
C GLU B 184 27.20 -34.73 -3.73
N ILE B 185 27.43 -34.24 -4.97
CA ILE B 185 28.10 -35.01 -6.02
C ILE B 185 29.59 -35.16 -5.70
N ALA B 186 30.26 -34.04 -5.44
CA ALA B 186 31.66 -34.08 -5.03
C ALA B 186 31.80 -34.96 -3.80
N ALA B 187 30.85 -34.83 -2.86
CA ALA B 187 30.89 -35.53 -1.57
C ALA B 187 30.85 -37.05 -1.80
N ALA B 188 29.95 -37.47 -2.69
CA ALA B 188 29.81 -38.87 -3.07
C ALA B 188 31.09 -39.41 -3.70
N CYS B 189 31.78 -38.57 -4.51
CA CYS B 189 33.01 -38.99 -5.16
C CYS B 189 34.14 -39.06 -4.14
N VAL B 190 34.32 -38.01 -3.33
CA VAL B 190 35.36 -38.03 -2.31
C VAL B 190 35.12 -39.20 -1.36
N ALA B 191 33.86 -39.60 -1.15
CA ALA B 191 33.54 -40.57 -0.11
C ALA B 191 33.59 -41.99 -0.67
N GLY B 192 33.71 -42.12 -2.00
CA GLY B 192 33.87 -43.42 -2.64
C GLY B 192 32.56 -44.00 -3.16
N ALA B 193 31.47 -43.22 -3.06
CA ALA B 193 30.14 -43.71 -3.38
C ALA B 193 29.94 -43.75 -4.89
N LEU B 194 30.45 -42.73 -5.59
CA LEU B 194 30.45 -42.71 -7.04
C LEU B 194 31.89 -42.84 -7.54
N SER B 195 32.05 -43.39 -8.74
CA SER B 195 33.28 -43.25 -9.49
C SER B 195 33.42 -41.81 -10.01
N LEU B 196 34.64 -41.45 -10.42
CA LEU B 196 34.87 -40.18 -11.08
C LEU B 196 34.05 -40.12 -12.37
N GLU B 197 33.86 -41.28 -13.00
CA GLU B 197 33.15 -41.34 -14.28
C GLU B 197 31.69 -41.00 -14.06
N ASP B 198 31.09 -41.56 -12.99
CA ASP B 198 29.66 -41.39 -12.78
C ASP B 198 29.40 -39.98 -12.23
N ALA B 199 30.32 -39.46 -11.42
CA ALA B 199 30.17 -38.12 -10.87
C ALA B 199 30.29 -37.09 -12.00
N ALA B 200 31.30 -37.25 -12.84
CA ALA B 200 31.47 -36.35 -13.97
C ALA B 200 30.18 -36.31 -14.78
N ARG B 201 29.68 -37.50 -15.15
CA ARG B 201 28.51 -37.61 -16.00
C ARG B 201 27.34 -36.88 -15.35
N ILE B 202 27.14 -37.09 -14.04
CA ILE B 202 25.98 -36.53 -13.38
C ILE B 202 26.07 -35.01 -13.41
N VAL B 203 27.21 -34.43 -12.99
CA VAL B 203 27.31 -32.99 -12.87
C VAL B 203 27.18 -32.38 -14.27
N ALA B 204 27.78 -33.03 -15.26
CA ALA B 204 27.82 -32.48 -16.61
C ALA B 204 26.40 -32.39 -17.19
N LEU B 205 25.64 -33.48 -17.05
CA LEU B 205 24.38 -33.62 -17.75
C LEU B 205 23.28 -32.88 -16.99
N ARG B 206 23.39 -32.85 -15.66
CA ARG B 206 22.42 -32.16 -14.83
C ARG B 206 22.62 -30.65 -14.97
N SER B 207 23.87 -30.21 -15.23
CA SER B 207 24.14 -28.79 -15.41
C SER B 207 23.70 -28.33 -16.80
N ARG B 208 23.81 -29.22 -17.80
CA ARG B 208 23.40 -28.87 -19.16
C ARG B 208 21.88 -28.86 -19.27
N ALA B 209 21.22 -29.58 -18.35
CA ALA B 209 19.77 -29.58 -18.27
C ALA B 209 19.28 -28.22 -17.77
N TRP B 210 20.09 -27.58 -16.92
CA TRP B 210 19.70 -26.33 -16.27
C TRP B 210 19.78 -25.16 -17.25
N LEU B 211 20.73 -25.23 -18.19
CA LEU B 211 20.90 -24.21 -19.22
C LEU B 211 19.53 -23.76 -19.75
N THR B 212 18.57 -24.68 -19.77
CA THR B 212 17.26 -24.41 -20.34
C THR B 212 16.55 -23.31 -19.54
N LEU B 213 16.77 -23.28 -18.22
CA LEU B 213 16.02 -22.41 -17.32
C LEU B 213 16.95 -21.42 -16.62
N ALA B 214 18.10 -21.13 -17.26
CA ALA B 214 19.04 -20.15 -16.73
C ALA B 214 18.46 -18.74 -16.91
N GLY B 215 18.26 -18.04 -15.80
CA GLY B 215 17.76 -16.67 -15.81
C GLY B 215 16.23 -16.60 -15.77
N LYS B 216 15.57 -17.74 -15.54
CA LYS B 216 14.12 -17.76 -15.36
C LYS B 216 13.79 -17.97 -13.88
N GLY B 217 14.85 -18.06 -13.06
CA GLY B 217 14.68 -18.13 -11.62
C GLY B 217 16.00 -17.85 -10.90
N GLY B 218 15.95 -17.98 -9.57
CA GLY B 218 17.12 -17.77 -8.73
C GLY B 218 16.88 -18.36 -7.34
N MET B 219 17.73 -17.93 -6.40
CA MET B 219 17.69 -18.43 -5.03
C MET B 219 18.11 -17.28 -4.10
N ALA B 220 17.54 -17.24 -2.89
CA ALA B 220 17.96 -16.27 -1.90
C ALA B 220 18.17 -16.95 -0.55
N ALA B 221 19.15 -16.46 0.20
CA ALA B 221 19.28 -16.76 1.61
C ALA B 221 18.37 -15.81 2.40
N VAL B 222 17.62 -16.36 3.36
CA VAL B 222 16.85 -15.57 4.30
C VAL B 222 17.18 -16.01 5.72
N SER B 223 17.24 -15.07 6.66
CA SER B 223 17.40 -15.41 8.07
C SER B 223 16.03 -15.52 8.75
N LEU B 224 15.30 -16.58 8.43
CA LEU B 224 14.11 -16.97 9.16
C LEU B 224 14.19 -18.48 9.41
N PRO B 225 13.56 -19.01 10.48
CA PRO B 225 13.38 -20.46 10.63
C PRO B 225 12.55 -21.04 9.50
N GLU B 226 12.69 -22.36 9.28
CA GLU B 226 11.99 -23.01 8.18
C GLU B 226 10.50 -22.68 8.24
N ALA B 227 9.92 -22.75 9.44
CA ALA B 227 8.47 -22.68 9.62
C ALA B 227 7.96 -21.28 9.29
N ARG B 228 8.76 -20.26 9.63
CA ARG B 228 8.34 -18.88 9.44
C ARG B 228 8.45 -18.50 7.96
N LEU B 229 9.42 -19.10 7.25
CA LEU B 229 9.59 -18.87 5.82
C LEU B 229 8.47 -19.56 5.05
N ARG B 230 8.06 -20.74 5.52
CA ARG B 230 7.00 -21.50 4.88
C ARG B 230 5.69 -20.72 4.99
N GLU B 231 5.51 -20.00 6.10
CA GLU B 231 4.33 -19.17 6.32
C GLU B 231 4.30 -18.03 5.29
N ARG B 232 5.49 -17.60 4.85
CA ARG B 232 5.63 -16.35 4.13
C ARG B 232 5.60 -16.57 2.61
N ILE B 233 5.78 -17.83 2.19
CA ILE B 233 5.84 -18.15 0.77
C ILE B 233 4.60 -18.94 0.37
N GLU B 234 3.67 -19.17 1.31
CA GLU B 234 2.45 -19.91 1.02
C GLU B 234 1.67 -19.20 -0.10
N ARG B 235 1.67 -17.87 -0.08
CA ARG B 235 0.80 -17.11 -0.97
C ARG B 235 1.37 -17.08 -2.38
N PHE B 236 2.60 -17.59 -2.54
CA PHE B 236 3.23 -17.62 -3.85
C PHE B 236 2.99 -18.97 -4.51
N GLY B 237 2.41 -19.92 -3.76
CA GLY B 237 2.15 -21.25 -4.26
C GLY B 237 3.40 -21.89 -4.84
N GLN B 238 3.27 -22.49 -6.03
CA GLN B 238 4.34 -23.25 -6.64
C GLN B 238 5.46 -22.31 -7.09
N ARG B 239 5.27 -20.99 -6.96
CA ARG B 239 6.18 -20.03 -7.57
C ARG B 239 7.48 -19.96 -6.79
N LEU B 240 7.40 -20.08 -5.45
CA LEU B 240 8.58 -20.14 -4.60
C LEU B 240 8.58 -21.46 -3.84
N SER B 241 9.76 -21.88 -3.37
CA SER B 241 9.87 -23.10 -2.56
C SER B 241 10.98 -22.94 -1.53
N VAL B 242 10.92 -23.74 -0.46
CA VAL B 242 12.04 -23.88 0.45
C VAL B 242 13.15 -24.65 -0.26
N ALA B 243 14.35 -24.05 -0.32
CA ALA B 243 15.44 -24.58 -1.12
C ALA B 243 16.47 -25.26 -0.23
N ALA B 244 16.53 -24.80 1.03
CA ALA B 244 17.45 -25.34 2.02
C ALA B 244 17.05 -24.85 3.41
N VAL B 245 17.14 -25.76 4.39
CA VAL B 245 17.05 -25.45 5.81
C VAL B 245 18.45 -25.63 6.38
N ASN B 246 19.18 -24.53 6.63
CA ASN B 246 20.61 -24.63 6.86
C ASN B 246 20.95 -24.48 8.34
N SER B 247 20.02 -23.95 9.13
CA SER B 247 20.24 -23.66 10.54
C SER B 247 18.89 -23.41 11.21
N PRO B 248 18.85 -23.34 12.55
CA PRO B 248 17.61 -22.99 13.26
C PRO B 248 16.99 -21.67 12.83
N GLY B 249 17.81 -20.68 12.42
CA GLY B 249 17.26 -19.42 11.93
C GLY B 249 17.76 -19.06 10.54
N THR B 250 18.25 -20.05 9.77
CA THR B 250 18.79 -19.80 8.45
C THR B 250 18.16 -20.78 7.47
N ALA B 251 17.63 -20.24 6.36
CA ALA B 251 17.03 -21.05 5.31
C ALA B 251 17.34 -20.43 3.94
N ALA B 252 16.91 -21.11 2.87
CA ALA B 252 17.03 -20.57 1.53
C ALA B 252 15.74 -20.80 0.77
N VAL B 253 15.53 -19.98 -0.27
CA VAL B 253 14.29 -19.94 -1.03
C VAL B 253 14.63 -19.81 -2.52
N ALA B 254 13.89 -20.54 -3.37
CA ALA B 254 14.14 -20.56 -4.80
C ALA B 254 12.82 -20.45 -5.54
N GLY B 255 12.92 -20.07 -6.82
CA GLY B 255 11.75 -20.02 -7.70
C GLY B 255 11.78 -18.79 -8.61
N ASP B 256 10.59 -18.25 -8.90
CA ASP B 256 10.43 -17.32 -10.02
C ASP B 256 11.08 -15.99 -9.62
N VAL B 257 11.73 -15.34 -10.60
CA VAL B 257 12.54 -14.16 -10.33
C VAL B 257 11.65 -13.08 -9.71
N ASP B 258 10.43 -12.93 -10.25
CA ASP B 258 9.54 -11.85 -9.85
C ASP B 258 9.02 -12.12 -8.44
N ALA B 259 8.82 -13.41 -8.13
CA ALA B 259 8.27 -13.82 -6.84
C ALA B 259 9.32 -13.65 -5.74
N LEU B 260 10.59 -13.90 -6.05
CA LEU B 260 11.68 -13.65 -5.12
C LEU B 260 11.80 -12.14 -4.87
N ARG B 261 11.77 -11.39 -5.97
CA ARG B 261 11.91 -9.91 -5.93
C ARG B 261 10.89 -9.35 -4.92
N GLU B 262 9.62 -9.80 -4.95
CA GLU B 262 8.57 -9.34 -4.04
C GLU B 262 8.90 -9.76 -2.61
N LEU B 263 9.13 -11.06 -2.40
CA LEU B 263 9.36 -11.59 -1.06
C LEU B 263 10.52 -10.86 -0.41
N LEU B 264 11.64 -10.71 -1.12
CA LEU B 264 12.83 -10.11 -0.55
C LEU B 264 12.58 -8.64 -0.19
N ALA B 265 11.69 -7.98 -0.94
CA ALA B 265 11.26 -6.63 -0.63
C ALA B 265 10.45 -6.63 0.67
N GLU B 266 9.52 -7.59 0.79
CA GLU B 266 8.67 -7.71 1.97
C GLU B 266 9.55 -7.95 3.18
N LEU B 267 10.62 -8.74 3.00
CA LEU B 267 11.45 -9.16 4.11
C LEU B 267 12.38 -8.02 4.54
N THR B 268 13.00 -7.34 3.57
CA THR B 268 13.97 -6.31 3.89
C THR B 268 13.29 -5.14 4.60
N ALA B 269 12.06 -4.83 4.16
CA ALA B 269 11.26 -3.76 4.75
C ALA B 269 10.91 -4.09 6.20
N GLU B 270 10.78 -5.39 6.53
CA GLU B 270 10.50 -5.82 7.89
C GLU B 270 11.80 -6.03 8.65
N GLY B 271 12.93 -5.70 8.01
CA GLY B 271 14.23 -5.72 8.67
C GLY B 271 14.76 -7.13 8.85
N ILE B 272 14.30 -8.07 8.01
CA ILE B 272 14.81 -9.43 8.00
C ILE B 272 15.88 -9.56 6.92
N ARG B 273 17.04 -10.13 7.29
CA ARG B 273 18.14 -10.31 6.37
C ARG B 273 17.76 -11.33 5.31
N ALA B 274 17.73 -10.87 4.05
CA ALA B 274 17.40 -11.70 2.91
C ALA B 274 18.12 -11.16 1.68
N LYS B 275 19.03 -11.97 1.13
CA LYS B 275 19.89 -11.54 0.04
C LYS B 275 19.78 -12.57 -1.07
N PRO B 276 19.80 -12.17 -2.35
CA PRO B 276 20.02 -13.11 -3.44
C PRO B 276 21.35 -13.84 -3.21
N ILE B 277 21.39 -15.12 -3.57
CA ILE B 277 22.64 -15.84 -3.59
C ILE B 277 23.35 -15.52 -4.90
N PRO B 278 24.49 -14.80 -4.86
CA PRO B 278 25.14 -14.37 -6.09
C PRO B 278 25.81 -15.55 -6.77
N GLY B 279 25.88 -15.51 -8.09
CA GLY B 279 26.48 -16.58 -8.88
C GLY B 279 25.54 -17.76 -9.09
N VAL B 280 24.23 -17.51 -8.98
CA VAL B 280 23.20 -18.50 -9.23
C VAL B 280 22.07 -17.87 -10.05
N ASP B 281 21.84 -18.41 -11.25
CA ASP B 281 20.84 -17.91 -12.18
C ASP B 281 19.76 -18.96 -12.44
N THR B 282 19.58 -19.90 -11.49
CA THR B 282 18.67 -21.02 -11.65
C THR B 282 17.96 -21.26 -10.32
N ALA B 283 16.71 -21.73 -10.40
CA ALA B 283 15.88 -21.93 -9.22
C ALA B 283 15.92 -23.41 -8.84
N GLY B 284 17.06 -23.82 -8.30
CA GLY B 284 17.22 -25.19 -7.81
C GLY B 284 16.30 -25.42 -6.61
N HIS B 285 15.79 -26.65 -6.49
CA HIS B 285 14.97 -27.01 -5.34
C HIS B 285 13.66 -26.24 -5.44
N SER B 286 13.11 -26.22 -6.66
CA SER B 286 11.83 -25.56 -6.92
C SER B 286 11.06 -26.38 -7.94
N ALA B 287 9.85 -25.93 -8.26
CA ALA B 287 9.00 -26.67 -9.18
C ALA B 287 9.48 -26.47 -10.61
N GLN B 288 10.38 -25.51 -10.81
CA GLN B 288 11.00 -25.33 -12.12
C GLN B 288 11.72 -26.62 -12.52
N VAL B 289 12.06 -27.45 -11.52
CA VAL B 289 12.85 -28.65 -11.75
C VAL B 289 11.97 -29.78 -12.28
N ASP B 290 10.65 -29.73 -12.01
CA ASP B 290 9.71 -30.72 -12.54
C ASP B 290 9.89 -30.82 -14.05
N GLY B 291 10.19 -29.69 -14.70
CA GLY B 291 10.28 -29.62 -16.13
C GLY B 291 11.52 -30.33 -16.70
N LEU B 292 12.47 -30.71 -15.84
CA LEU B 292 13.68 -31.37 -16.31
C LEU B 292 13.59 -32.88 -16.05
N LYS B 293 12.58 -33.29 -15.28
CA LYS B 293 12.60 -34.59 -14.64
C LYS B 293 12.78 -35.66 -15.70
N GLU B 294 11.99 -35.59 -16.78
CA GLU B 294 11.92 -36.67 -17.75
C GLU B 294 13.20 -36.68 -18.59
N HIS B 295 13.67 -35.48 -18.95
CA HIS B 295 14.92 -35.35 -19.70
C HIS B 295 16.07 -35.90 -18.88
N LEU B 296 16.02 -35.67 -17.56
CA LEU B 296 17.11 -36.06 -16.70
C LEU B 296 17.20 -37.58 -16.63
N PHE B 297 16.07 -38.26 -16.41
CA PHE B 297 16.07 -39.71 -16.32
C PHE B 297 16.48 -40.32 -17.66
N GLU B 298 16.32 -39.56 -18.75
CA GLU B 298 16.69 -39.99 -20.09
C GLU B 298 18.21 -39.97 -20.31
N VAL B 299 18.95 -39.29 -19.42
CA VAL B 299 20.36 -39.01 -19.66
C VAL B 299 21.19 -39.49 -18.47
N LEU B 300 20.80 -39.09 -17.25
CA LEU B 300 21.60 -39.34 -16.06
C LEU B 300 21.84 -40.84 -15.91
N ALA B 301 20.76 -41.61 -16.12
CA ALA B 301 20.78 -43.03 -15.85
C ALA B 301 21.62 -43.74 -16.92
N PRO B 302 22.07 -44.98 -16.66
CA PRO B 302 22.07 -45.55 -15.31
C PRO B 302 23.42 -45.40 -14.59
N VAL B 303 23.37 -45.04 -13.31
CA VAL B 303 24.60 -44.90 -12.53
C VAL B 303 24.82 -46.14 -11.69
N SER B 304 26.07 -46.33 -11.26
CA SER B 304 26.46 -47.49 -10.48
C SER B 304 26.92 -47.07 -9.08
N PRO B 305 26.01 -46.61 -8.19
CA PRO B 305 26.40 -46.25 -6.82
C PRO B 305 26.92 -47.48 -6.07
N ARG B 306 27.78 -47.22 -5.08
CA ARG B 306 28.30 -48.24 -4.20
C ARG B 306 28.38 -47.67 -2.79
N SER B 307 28.29 -48.56 -1.78
CA SER B 307 28.56 -48.24 -0.39
C SER B 307 29.88 -47.47 -0.27
N SER B 308 29.86 -46.43 0.56
CA SER B 308 30.95 -45.47 0.63
C SER B 308 32.14 -46.08 1.36
N ASP B 309 33.32 -45.50 1.16
CA ASP B 309 34.49 -45.83 1.97
C ASP B 309 34.45 -45.06 3.29
N ILE B 310 33.79 -43.88 3.30
CA ILE B 310 33.66 -43.08 4.50
C ILE B 310 32.21 -42.58 4.62
N PRO B 311 31.73 -42.30 5.85
CA PRO B 311 30.30 -42.04 6.07
C PRO B 311 29.82 -40.80 5.32
N PHE B 312 28.67 -40.98 4.66
CA PHE B 312 28.00 -39.97 3.86
C PHE B 312 26.74 -39.51 4.59
N TYR B 313 26.70 -38.23 4.98
CA TYR B 313 25.50 -37.65 5.55
C TYR B 313 24.71 -36.94 4.45
N SER B 314 23.59 -37.55 4.04
CA SER B 314 22.77 -37.04 2.96
C SER B 314 22.00 -35.81 3.42
N THR B 315 21.90 -34.81 2.55
CA THR B 315 21.08 -33.64 2.82
C THR B 315 19.77 -33.74 2.05
N VAL B 316 19.57 -34.85 1.34
CA VAL B 316 18.24 -35.19 0.88
C VAL B 316 17.45 -35.82 2.02
N THR B 317 18.08 -36.75 2.75
CA THR B 317 17.44 -37.45 3.85
C THR B 317 17.66 -36.71 5.16
N GLY B 318 18.87 -36.15 5.32
CA GLY B 318 19.26 -35.48 6.54
C GLY B 318 19.93 -36.44 7.52
N ALA B 319 20.28 -37.64 7.03
CA ALA B 319 20.83 -38.68 7.87
C ALA B 319 22.00 -39.36 7.17
N PRO B 320 22.81 -40.13 7.93
CA PRO B 320 23.67 -41.15 7.34
C PRO B 320 22.90 -42.02 6.35
N LEU B 321 23.62 -42.51 5.33
CA LEU B 321 22.99 -43.13 4.18
C LEU B 321 23.95 -44.16 3.59
N ASP B 322 23.42 -45.34 3.28
CA ASP B 322 24.13 -46.34 2.49
C ASP B 322 24.10 -45.86 1.04
N THR B 323 25.27 -45.49 0.51
CA THR B 323 25.41 -44.77 -0.74
C THR B 323 25.26 -45.72 -1.94
N GLU B 324 24.83 -46.96 -1.64
CA GLU B 324 24.36 -47.90 -2.64
C GLU B 324 23.12 -47.37 -3.35
N ARG B 325 22.38 -46.49 -2.66
CA ARG B 325 21.08 -46.02 -3.10
C ARG B 325 21.20 -44.69 -3.86
N LEU B 326 22.43 -44.31 -4.21
CA LEU B 326 22.69 -43.01 -4.83
C LEU B 326 22.52 -43.10 -6.34
N ASP B 327 21.33 -43.54 -6.77
CA ASP B 327 21.05 -43.81 -8.17
C ASP B 327 20.45 -42.56 -8.80
N ALA B 328 19.97 -42.68 -10.04
CA ALA B 328 19.43 -41.54 -10.76
C ALA B 328 18.34 -40.86 -9.94
N GLY B 329 17.37 -41.65 -9.46
CA GLY B 329 16.27 -41.14 -8.65
C GLY B 329 16.74 -40.22 -7.53
N TYR B 330 17.83 -40.61 -6.86
CA TYR B 330 18.36 -39.83 -5.74
C TYR B 330 18.85 -38.49 -6.26
N TRP B 331 19.56 -38.52 -7.39
CA TRP B 331 20.19 -37.31 -7.92
C TRP B 331 19.15 -36.33 -8.46
N TYR B 332 17.97 -36.83 -8.83
CA TYR B 332 16.84 -35.97 -9.15
C TYR B 332 16.25 -35.38 -7.86
N ARG B 333 16.08 -36.21 -6.83
CA ARG B 333 15.66 -35.74 -5.52
C ARG B 333 16.65 -34.69 -5.00
N ASN B 334 17.94 -34.94 -5.24
CA ASN B 334 18.97 -33.99 -4.89
C ASN B 334 18.65 -32.63 -5.52
N MET B 335 18.23 -32.65 -6.79
CA MET B 335 17.92 -31.44 -7.54
C MET B 335 16.63 -30.83 -7.01
N ARG B 336 15.64 -31.69 -6.74
CA ARG B 336 14.25 -31.25 -6.64
C ARG B 336 13.98 -30.72 -5.24
N GLU B 337 14.44 -31.44 -4.21
CA GLU B 337 13.85 -31.34 -2.88
C GLU B 337 14.70 -30.44 -1.99
N PRO B 338 14.18 -30.04 -0.81
CA PRO B 338 14.86 -29.06 0.04
C PRO B 338 16.14 -29.65 0.63
N VAL B 339 17.22 -28.87 0.66
CA VAL B 339 18.47 -29.35 1.22
C VAL B 339 18.34 -29.34 2.75
N GLU B 340 18.49 -30.51 3.37
CA GLU B 340 18.32 -30.65 4.81
C GLU B 340 19.68 -30.64 5.49
N PHE B 341 20.35 -29.49 5.44
CA PHE B 341 21.70 -29.32 5.98
C PHE B 341 21.68 -29.35 7.50
N GLU B 342 20.68 -28.70 8.11
CA GLU B 342 20.61 -28.63 9.56
C GLU B 342 20.51 -30.05 10.11
N LYS B 343 19.63 -30.87 9.53
CA LYS B 343 19.35 -32.21 10.05
C LYS B 343 20.60 -33.09 9.92
N ALA B 344 21.35 -32.90 8.83
CA ALA B 344 22.59 -33.63 8.60
C ALA B 344 23.66 -33.20 9.61
N VAL B 345 23.72 -31.90 9.91
CA VAL B 345 24.75 -31.41 10.81
C VAL B 345 24.43 -31.86 12.23
N ARG B 346 23.14 -31.87 12.58
CA ARG B 346 22.71 -32.34 13.89
C ARG B 346 23.05 -33.81 14.05
N ALA B 347 22.95 -34.56 12.95
CA ALA B 347 23.27 -35.98 12.94
C ALA B 347 24.78 -36.17 13.15
N LEU B 348 25.58 -35.28 12.55
CA LEU B 348 27.03 -35.34 12.68
C LEU B 348 27.44 -35.04 14.11
N ILE B 349 26.81 -34.03 14.72
CA ILE B 349 27.09 -33.63 16.08
C ILE B 349 26.69 -34.75 17.04
N ALA B 350 25.51 -35.34 16.80
CA ALA B 350 25.01 -36.44 17.60
C ALA B 350 25.97 -37.63 17.55
N ASP B 351 26.72 -37.76 16.45
CA ASP B 351 27.65 -38.85 16.26
C ASP B 351 29.07 -38.40 16.61
N GLY B 352 29.19 -37.21 17.19
CA GLY B 352 30.42 -36.84 17.91
C GLY B 352 31.38 -35.96 17.09
N TYR B 353 31.04 -35.65 15.83
CA TYR B 353 31.94 -34.90 14.97
C TYR B 353 31.95 -33.43 15.42
N ASP B 354 33.13 -32.81 15.46
CA ASP B 354 33.28 -31.51 16.10
C ASP B 354 34.20 -30.58 15.30
N LEU B 355 34.74 -31.06 14.16
CA LEU B 355 35.53 -30.22 13.27
C LEU B 355 34.98 -30.32 11.86
N PHE B 356 34.63 -29.17 11.27
CA PHE B 356 34.00 -29.08 9.96
C PHE B 356 34.86 -28.24 9.02
N LEU B 357 35.13 -28.77 7.82
CA LEU B 357 35.98 -28.09 6.85
C LEU B 357 35.21 -27.90 5.55
N GLU B 358 34.87 -26.63 5.23
CA GLU B 358 34.37 -26.31 3.90
C GLU B 358 35.52 -26.48 2.91
N CYS B 359 35.40 -27.54 2.10
CA CYS B 359 36.44 -27.93 1.16
C CYS B 359 36.18 -27.31 -0.21
N ASN B 360 36.32 -25.97 -0.33
CA ASN B 360 35.81 -25.27 -1.50
C ASN B 360 36.49 -23.91 -1.66
N PRO B 361 36.19 -23.16 -2.74
CA PRO B 361 36.88 -21.90 -3.02
C PRO B 361 36.48 -20.71 -2.13
N HIS B 362 35.30 -20.81 -1.50
CA HIS B 362 34.84 -19.75 -0.63
C HIS B 362 33.78 -20.30 0.32
N PRO B 363 33.89 -19.99 1.63
CA PRO B 363 33.00 -20.59 2.64
C PRO B 363 31.58 -20.04 2.49
N MET B 364 30.62 -20.94 2.36
CA MET B 364 29.25 -20.59 2.06
C MET B 364 28.39 -20.81 3.31
N LEU B 365 28.83 -21.69 4.21
CA LEU B 365 27.90 -22.31 5.15
C LEU B 365 28.40 -22.16 6.59
N ALA B 366 29.55 -21.50 6.77
CA ALA B 366 30.18 -21.43 8.09
C ALA B 366 29.18 -20.90 9.11
N MET B 367 28.47 -19.83 8.75
CA MET B 367 27.61 -19.12 9.68
C MET B 367 26.52 -20.06 10.18
N SER B 368 25.92 -20.81 9.25
CA SER B 368 24.79 -21.69 9.51
C SER B 368 25.24 -22.86 10.38
N LEU B 369 26.44 -23.36 10.07
CA LEU B 369 27.08 -24.42 10.84
C LEU B 369 27.24 -23.95 12.29
N ASP B 370 27.84 -22.77 12.47
CA ASP B 370 28.13 -22.26 13.80
C ASP B 370 26.83 -22.13 14.59
N GLU B 371 25.76 -21.69 13.91
CA GLU B 371 24.46 -21.58 14.56
C GLU B 371 24.02 -22.91 15.13
N THR B 372 24.02 -23.95 14.27
CA THR B 372 23.47 -25.25 14.61
C THR B 372 24.27 -25.85 15.78
N LEU B 373 25.57 -25.60 15.78
CA LEU B 373 26.46 -26.03 16.86
C LEU B 373 26.03 -25.35 18.17
N THR B 374 25.94 -24.01 18.15
CA THR B 374 25.48 -23.24 19.29
C THR B 374 24.18 -23.83 19.82
N ASP B 375 23.19 -23.98 18.92
CA ASP B 375 21.85 -24.40 19.31
C ASP B 375 21.88 -25.82 19.90
N SER B 376 22.88 -26.62 19.51
CA SER B 376 22.94 -28.02 19.88
C SER B 376 23.60 -28.18 21.26
N GLY B 377 24.24 -27.10 21.75
CA GLY B 377 24.89 -27.12 23.04
C GLY B 377 26.37 -27.45 22.92
N GLY B 378 26.66 -28.75 22.74
CA GLY B 378 28.02 -29.20 22.50
C GLY B 378 28.65 -28.43 21.34
N HIS B 379 29.88 -27.94 21.54
CA HIS B 379 30.48 -27.00 20.61
C HIS B 379 31.60 -27.68 19.82
N GLY B 380 31.89 -27.11 18.64
CA GLY B 380 33.00 -27.50 17.80
C GLY B 380 33.43 -26.35 16.88
N THR B 381 34.22 -26.68 15.85
CA THR B 381 34.94 -25.69 15.05
C THR B 381 34.59 -25.82 13.57
N VAL B 382 34.65 -24.69 12.87
CA VAL B 382 34.41 -24.58 11.44
C VAL B 382 35.62 -23.93 10.78
N MET B 383 36.15 -24.54 9.71
CA MET B 383 37.25 -23.96 8.96
C MET B 383 36.89 -23.80 7.48
N HIS B 384 37.87 -23.35 6.70
CA HIS B 384 37.70 -23.09 5.28
C HIS B 384 38.99 -23.45 4.56
N THR B 385 38.95 -23.45 3.22
CA THR B 385 40.12 -23.76 2.42
C THR B 385 40.64 -22.49 1.75
N LEU B 386 39.94 -22.05 0.71
CA LEU B 386 40.25 -20.78 0.06
C LEU B 386 39.12 -19.81 0.36
N ARG B 387 39.42 -18.51 0.22
CA ARG B 387 38.40 -17.49 0.15
C ARG B 387 38.59 -16.73 -1.15
N ARG B 388 37.51 -16.06 -1.60
CA ARG B 388 37.57 -15.18 -2.76
C ARG B 388 38.83 -14.30 -2.65
N GLN B 389 39.69 -14.39 -3.68
CA GLN B 389 40.93 -13.63 -3.78
C GLN B 389 42.00 -14.16 -2.82
N LYS B 390 41.73 -15.29 -2.15
CA LYS B 390 42.67 -15.82 -1.17
C LYS B 390 42.82 -17.32 -1.37
N GLY B 391 43.41 -17.69 -2.51
CA GLY B 391 43.52 -19.08 -2.93
C GLY B 391 44.94 -19.42 -3.37
N SER B 392 45.90 -18.67 -2.80
CA SER B 392 47.33 -18.92 -2.96
C SER B 392 47.74 -20.17 -2.18
N ALA B 393 48.91 -20.71 -2.55
CA ALA B 393 49.57 -21.78 -1.82
C ALA B 393 49.75 -21.40 -0.35
N LYS B 394 50.19 -20.17 -0.10
CA LYS B 394 50.34 -19.64 1.25
C LYS B 394 49.01 -19.72 2.00
N ASP B 395 47.92 -19.34 1.32
CA ASP B 395 46.62 -19.20 1.95
C ASP B 395 46.13 -20.57 2.43
N PHE B 396 46.56 -21.61 1.71
CA PHE B 396 46.22 -22.98 2.04
C PHE B 396 47.11 -23.45 3.19
N GLY B 397 48.36 -22.98 3.17
CA GLY B 397 49.29 -23.22 4.27
C GLY B 397 48.75 -22.63 5.57
N MET B 398 48.09 -21.48 5.47
CA MET B 398 47.44 -20.85 6.60
C MET B 398 46.28 -21.73 7.07
N ALA B 399 45.55 -22.31 6.12
CA ALA B 399 44.44 -23.19 6.42
C ALA B 399 44.97 -24.50 6.98
N LEU B 400 46.13 -24.93 6.48
CA LEU B 400 46.79 -26.14 6.95
C LEU B 400 47.33 -25.92 8.37
N CYS B 401 47.71 -24.67 8.67
CA CYS B 401 48.20 -24.31 9.99
C CYS B 401 47.07 -24.33 11.00
N LEU B 402 45.91 -23.78 10.62
CA LEU B 402 44.73 -23.79 11.48
C LEU B 402 44.32 -25.24 11.75
N ALA B 403 44.58 -26.13 10.78
CA ALA B 403 44.25 -27.53 10.91
C ALA B 403 45.18 -28.19 11.93
N TYR B 404 46.49 -27.96 11.77
CA TYR B 404 47.46 -28.39 12.75
C TYR B 404 46.99 -27.97 14.14
N VAL B 405 46.61 -26.71 14.27
CA VAL B 405 46.38 -26.08 15.55
C VAL B 405 45.08 -26.62 16.16
N ASN B 406 44.20 -27.15 15.31
CA ASN B 406 42.93 -27.68 15.79
C ASN B 406 43.09 -29.15 16.14
N GLY B 407 44.27 -29.70 15.85
CA GLY B 407 44.69 -30.98 16.39
C GLY B 407 44.97 -32.01 15.29
N LEU B 408 44.83 -31.58 14.03
CA LEU B 408 44.99 -32.48 12.90
C LEU B 408 46.48 -32.66 12.63
N GLU B 409 46.83 -33.70 11.87
CA GLU B 409 48.21 -34.06 11.65
C GLU B 409 48.63 -33.66 10.24
N ILE B 410 49.78 -32.96 10.13
CA ILE B 410 50.29 -32.48 8.86
C ILE B 410 51.37 -33.43 8.34
N ASP B 411 51.53 -33.45 7.01
CA ASP B 411 52.59 -34.21 6.36
C ASP B 411 53.68 -33.23 5.92
N GLY B 412 54.73 -33.10 6.76
CA GLY B 412 55.88 -32.27 6.47
C GLY B 412 56.58 -32.67 5.18
N GLU B 413 56.49 -33.96 4.84
CA GLU B 413 57.02 -34.50 3.59
C GLU B 413 56.33 -33.82 2.40
N ALA B 414 55.10 -33.34 2.60
CA ALA B 414 54.29 -32.78 1.53
C ALA B 414 54.57 -31.29 1.36
N LEU B 415 54.62 -30.54 2.47
CA LEU B 415 54.83 -29.10 2.41
C LEU B 415 56.32 -28.77 2.62
N VAL C 1 -6.70 -0.25 58.92
CA VAL C 1 -5.99 0.93 59.50
C VAL C 1 -4.57 0.97 58.94
N PRO C 2 -4.15 2.07 58.28
CA PRO C 2 -2.76 2.25 57.87
C PRO C 2 -1.90 2.63 59.07
N LEU C 3 -0.85 1.85 59.31
CA LEU C 3 0.12 2.15 60.36
C LEU C 3 1.46 2.49 59.69
N LEU C 4 1.85 3.77 59.81
CA LEU C 4 2.98 4.32 59.08
C LEU C 4 4.18 4.41 60.01
N LEU C 5 5.33 3.92 59.54
CA LEU C 5 6.45 3.58 60.39
C LEU C 5 7.76 4.06 59.76
N SER C 6 8.57 4.77 60.56
CA SER C 6 9.79 5.41 60.08
C SER C 6 10.90 5.20 61.10
N GLY C 7 12.13 4.98 60.60
CA GLY C 7 13.34 5.09 61.40
C GLY C 7 14.51 5.61 60.57
N HIS C 8 15.52 6.18 61.25
CA HIS C 8 16.62 6.83 60.56
C HIS C 8 17.62 5.76 60.10
N THR C 9 17.40 4.53 60.56
CA THR C 9 18.06 3.35 60.02
C THR C 9 17.07 2.18 59.96
N GLU C 10 17.48 1.13 59.24
CA GLU C 10 16.77 -0.13 59.25
C GLU C 10 16.54 -0.60 60.68
N ALA C 11 17.60 -0.55 61.50
CA ALA C 11 17.51 -0.96 62.90
C ALA C 11 16.48 -0.11 63.64
N ALA C 12 16.43 1.19 63.35
CA ALA C 12 15.56 2.10 64.06
C ALA C 12 14.10 1.84 63.69
N LEU C 13 13.86 1.45 62.43
CA LEU C 13 12.53 1.03 62.00
C LEU C 13 12.19 -0.33 62.62
N ARG C 14 13.15 -1.26 62.62
CA ARG C 14 12.90 -2.59 63.17
C ARG C 14 12.45 -2.47 64.63
N GLU C 15 13.13 -1.60 65.38
CA GLU C 15 12.76 -1.29 66.75
C GLU C 15 11.35 -0.69 66.81
N GLN C 16 11.05 0.24 65.88
CA GLN C 16 9.80 0.98 65.95
C GLN C 16 8.64 0.02 65.67
N SER C 17 8.92 -1.07 64.93
CA SER C 17 7.95 -2.13 64.75
C SER C 17 7.74 -2.89 66.06
N THR C 18 8.83 -3.28 66.73
CA THR C 18 8.73 -4.11 67.92
C THR C 18 7.94 -3.39 69.00
N ARG C 19 8.21 -2.10 69.16
CA ARG C 19 7.55 -1.28 70.18
C ARG C 19 6.05 -1.28 69.92
N LEU C 20 5.68 -1.12 68.63
CA LEU C 20 4.30 -1.12 68.21
C LEU C 20 3.67 -2.49 68.49
N LEU C 21 4.42 -3.56 68.19
CA LEU C 21 3.98 -4.90 68.49
C LEU C 21 3.70 -5.02 69.98
N ASN C 22 4.68 -4.62 70.80
CA ASN C 22 4.59 -4.79 72.23
C ASN C 22 3.54 -3.82 72.79
N ASP C 23 3.34 -2.68 72.13
CA ASP C 23 2.35 -1.73 72.58
C ASP C 23 0.98 -2.39 72.57
N LEU C 24 0.63 -3.03 71.44
CA LEU C 24 -0.71 -3.56 71.23
C LEU C 24 -0.95 -4.75 72.15
N LEU C 25 0.08 -5.59 72.32
CA LEU C 25 0.05 -6.70 73.24
C LEU C 25 -0.13 -6.16 74.67
N GLU C 26 0.72 -5.19 75.05
CA GLU C 26 0.73 -4.64 76.40
C GLU C 26 -0.20 -3.43 76.50
N HIS C 27 -1.24 -3.41 75.65
CA HIS C 27 -2.29 -2.41 75.72
C HIS C 27 -3.45 -2.82 74.82
N PRO C 28 -4.04 -4.02 75.02
CA PRO C 28 -5.07 -4.52 74.11
C PRO C 28 -6.33 -3.66 74.10
N ASP C 29 -7.11 -3.75 73.02
CA ASP C 29 -8.42 -3.13 72.94
C ASP C 29 -8.26 -1.63 72.69
N GLU C 30 -7.01 -1.17 72.51
CA GLU C 30 -6.73 0.12 71.91
C GLU C 30 -6.76 -0.04 70.39
N HIS C 31 -7.66 0.71 69.73
CA HIS C 31 -7.93 0.54 68.32
C HIS C 31 -6.80 1.16 67.51
N PRO C 32 -6.24 0.43 66.53
CA PRO C 32 -5.06 0.91 65.79
C PRO C 32 -5.28 2.31 65.23
N ALA C 33 -6.56 2.71 65.15
CA ALA C 33 -6.95 4.06 64.77
C ALA C 33 -6.23 5.09 65.62
N ASP C 34 -6.20 4.85 66.94
CA ASP C 34 -5.54 5.73 67.89
C ASP C 34 -4.03 5.58 67.77
N VAL C 35 -3.59 4.33 67.57
CA VAL C 35 -2.18 3.99 67.52
C VAL C 35 -1.58 4.54 66.22
N GLY C 36 -2.39 4.61 65.16
CA GLY C 36 -1.92 4.99 63.83
C GLY C 36 -1.87 6.50 63.65
N TYR C 37 -2.80 7.20 64.28
CA TYR C 37 -2.82 8.65 64.39
C TYR C 37 -1.57 9.19 65.10
N THR C 38 -1.20 8.60 66.24
CA THR C 38 -0.07 9.11 67.02
C THR C 38 1.26 8.70 66.38
N LEU C 39 1.24 7.66 65.55
CA LEU C 39 2.43 7.24 64.83
C LEU C 39 2.81 8.30 63.80
N ILE C 40 1.81 9.08 63.38
CA ILE C 40 1.97 10.08 62.33
C ILE C 40 2.26 11.43 62.97
N THR C 41 1.57 11.73 64.08
CA THR C 41 1.53 13.09 64.61
C THR C 41 2.53 13.26 65.76
N GLY C 42 2.94 12.14 66.37
CA GLY C 42 3.60 12.16 67.66
C GLY C 42 5.12 11.99 67.54
N ARG C 43 5.66 12.30 66.37
CA ARG C 43 6.98 11.83 65.97
C ARG C 43 7.28 12.36 64.57
N ALA C 44 8.57 12.61 64.28
CA ALA C 44 9.00 12.98 62.94
C ALA C 44 8.97 11.75 62.05
N HIS C 45 9.48 11.88 60.82
CA HIS C 45 9.49 10.78 59.86
C HIS C 45 10.82 10.76 59.09
N PHE C 46 11.39 9.56 58.96
CA PHE C 46 12.79 9.41 58.59
C PHE C 46 12.88 8.63 57.28
N GLY C 47 14.10 8.36 56.84
CA GLY C 47 14.34 7.95 55.46
C GLY C 47 13.93 6.50 55.20
N HIS C 48 13.90 5.68 56.25
CA HIS C 48 13.58 4.27 56.14
C HIS C 48 12.16 4.01 56.64
N ARG C 49 11.26 3.70 55.71
CA ARG C 49 9.83 3.71 55.99
C ARG C 49 9.22 2.36 55.64
N ALA C 50 8.13 2.04 56.34
CA ALA C 50 7.33 0.87 56.06
C ALA C 50 5.88 1.22 56.38
N ALA C 51 4.95 0.55 55.68
CA ALA C 51 3.53 0.84 55.86
C ALA C 51 2.76 -0.48 55.93
N VAL C 52 1.78 -0.51 56.83
CA VAL C 52 1.12 -1.74 57.21
C VAL C 52 -0.39 -1.54 57.08
N ILE C 53 -1.04 -2.45 56.35
CA ILE C 53 -2.48 -2.50 56.31
C ILE C 53 -2.97 -3.58 57.27
N GLY C 54 -3.95 -3.22 58.11
CA GLY C 54 -4.45 -4.09 59.15
C GLY C 54 -5.83 -4.66 58.79
N GLU C 55 -5.82 -5.85 58.18
CA GLU C 55 -7.04 -6.60 57.93
C GLU C 55 -7.60 -7.13 59.26
N SER C 56 -6.73 -7.77 60.04
CA SER C 56 -7.15 -8.41 61.27
C SER C 56 -6.00 -8.37 62.28
N ARG C 57 -6.34 -8.33 63.57
CA ARG C 57 -5.33 -8.17 64.61
C ARG C 57 -4.16 -9.11 64.34
N GLU C 58 -4.46 -10.38 64.04
CA GLU C 58 -3.42 -11.38 63.83
C GLU C 58 -2.59 -11.00 62.61
N GLU C 59 -3.21 -10.25 61.68
CA GLU C 59 -2.51 -9.76 60.50
C GLU C 59 -1.41 -8.78 60.91
N LEU C 60 -1.77 -7.75 61.69
CA LEU C 60 -0.80 -6.75 62.12
C LEU C 60 0.27 -7.44 62.94
N LEU C 61 -0.15 -8.05 64.05
CA LEU C 61 0.76 -8.65 64.99
C LEU C 61 1.84 -9.41 64.23
N ASP C 62 1.43 -10.15 63.19
CA ASP C 62 2.33 -10.98 62.41
C ASP C 62 3.20 -10.10 61.50
N ALA C 63 2.57 -9.08 60.92
CA ALA C 63 3.26 -8.14 60.05
C ALA C 63 4.37 -7.42 60.82
N LEU C 64 4.05 -6.98 62.05
CA LEU C 64 4.99 -6.21 62.84
C LEU C 64 6.18 -7.10 63.24
N LYS C 65 5.92 -8.41 63.42
CA LYS C 65 6.95 -9.36 63.80
C LYS C 65 7.95 -9.53 62.65
N ALA C 66 7.44 -9.64 61.43
CA ALA C 66 8.26 -9.88 60.26
C ALA C 66 9.19 -8.69 60.01
N LEU C 67 8.65 -7.47 60.11
CA LEU C 67 9.41 -6.26 59.80
C LEU C 67 10.47 -6.04 60.87
N ALA C 68 10.05 -6.19 62.13
CA ALA C 68 10.93 -6.15 63.28
C ALA C 68 12.11 -7.10 63.12
N GLU C 69 11.88 -8.20 62.38
CA GLU C 69 12.83 -9.30 62.28
C GLU C 69 13.55 -9.26 60.94
N GLY C 70 13.25 -8.24 60.13
CA GLY C 70 14.02 -7.95 58.93
C GLY C 70 13.67 -8.86 57.76
N ARG C 71 12.44 -9.38 57.75
CA ARG C 71 12.00 -10.29 56.69
C ARG C 71 10.75 -9.73 56.02
N GLU C 72 10.64 -9.94 54.71
CA GLU C 72 9.55 -9.42 53.90
C GLU C 72 8.24 -10.09 54.29
N HIS C 73 7.12 -9.45 53.96
CA HIS C 73 5.78 -9.96 54.27
C HIS C 73 4.77 -9.20 53.39
N HIS C 74 3.63 -9.83 53.11
CA HIS C 74 2.76 -9.38 52.03
C HIS C 74 2.04 -8.09 52.43
N THR C 75 1.74 -7.91 53.73
CA THR C 75 1.01 -6.73 54.19
C THR C 75 1.97 -5.68 54.72
N VAL C 76 3.23 -5.73 54.25
CA VAL C 76 4.25 -4.78 54.65
C VAL C 76 4.87 -4.19 53.39
N VAL C 77 4.65 -2.89 53.17
CA VAL C 77 5.19 -2.19 52.02
C VAL C 77 6.39 -1.35 52.48
N ARG C 78 7.51 -1.56 51.78
CA ARG C 78 8.76 -0.89 52.07
C ARG C 78 9.11 0.00 50.87
N GLY C 79 10.29 0.64 50.93
CA GLY C 79 10.69 1.63 49.93
C GLY C 79 11.61 1.04 48.86
N ASP C 80 11.96 1.88 47.88
CA ASP C 80 12.82 1.48 46.77
C ASP C 80 14.13 2.26 46.84
N GLY C 81 14.16 3.34 47.63
CA GLY C 81 15.40 4.00 48.00
C GLY C 81 15.69 5.21 47.12
N THR C 82 14.63 5.82 46.57
CA THR C 82 14.75 7.10 45.90
C THR C 82 14.08 8.17 46.77
N ALA C 83 13.65 7.76 47.97
CA ALA C 83 12.88 8.61 48.87
C ALA C 83 13.84 9.45 49.72
N HIS C 84 14.37 10.52 49.12
CA HIS C 84 15.12 11.52 49.86
C HIS C 84 14.14 12.39 50.65
N PRO C 85 14.62 13.31 51.50
CA PRO C 85 13.75 14.14 52.33
C PRO C 85 12.96 15.14 51.48
N ASP C 86 11.66 15.25 51.75
CA ASP C 86 10.84 16.23 51.09
C ASP C 86 10.83 15.95 49.58
N ARG C 87 10.48 14.72 49.21
CA ARG C 87 10.34 14.34 47.81
C ARG C 87 9.25 15.19 47.18
N ARG C 88 9.37 15.45 45.86
CA ARG C 88 8.34 16.17 45.12
C ARG C 88 7.57 15.20 44.22
N VAL C 89 6.23 15.36 44.19
CA VAL C 89 5.36 14.50 43.38
C VAL C 89 4.78 15.30 42.22
N VAL C 90 4.88 14.74 41.00
CA VAL C 90 4.17 15.24 39.84
C VAL C 90 2.86 14.46 39.69
N PHE C 91 1.73 15.19 39.64
CA PHE C 91 0.44 14.59 39.35
C PHE C 91 0.26 14.48 37.84
N VAL C 92 -0.18 13.30 37.39
CA VAL C 92 -0.25 12.98 35.98
C VAL C 92 -1.70 12.71 35.64
N PHE C 93 -2.24 13.49 34.69
CA PHE C 93 -3.65 13.41 34.38
C PHE C 93 -3.83 12.78 33.00
N PRO C 94 -4.12 11.46 32.94
CA PRO C 94 -4.27 10.76 31.66
C PRO C 94 -5.60 11.13 31.00
N GLY C 95 -5.79 10.68 29.76
CA GLY C 95 -7.04 10.88 29.05
C GLY C 95 -7.97 9.68 29.19
N GLN C 96 -8.70 9.39 28.11
CA GLN C 96 -9.87 8.54 28.14
C GLN C 96 -9.45 7.07 28.15
N GLY C 97 -10.29 6.20 28.71
CA GLY C 97 -10.05 4.78 28.70
C GLY C 97 -9.74 4.24 30.09
N SER C 98 -9.77 5.14 31.08
CA SER C 98 -9.52 4.79 32.46
C SER C 98 -10.82 4.51 33.19
N GLN C 99 -11.95 4.72 32.51
CA GLN C 99 -13.25 4.72 33.18
C GLN C 99 -13.65 3.29 33.50
N TRP C 100 -14.35 3.12 34.63
CA TRP C 100 -15.02 1.87 34.96
C TRP C 100 -16.22 2.14 35.86
N PRO C 101 -17.25 1.27 35.82
CA PRO C 101 -18.60 1.67 36.19
C PRO C 101 -18.82 1.99 37.66
N SER C 102 -18.06 1.34 38.56
CA SER C 102 -18.20 1.57 40.00
C SER C 102 -16.97 2.29 40.56
N MET C 103 -16.31 3.12 39.75
CA MET C 103 -15.03 3.70 40.15
C MET C 103 -15.24 4.64 41.34
N ALA C 104 -16.44 5.19 41.43
CA ALA C 104 -16.73 6.29 42.34
C ALA C 104 -17.44 5.80 43.59
N ARG C 105 -17.93 4.55 43.59
CA ARG C 105 -18.95 4.11 44.54
C ARG C 105 -18.45 4.21 45.98
N ASP C 106 -17.32 3.56 46.30
CA ASP C 106 -16.87 3.49 47.67
C ASP C 106 -16.47 4.88 48.16
N LEU C 107 -15.74 5.62 47.32
CA LEU C 107 -15.15 6.88 47.73
C LEU C 107 -16.22 7.95 47.92
N LEU C 108 -17.38 7.77 47.28
CA LEU C 108 -18.45 8.75 47.43
C LEU C 108 -19.00 8.69 48.84
N ASP C 109 -18.94 7.50 49.45
CA ASP C 109 -19.53 7.25 50.77
C ASP C 109 -18.47 7.47 51.85
N ARG C 110 -17.20 7.19 51.53
CA ARG C 110 -16.17 6.94 52.53
C ARG C 110 -15.12 8.05 52.54
N ALA C 111 -15.11 8.94 51.53
CA ALA C 111 -14.07 9.96 51.45
C ALA C 111 -14.70 11.33 51.21
N PRO C 112 -14.67 12.23 52.20
CA PRO C 112 -15.50 13.44 52.16
C PRO C 112 -15.00 14.48 51.15
N ALA C 113 -13.67 14.59 51.04
CA ALA C 113 -13.04 15.49 50.09
C ALA C 113 -13.41 15.07 48.67
N PHE C 114 -13.36 13.76 48.42
CA PHE C 114 -13.88 13.21 47.19
C PHE C 114 -15.33 13.63 46.99
N ARG C 115 -16.19 13.38 47.98
CA ARG C 115 -17.62 13.59 47.80
C ARG C 115 -17.88 15.06 47.48
N GLU C 116 -17.18 15.97 48.16
CA GLU C 116 -17.53 17.38 48.07
C GLU C 116 -17.07 17.92 46.71
N THR C 117 -15.90 17.51 46.23
CA THR C 117 -15.40 17.99 44.96
C THR C 117 -16.31 17.51 43.83
N ALA C 118 -16.80 16.28 43.96
CA ALA C 118 -17.63 15.65 42.95
C ALA C 118 -18.96 16.38 42.83
N LYS C 119 -19.51 16.84 43.96
CA LYS C 119 -20.75 17.61 43.97
C LYS C 119 -20.50 18.97 43.32
N ALA C 120 -19.32 19.53 43.62
CA ALA C 120 -18.89 20.81 43.09
C ALA C 120 -18.80 20.72 41.57
N CYS C 121 -18.13 19.68 41.07
CA CYS C 121 -18.04 19.44 39.63
C CYS C 121 -19.42 19.23 39.03
N ASP C 122 -20.33 18.61 39.80
CA ASP C 122 -21.66 18.29 39.32
C ASP C 122 -22.45 19.57 39.09
N ALA C 123 -22.46 20.45 40.09
CA ALA C 123 -23.15 21.73 40.00
C ALA C 123 -22.60 22.54 38.84
N ALA C 124 -21.27 22.65 38.76
CA ALA C 124 -20.61 23.43 37.72
C ALA C 124 -21.02 22.95 36.34
N LEU C 125 -21.05 21.62 36.17
CA LEU C 125 -21.31 20.97 34.91
C LEU C 125 -22.80 21.01 34.59
N SER C 126 -23.64 20.85 35.62
CA SER C 126 -25.08 20.70 35.40
C SER C 126 -25.62 21.91 34.65
N VAL C 127 -24.92 23.03 34.79
CA VAL C 127 -25.29 24.30 34.18
C VAL C 127 -25.29 24.18 32.66
N HIS C 128 -24.59 23.17 32.14
CA HIS C 128 -24.40 23.01 30.70
C HIS C 128 -25.01 21.71 30.19
N LEU C 129 -25.20 20.74 31.09
CA LEU C 129 -25.65 19.42 30.67
C LEU C 129 -27.04 19.16 31.24
N ASP C 130 -27.85 18.39 30.49
CA ASP C 130 -29.20 18.06 30.91
C ASP C 130 -29.19 16.77 31.72
N TRP C 131 -28.01 16.41 32.25
CA TRP C 131 -27.88 15.21 33.07
C TRP C 131 -26.87 15.47 34.18
N SER C 132 -26.78 14.52 35.12
CA SER C 132 -26.05 14.66 36.36
C SER C 132 -24.88 13.67 36.40
N VAL C 133 -23.66 14.20 36.53
CA VAL C 133 -22.44 13.42 36.69
C VAL C 133 -22.55 12.55 37.95
N LEU C 134 -23.10 13.10 39.03
CA LEU C 134 -23.34 12.32 40.23
C LEU C 134 -24.17 11.08 39.88
N ASP C 135 -25.25 11.28 39.11
CA ASP C 135 -26.14 10.19 38.75
C ASP C 135 -25.32 9.03 38.17
N VAL C 136 -24.32 9.35 37.34
CA VAL C 136 -23.54 8.33 36.63
C VAL C 136 -22.55 7.69 37.60
N LEU C 137 -21.86 8.51 38.39
CA LEU C 137 -20.88 7.98 39.32
C LEU C 137 -21.55 6.99 40.27
N GLN C 138 -22.85 7.19 40.55
CA GLN C 138 -23.56 6.34 41.49
C GLN C 138 -24.56 5.47 40.72
N GLU C 139 -24.24 5.19 39.45
CA GLU C 139 -24.91 4.17 38.66
C GLU C 139 -26.41 4.20 38.93
N LYS C 140 -27.00 5.40 38.89
CA LYS C 140 -28.45 5.51 38.94
C LYS C 140 -29.03 4.95 37.65
N PRO C 141 -30.24 4.35 37.70
CA PRO C 141 -30.65 3.37 36.70
C PRO C 141 -30.91 3.98 35.33
N ASP C 142 -31.65 5.09 35.32
CA ASP C 142 -31.97 5.77 34.08
C ASP C 142 -31.05 6.98 33.93
N ALA C 143 -29.84 6.85 34.49
CA ALA C 143 -28.75 7.77 34.20
C ALA C 143 -28.18 7.45 32.82
N PRO C 144 -27.51 8.43 32.16
CA PRO C 144 -26.92 8.19 30.86
C PRO C 144 -25.72 7.24 30.91
N PRO C 145 -25.45 6.51 29.81
CA PRO C 145 -24.33 5.59 29.75
C PRO C 145 -22.97 6.27 29.86
N LEU C 146 -22.07 5.63 30.60
CA LEU C 146 -20.71 6.08 30.81
C LEU C 146 -19.93 6.11 29.50
N SER C 147 -20.34 5.26 28.55
CA SER C 147 -19.58 5.00 27.34
C SER C 147 -19.69 6.18 26.38
N ARG C 148 -20.86 6.81 26.37
CA ARG C 148 -21.12 7.94 25.51
C ARG C 148 -20.09 9.03 25.77
N VAL C 149 -19.53 9.59 24.70
CA VAL C 149 -18.31 10.37 24.77
C VAL C 149 -18.58 11.67 25.52
N ASP C 150 -19.78 12.23 25.33
CA ASP C 150 -20.19 13.44 26.00
C ASP C 150 -20.49 13.15 27.47
N VAL C 151 -20.59 11.86 27.83
CA VAL C 151 -20.74 11.49 29.23
C VAL C 151 -19.37 11.18 29.83
N VAL C 152 -18.54 10.44 29.12
CA VAL C 152 -17.34 9.91 29.73
C VAL C 152 -16.41 11.07 30.10
N GLN C 153 -16.37 12.13 29.28
CA GLN C 153 -15.28 13.08 29.42
C GLN C 153 -15.50 13.96 30.65
N PRO C 154 -16.69 14.56 30.85
CA PRO C 154 -17.02 15.21 32.12
C PRO C 154 -16.89 14.33 33.36
N VAL C 155 -17.29 13.05 33.25
CA VAL C 155 -17.22 12.11 34.35
C VAL C 155 -15.76 11.91 34.77
N LEU C 156 -14.86 11.66 33.81
CA LEU C 156 -13.47 11.42 34.16
C LEU C 156 -12.83 12.72 34.65
N PHE C 157 -13.20 13.84 34.04
CA PHE C 157 -12.84 15.14 34.58
C PHE C 157 -13.14 15.20 36.08
N THR C 158 -14.40 14.92 36.46
CA THR C 158 -14.80 14.97 37.86
C THR C 158 -13.97 14.00 38.69
N MET C 159 -13.87 12.75 38.22
CA MET C 159 -13.14 11.72 38.92
C MET C 159 -11.73 12.21 39.26
N MET C 160 -11.09 12.85 38.28
CA MET C 160 -9.67 13.18 38.39
C MET C 160 -9.48 14.41 39.28
N LEU C 161 -10.50 15.30 39.33
CA LEU C 161 -10.49 16.42 40.26
C LEU C 161 -10.72 15.92 41.68
N SER C 162 -11.71 15.03 41.82
CA SER C 162 -12.09 14.47 43.10
C SER C 162 -10.96 13.63 43.70
N LEU C 163 -10.21 12.91 42.84
CA LEU C 163 -9.11 12.09 43.34
C LEU C 163 -7.98 12.99 43.82
N ALA C 164 -7.79 14.10 43.12
CA ALA C 164 -6.74 15.05 43.46
C ALA C 164 -7.09 15.71 44.79
N ALA C 165 -8.37 16.09 44.95
CA ALA C 165 -8.83 16.74 46.17
C ALA C 165 -8.63 15.80 47.36
N CYS C 166 -8.97 14.53 47.17
CA CYS C 166 -8.78 13.49 48.17
C CYS C 166 -7.31 13.41 48.58
N TRP C 167 -6.43 13.37 47.56
CA TRP C 167 -4.99 13.31 47.79
C TRP C 167 -4.53 14.53 48.59
N ARG C 168 -4.96 15.73 48.19
CA ARG C 168 -4.46 16.97 48.78
C ARG C 168 -4.89 17.06 50.23
N ASP C 169 -6.14 16.65 50.49
CA ASP C 169 -6.71 16.61 51.83
C ASP C 169 -5.91 15.69 52.74
N LEU C 170 -5.38 14.57 52.20
CA LEU C 170 -4.57 13.64 52.98
C LEU C 170 -3.09 13.99 52.88
N GLY C 171 -2.77 15.18 52.35
CA GLY C 171 -1.47 15.78 52.57
C GLY C 171 -0.49 15.54 51.41
N VAL C 172 -0.97 14.97 50.30
CA VAL C 172 -0.16 14.87 49.09
C VAL C 172 -0.60 15.96 48.12
N HIS C 173 0.36 16.79 47.70
CA HIS C 173 0.09 17.97 46.90
C HIS C 173 0.97 17.95 45.66
N PRO C 174 0.44 18.30 44.48
CA PRO C 174 1.26 18.38 43.27
C PRO C 174 2.24 19.54 43.38
N ALA C 175 3.49 19.29 43.00
CA ALA C 175 4.48 20.34 42.76
C ALA C 175 4.45 20.73 41.28
N ALA C 176 3.85 19.86 40.48
CA ALA C 176 3.72 20.09 39.05
C ALA C 176 2.66 19.13 38.52
N VAL C 177 2.18 19.41 37.31
CA VAL C 177 1.16 18.58 36.69
C VAL C 177 1.49 18.46 35.21
N VAL C 178 1.16 17.29 34.64
CA VAL C 178 1.14 17.10 33.21
C VAL C 178 -0.11 16.30 32.85
N GLY C 179 -0.79 16.74 31.80
CA GLY C 179 -2.00 16.08 31.35
C GLY C 179 -1.82 15.49 29.97
N HIS C 180 -2.52 14.39 29.70
CA HIS C 180 -2.45 13.69 28.44
C HIS C 180 -3.81 13.81 27.77
N SER C 181 -3.85 14.48 26.62
CA SER C 181 -5.10 14.68 25.90
C SER C 181 -6.08 15.43 26.80
N GLN C 182 -7.27 14.87 27.04
CA GLN C 182 -8.34 15.59 27.71
C GLN C 182 -8.02 15.87 29.18
N GLY C 183 -7.02 15.15 29.71
CA GLY C 183 -6.61 15.29 31.11
C GLY C 183 -5.95 16.63 31.39
N GLU C 184 -5.49 17.33 30.34
CA GLU C 184 -4.90 18.65 30.48
C GLU C 184 -5.93 19.63 31.03
N ILE C 185 -7.23 19.35 30.84
CA ILE C 185 -8.27 20.17 31.41
C ILE C 185 -8.28 20.01 32.94
N ALA C 186 -8.28 18.77 33.42
CA ALA C 186 -8.29 18.51 34.86
C ALA C 186 -7.02 19.08 35.51
N ALA C 187 -5.90 18.93 34.79
CA ALA C 187 -4.59 19.35 35.23
C ALA C 187 -4.52 20.86 35.42
N ALA C 188 -5.02 21.58 34.40
CA ALA C 188 -5.15 23.02 34.42
C ALA C 188 -5.95 23.47 35.64
N CYS C 189 -7.04 22.74 35.95
CA CYS C 189 -7.85 23.04 37.11
C CYS C 189 -7.06 22.77 38.39
N VAL C 190 -6.52 21.56 38.51
CA VAL C 190 -5.81 21.20 39.71
C VAL C 190 -4.70 22.22 39.99
N ALA C 191 -4.17 22.83 38.92
CA ALA C 191 -2.94 23.62 38.99
C ALA C 191 -3.25 25.11 39.19
N GLY C 192 -4.51 25.51 38.99
CA GLY C 192 -4.96 26.86 39.27
C GLY C 192 -5.08 27.72 38.01
N ALA C 193 -5.00 27.09 36.85
CA ALA C 193 -4.90 27.79 35.57
C ALA C 193 -6.31 28.13 35.06
N LEU C 194 -7.25 27.22 35.32
CA LEU C 194 -8.64 27.40 34.98
C LEU C 194 -9.44 27.45 36.28
N SER C 195 -10.56 28.18 36.27
CA SER C 195 -11.59 28.01 37.28
C SER C 195 -12.30 26.68 37.06
N LEU C 196 -13.03 26.20 38.08
CA LEU C 196 -13.94 25.09 37.91
C LEU C 196 -14.96 25.42 36.82
N GLU C 197 -15.40 26.67 36.78
CA GLU C 197 -16.45 27.10 35.84
C GLU C 197 -15.97 26.95 34.40
N ASP C 198 -14.73 27.37 34.10
CA ASP C 198 -14.22 27.33 32.73
C ASP C 198 -13.81 25.90 32.36
N ALA C 199 -13.21 25.19 33.32
CA ALA C 199 -12.85 23.79 33.11
C ALA C 199 -14.10 22.99 32.76
N ALA C 200 -15.13 23.12 33.62
CA ALA C 200 -16.41 22.49 33.42
C ALA C 200 -16.93 22.77 32.01
N ARG C 201 -16.88 24.04 31.61
CA ARG C 201 -17.49 24.45 30.36
C ARG C 201 -16.70 23.85 29.20
N ILE C 202 -15.36 23.81 29.32
CA ILE C 202 -14.53 23.34 28.22
C ILE C 202 -14.81 21.86 28.00
N VAL C 203 -14.79 21.08 29.09
CA VAL C 203 -14.91 19.63 28.98
C VAL C 203 -16.30 19.27 28.46
N ALA C 204 -17.34 20.03 28.88
CA ALA C 204 -18.71 19.71 28.52
C ALA C 204 -18.96 20.01 27.04
N LEU C 205 -18.42 21.12 26.54
CA LEU C 205 -18.70 21.53 25.16
C LEU C 205 -17.74 20.84 24.20
N ARG C 206 -16.49 20.65 24.60
CA ARG C 206 -15.55 19.88 23.80
C ARG C 206 -16.05 18.44 23.66
N SER C 207 -16.70 17.91 24.71
CA SER C 207 -17.15 16.53 24.72
C SER C 207 -18.44 16.38 23.90
N ARG C 208 -19.36 17.33 24.05
CA ARG C 208 -20.66 17.30 23.39
C ARG C 208 -20.51 17.47 21.89
N ALA C 209 -19.42 18.11 21.48
CA ALA C 209 -19.11 18.31 20.08
C ALA C 209 -18.64 17.00 19.43
N TRP C 210 -18.00 16.14 20.23
CA TRP C 210 -17.39 14.93 19.71
C TRP C 210 -18.45 13.90 19.31
N LEU C 211 -19.67 14.06 19.85
CA LEU C 211 -20.77 13.14 19.60
C LEU C 211 -21.00 12.98 18.10
N THR C 212 -20.74 14.06 17.35
CA THR C 212 -21.02 14.08 15.93
C THR C 212 -20.18 13.01 15.21
N LEU C 213 -19.01 12.67 15.77
CA LEU C 213 -18.05 11.83 15.08
C LEU C 213 -17.67 10.63 15.96
N ALA C 214 -18.60 10.18 16.79
CA ALA C 214 -18.42 8.95 17.57
C ALA C 214 -18.74 7.75 16.70
N GLY C 215 -17.78 6.81 16.60
CA GLY C 215 -17.95 5.60 15.79
C GLY C 215 -17.33 5.74 14.40
N LYS C 216 -16.82 6.94 14.10
CA LYS C 216 -16.30 7.23 12.79
C LYS C 216 -14.78 7.27 12.87
N GLY C 217 -14.26 6.89 14.04
CA GLY C 217 -12.83 6.92 14.28
C GLY C 217 -12.44 6.23 15.58
N GLY C 218 -11.12 6.12 15.81
CA GLY C 218 -10.62 5.49 17.01
C GLY C 218 -9.18 5.88 17.29
N MET C 219 -8.55 5.11 18.19
CA MET C 219 -7.23 5.40 18.69
C MET C 219 -6.56 4.09 19.08
N ALA C 220 -5.28 3.94 18.73
CA ALA C 220 -4.53 2.73 19.01
C ALA C 220 -3.19 3.08 19.66
N ALA C 221 -2.80 2.28 20.65
CA ALA C 221 -1.44 2.25 21.15
C ALA C 221 -0.58 1.37 20.25
N VAL C 222 0.54 1.91 19.75
CA VAL C 222 1.55 1.08 19.10
C VAL C 222 2.88 1.25 19.84
N SER C 223 3.60 0.14 19.98
CA SER C 223 4.97 0.12 20.50
C SER C 223 5.97 0.28 19.35
N LEU C 224 6.06 1.50 18.81
CA LEU C 224 7.06 1.86 17.81
C LEU C 224 7.55 3.28 18.09
N PRO C 225 8.82 3.62 17.79
CA PRO C 225 9.28 5.01 17.83
C PRO C 225 8.47 5.91 16.91
N GLU C 226 8.30 7.17 17.33
CA GLU C 226 7.51 8.15 16.59
C GLU C 226 7.74 8.01 15.08
N ALA C 227 9.02 8.02 14.69
CA ALA C 227 9.41 8.14 13.29
C ALA C 227 9.01 6.89 12.52
N ARG C 228 9.04 5.74 13.18
CA ARG C 228 8.72 4.46 12.53
C ARG C 228 7.22 4.38 12.28
N LEU C 229 6.43 4.96 13.19
CA LEU C 229 4.98 5.05 13.04
C LEU C 229 4.63 6.13 12.01
N ARG C 230 5.47 7.17 11.92
CA ARG C 230 5.28 8.23 10.95
C ARG C 230 5.54 7.70 9.54
N GLU C 231 6.60 6.88 9.41
CA GLU C 231 6.92 6.23 8.14
C GLU C 231 5.74 5.35 7.73
N ARG C 232 5.09 4.76 8.73
CA ARG C 232 4.20 3.62 8.53
C ARG C 232 2.76 4.07 8.28
N ILE C 233 2.46 5.36 8.44
CA ILE C 233 1.10 5.83 8.21
C ILE C 233 1.06 6.84 7.06
N GLU C 234 2.22 7.10 6.43
CA GLU C 234 2.26 7.90 5.21
C GLU C 234 1.13 7.49 4.26
N ARG C 235 1.07 6.19 3.94
CA ARG C 235 0.29 5.72 2.80
C ARG C 235 -1.21 5.91 3.06
N PHE C 236 -1.54 6.40 4.25
CA PHE C 236 -2.92 6.59 4.65
C PHE C 236 -3.29 8.08 4.59
N GLY C 237 -2.26 8.94 4.55
CA GLY C 237 -2.47 10.37 4.48
C GLY C 237 -3.23 10.90 5.69
N GLN C 238 -4.29 11.67 5.45
CA GLN C 238 -5.07 12.30 6.51
C GLN C 238 -6.04 11.28 7.11
N ARG C 239 -5.96 10.03 6.67
CA ARG C 239 -6.83 8.99 7.20
C ARG C 239 -6.37 8.62 8.62
N LEU C 240 -5.05 8.55 8.82
CA LEU C 240 -4.49 8.28 10.14
C LEU C 240 -3.55 9.41 10.55
N SER C 241 -3.39 9.60 11.87
CA SER C 241 -2.52 10.64 12.41
C SER C 241 -1.85 10.16 13.70
N VAL C 242 -0.67 10.70 13.98
CA VAL C 242 0.00 10.46 15.25
C VAL C 242 -0.74 11.19 16.35
N ALA C 243 -1.23 10.43 17.34
CA ALA C 243 -2.10 10.99 18.38
C ALA C 243 -1.28 11.39 19.60
N ALA C 244 -0.22 10.63 19.90
CA ALA C 244 0.63 10.94 21.04
C ALA C 244 1.99 10.25 20.90
N VAL C 245 3.04 10.95 21.36
CA VAL C 245 4.36 10.38 21.50
C VAL C 245 4.62 10.23 23.00
N ASN C 246 4.63 8.99 23.50
CA ASN C 246 4.50 8.77 24.93
C ASN C 246 5.82 8.31 25.55
N SER C 247 6.65 7.64 24.76
CA SER C 247 7.92 7.12 25.24
C SER C 247 8.89 7.05 24.07
N PRO C 248 10.19 6.82 24.32
CA PRO C 248 11.14 6.59 23.22
C PRO C 248 10.67 5.55 22.20
N GLY C 249 9.93 4.53 22.65
CA GLY C 249 9.49 3.46 21.76
C GLY C 249 8.01 3.12 21.92
N THR C 250 7.22 4.09 22.38
CA THR C 250 5.78 3.93 22.53
C THR C 250 5.10 5.17 21.97
N ALA C 251 3.95 4.98 21.31
CA ALA C 251 3.19 6.07 20.74
C ALA C 251 1.73 5.66 20.57
N ALA C 252 0.90 6.58 20.05
CA ALA C 252 -0.49 6.30 19.77
C ALA C 252 -0.85 6.79 18.38
N VAL C 253 -1.91 6.22 17.81
CA VAL C 253 -2.37 6.63 16.48
C VAL C 253 -3.90 6.70 16.49
N ALA C 254 -4.45 7.65 15.72
CA ALA C 254 -5.88 7.89 15.65
C ALA C 254 -6.31 8.13 14.21
N GLY C 255 -7.61 7.94 13.93
CA GLY C 255 -8.16 8.20 12.61
C GLY C 255 -9.33 7.28 12.25
N ASP C 256 -9.58 7.14 10.95
CA ASP C 256 -10.69 6.37 10.42
C ASP C 256 -10.51 4.90 10.84
N VAL C 257 -11.62 4.18 11.07
CA VAL C 257 -11.56 2.86 11.65
C VAL C 257 -10.96 1.88 10.64
N ASP C 258 -11.26 2.09 9.35
CA ASP C 258 -10.81 1.18 8.30
C ASP C 258 -9.29 1.22 8.19
N ALA C 259 -8.70 2.40 8.42
CA ALA C 259 -7.27 2.59 8.32
C ALA C 259 -6.56 2.02 9.55
N LEU C 260 -7.13 2.26 10.73
CA LEU C 260 -6.58 1.66 11.94
C LEU C 260 -6.52 0.15 11.79
N ARG C 261 -7.62 -0.44 11.31
CA ARG C 261 -7.74 -1.89 11.19
C ARG C 261 -6.65 -2.42 10.25
N GLU C 262 -6.50 -1.77 9.08
CA GLU C 262 -5.42 -2.09 8.16
C GLU C 262 -4.10 -2.03 8.90
N LEU C 263 -3.84 -0.89 9.54
CA LEU C 263 -2.55 -0.64 10.18
C LEU C 263 -2.29 -1.72 11.22
N LEU C 264 -3.23 -1.90 12.15
CA LEU C 264 -3.05 -2.83 13.25
C LEU C 264 -2.82 -4.25 12.71
N ALA C 265 -3.45 -4.57 11.57
CA ALA C 265 -3.32 -5.89 10.96
C ALA C 265 -1.90 -6.06 10.43
N GLU C 266 -1.39 -5.02 9.76
CA GLU C 266 -0.05 -5.03 9.23
C GLU C 266 0.92 -5.25 10.38
N LEU C 267 0.74 -4.46 11.45
CA LEU C 267 1.73 -4.38 12.52
C LEU C 267 1.77 -5.68 13.32
N THR C 268 0.60 -6.22 13.65
CA THR C 268 0.53 -7.47 14.41
C THR C 268 1.19 -8.58 13.61
N ALA C 269 0.90 -8.61 12.30
CA ALA C 269 1.44 -9.59 11.38
C ALA C 269 2.97 -9.53 11.35
N GLU C 270 3.56 -8.37 11.70
CA GLU C 270 5.00 -8.23 11.76
C GLU C 270 5.51 -8.44 13.17
N GLY C 271 4.59 -8.70 14.10
CA GLY C 271 4.94 -9.00 15.48
C GLY C 271 5.26 -7.73 16.28
N ILE C 272 4.62 -6.63 15.90
CA ILE C 272 4.68 -5.37 16.66
C ILE C 272 3.42 -5.24 17.51
N ARG C 273 3.60 -4.99 18.81
CA ARG C 273 2.49 -4.79 19.72
C ARG C 273 1.74 -3.51 19.36
N ALA C 274 0.46 -3.66 19.04
CA ALA C 274 -0.42 -2.55 18.79
C ALA C 274 -1.83 -2.95 19.20
N LYS C 275 -2.55 -2.05 19.88
CA LYS C 275 -3.87 -2.37 20.39
C LYS C 275 -4.78 -1.16 20.21
N PRO C 276 -6.08 -1.37 19.93
CA PRO C 276 -7.08 -0.34 20.16
C PRO C 276 -7.08 0.09 21.63
N ILE C 277 -7.19 1.39 21.87
CA ILE C 277 -7.41 1.87 23.22
C ILE C 277 -8.89 1.74 23.52
N PRO C 278 -9.28 0.86 24.47
CA PRO C 278 -10.69 0.61 24.74
C PRO C 278 -11.28 1.75 25.57
N GLY C 279 -12.59 1.94 25.42
CA GLY C 279 -13.29 3.06 26.01
C GLY C 279 -13.10 4.36 25.23
N VAL C 280 -12.81 4.23 23.93
CA VAL C 280 -12.63 5.39 23.06
C VAL C 280 -13.31 5.12 21.72
N ASP C 281 -14.27 5.99 21.35
CA ASP C 281 -15.06 5.81 20.14
C ASP C 281 -14.90 7.03 19.24
N THR C 282 -13.82 7.80 19.45
CA THR C 282 -13.54 9.00 18.70
C THR C 282 -12.06 9.03 18.32
N ALA C 283 -11.73 9.81 17.30
CA ALA C 283 -10.38 9.88 16.77
C ALA C 283 -9.77 11.23 17.12
N GLY C 284 -9.59 11.48 18.42
CA GLY C 284 -8.89 12.67 18.86
C GLY C 284 -7.51 12.76 18.21
N HIS C 285 -7.04 13.99 18.01
CA HIS C 285 -5.68 14.23 17.58
C HIS C 285 -5.50 13.67 16.17
N SER C 286 -6.49 13.95 15.32
CA SER C 286 -6.46 13.55 13.93
C SER C 286 -7.14 14.63 13.09
N ALA C 287 -7.22 14.39 11.78
CA ALA C 287 -7.77 15.36 10.86
C ALA C 287 -9.28 15.46 11.02
N GLN C 288 -9.90 14.44 11.60
CA GLN C 288 -11.34 14.42 11.85
C GLN C 288 -11.73 15.62 12.71
N VAL C 289 -10.77 16.16 13.46
CA VAL C 289 -11.05 17.24 14.40
C VAL C 289 -11.27 18.55 13.65
N ASP C 290 -10.78 18.65 12.41
CA ASP C 290 -10.85 19.89 11.64
C ASP C 290 -12.31 20.29 11.44
N GLY C 291 -13.19 19.30 11.35
CA GLY C 291 -14.61 19.55 11.17
C GLY C 291 -15.23 20.29 12.36
N LEU C 292 -14.67 20.05 13.56
CA LEU C 292 -15.21 20.61 14.79
C LEU C 292 -14.65 22.00 15.07
N LYS C 293 -13.56 22.37 14.36
CA LYS C 293 -12.83 23.58 14.69
C LYS C 293 -13.79 24.78 14.76
N GLU C 294 -14.67 24.95 13.77
CA GLU C 294 -15.43 26.18 13.67
C GLU C 294 -16.50 26.20 14.76
N HIS C 295 -17.20 25.07 14.94
CA HIS C 295 -18.16 24.91 16.03
C HIS C 295 -17.51 25.21 17.38
N LEU C 296 -16.27 24.72 17.55
CA LEU C 296 -15.64 24.69 18.87
C LEU C 296 -15.27 26.10 19.31
N PHE C 297 -14.75 26.92 18.39
CA PHE C 297 -14.42 28.31 18.68
C PHE C 297 -15.70 29.13 18.89
N GLU C 298 -16.81 28.69 18.30
CA GLU C 298 -18.10 29.35 18.44
C GLU C 298 -18.70 29.12 19.84
N VAL C 299 -18.32 28.05 20.54
CA VAL C 299 -19.02 27.66 21.76
C VAL C 299 -18.13 27.83 22.98
N LEU C 300 -16.82 27.56 22.83
CA LEU C 300 -15.90 27.55 23.95
C LEU C 300 -15.60 28.98 24.38
N ALA C 301 -15.22 29.80 23.40
CA ALA C 301 -14.70 31.13 23.72
C ALA C 301 -15.79 31.90 24.46
N PRO C 302 -15.41 32.87 25.33
CA PRO C 302 -14.02 33.09 25.70
C PRO C 302 -13.69 32.50 27.08
N VAL C 303 -12.42 32.18 27.28
CA VAL C 303 -11.96 31.56 28.51
C VAL C 303 -11.09 32.56 29.27
N SER C 304 -11.03 32.41 30.60
CA SER C 304 -10.34 33.36 31.46
C SER C 304 -9.16 32.71 32.17
N PRO C 305 -8.11 32.26 31.44
CA PRO C 305 -6.95 31.63 32.06
C PRO C 305 -6.13 32.60 32.91
N ARG C 306 -5.58 32.08 34.02
CA ARG C 306 -4.71 32.82 34.90
C ARG C 306 -3.40 32.04 35.01
N SER C 307 -2.36 32.69 35.55
CA SER C 307 -1.10 32.01 35.83
C SER C 307 -1.29 31.04 36.99
N SER C 308 -0.64 29.87 36.89
CA SER C 308 -0.92 28.77 37.78
C SER C 308 -0.02 28.88 39.01
N ASP C 309 -0.44 28.20 40.09
CA ASP C 309 0.26 28.20 41.36
C ASP C 309 1.40 27.17 41.33
N ILE C 310 1.21 26.12 40.52
CA ILE C 310 2.25 25.12 40.29
C ILE C 310 2.48 24.96 38.79
N PRO C 311 3.69 24.55 38.37
CA PRO C 311 4.02 24.53 36.95
C PRO C 311 3.22 23.48 36.16
N PHE C 312 2.81 23.89 34.95
CA PHE C 312 2.02 23.09 34.05
C PHE C 312 2.89 22.76 32.84
N TYR C 313 3.29 21.48 32.74
CA TYR C 313 4.09 20.98 31.64
C TYR C 313 3.15 20.57 30.50
N SER C 314 3.03 21.43 29.50
CA SER C 314 2.09 21.25 28.40
C SER C 314 2.50 20.05 27.56
N THR C 315 1.51 19.27 27.11
CA THR C 315 1.77 18.22 26.13
C THR C 315 1.35 18.69 24.74
N VAL C 316 0.94 19.97 24.61
CA VAL C 316 0.86 20.60 23.29
C VAL C 316 2.25 21.09 22.89
N THR C 317 2.94 21.78 23.81
CA THR C 317 4.30 22.27 23.56
C THR C 317 5.35 21.25 24.00
N GLY C 318 5.01 20.43 25.01
CA GLY C 318 5.97 19.49 25.56
C GLY C 318 6.91 20.17 26.53
N ALA C 319 6.53 21.38 26.96
CA ALA C 319 7.38 22.24 27.77
C ALA C 319 6.51 22.94 28.81
N PRO C 320 7.08 23.39 29.94
CA PRO C 320 6.43 24.35 30.82
C PRO C 320 5.80 25.51 30.05
N LEU C 321 4.65 25.98 30.55
CA LEU C 321 3.81 26.94 29.85
C LEU C 321 3.32 27.96 30.88
N ASP C 322 3.32 29.24 30.50
CA ASP C 322 2.51 30.24 31.20
C ASP C 322 1.04 29.98 30.86
N THR C 323 0.24 29.70 31.90
CA THR C 323 -1.10 29.16 31.72
C THR C 323 -2.11 30.27 31.43
N GLU C 324 -1.64 31.53 31.35
CA GLU C 324 -2.45 32.62 30.86
C GLU C 324 -2.88 32.35 29.42
N ARG C 325 -2.09 31.53 28.73
CA ARG C 325 -2.25 31.28 27.30
C ARG C 325 -3.12 30.04 27.06
N LEU C 326 -3.76 29.53 28.12
CA LEU C 326 -4.67 28.39 28.01
C LEU C 326 -6.05 28.87 27.57
N ASP C 327 -6.09 29.58 26.43
CA ASP C 327 -7.31 30.18 25.91
C ASP C 327 -8.01 29.19 24.99
N ALA C 328 -9.14 29.59 24.40
CA ALA C 328 -9.93 28.70 23.56
C ALA C 328 -9.05 28.05 22.48
N GLY C 329 -8.18 28.85 21.87
CA GLY C 329 -7.30 28.38 20.81
C GLY C 329 -6.41 27.22 21.27
N TYR C 330 -5.97 27.26 22.53
CA TYR C 330 -5.13 26.22 23.09
C TYR C 330 -5.92 24.92 23.15
N TRP C 331 -7.18 25.00 23.58
CA TRP C 331 -7.98 23.82 23.85
C TRP C 331 -8.39 23.13 22.55
N TYR C 332 -8.51 23.89 21.46
CA TYR C 332 -8.59 23.29 20.13
C TYR C 332 -7.28 22.56 19.84
N ARG C 333 -6.16 23.22 20.13
CA ARG C 333 -4.83 22.70 19.85
C ARG C 333 -4.61 21.44 20.68
N ASN C 334 -5.18 21.44 21.89
CA ASN C 334 -5.16 20.28 22.76
C ASN C 334 -5.85 19.11 22.07
N MET C 335 -6.93 19.39 21.34
CA MET C 335 -7.72 18.36 20.67
C MET C 335 -7.02 17.89 19.40
N ARG C 336 -6.45 18.84 18.65
CA ARG C 336 -6.09 18.59 17.27
C ARG C 336 -4.70 17.94 17.22
N GLU C 337 -3.80 18.38 18.11
CA GLU C 337 -2.38 18.20 17.87
C GLU C 337 -1.84 16.99 18.63
N PRO C 338 -0.64 16.51 18.25
CA PRO C 338 -0.04 15.34 18.91
C PRO C 338 0.22 15.62 20.38
N VAL C 339 -0.07 14.63 21.23
CA VAL C 339 0.22 14.74 22.66
C VAL C 339 1.69 14.38 22.87
N GLU C 340 2.48 15.40 23.27
CA GLU C 340 3.91 15.26 23.47
C GLU C 340 4.18 14.94 24.94
N PHE C 341 3.86 13.72 25.33
CA PHE C 341 4.03 13.26 26.71
C PHE C 341 5.52 13.05 27.01
N GLU C 342 6.25 12.49 26.04
CA GLU C 342 7.65 12.19 26.24
C GLU C 342 8.40 13.50 26.48
N LYS C 343 8.21 14.48 25.59
CA LYS C 343 8.92 15.74 25.67
C LYS C 343 8.66 16.37 27.04
N ALA C 344 7.40 16.29 27.50
CA ALA C 344 7.00 16.91 28.75
C ALA C 344 7.58 16.12 29.92
N VAL C 345 7.61 14.80 29.82
CA VAL C 345 8.16 14.00 30.89
C VAL C 345 9.67 14.25 30.97
N ARG C 346 10.31 14.45 29.82
CA ARG C 346 11.75 14.67 29.77
C ARG C 346 12.10 16.01 30.43
N ALA C 347 11.29 17.04 30.15
CA ALA C 347 11.47 18.36 30.73
C ALA C 347 11.29 18.32 32.24
N LEU C 348 10.32 17.51 32.70
CA LEU C 348 10.07 17.33 34.12
C LEU C 348 11.31 16.75 34.79
N ILE C 349 11.91 15.72 34.17
CA ILE C 349 13.05 15.03 34.76
C ILE C 349 14.24 15.97 34.82
N ALA C 350 14.44 16.70 33.73
CA ALA C 350 15.48 17.71 33.62
C ALA C 350 15.32 18.77 34.71
N ASP C 351 14.12 18.86 35.29
CA ASP C 351 13.81 19.88 36.28
C ASP C 351 13.71 19.26 37.67
N GLY C 352 14.13 18.00 37.81
CA GLY C 352 14.38 17.43 39.12
C GLY C 352 13.26 16.53 39.63
N TYR C 353 12.20 16.36 38.84
CA TYR C 353 11.03 15.62 39.29
C TYR C 353 11.30 14.13 39.14
N ASP C 354 10.85 13.33 40.12
CA ASP C 354 11.26 11.94 40.20
C ASP C 354 10.14 11.04 40.74
N LEU C 355 9.00 11.62 41.10
CA LEU C 355 7.88 10.83 41.61
C LEU C 355 6.61 11.24 40.87
N PHE C 356 6.04 10.32 40.09
CA PHE C 356 4.91 10.62 39.24
C PHE C 356 3.69 9.82 39.69
N LEU C 357 2.56 10.52 39.87
CA LEU C 357 1.34 9.88 40.34
C LEU C 357 0.23 10.08 39.31
N GLU C 358 -0.22 8.97 38.71
CA GLU C 358 -1.43 8.97 37.90
C GLU C 358 -2.63 9.12 38.82
N CYS C 359 -3.32 10.28 38.69
CA CYS C 359 -4.40 10.70 39.57
C CYS C 359 -5.74 10.46 38.86
N ASN C 360 -6.17 9.19 38.79
CA ASN C 360 -7.23 8.76 37.89
C ASN C 360 -7.72 7.36 38.27
N PRO C 361 -8.84 6.87 37.68
CA PRO C 361 -9.40 5.57 38.06
C PRO C 361 -8.60 4.33 37.66
N HIS C 362 -7.69 4.47 36.68
CA HIS C 362 -6.89 3.35 36.22
C HIS C 362 -5.64 3.84 35.49
N PRO C 363 -4.43 3.38 35.87
CA PRO C 363 -3.20 3.86 35.25
C PRO C 363 -3.20 3.54 33.77
N MET C 364 -2.77 4.50 32.94
CA MET C 364 -2.74 4.31 31.51
C MET C 364 -1.33 4.57 30.97
N LEU C 365 -0.47 5.17 31.79
CA LEU C 365 0.74 5.79 31.27
C LEU C 365 1.98 5.29 32.01
N ALA C 366 1.81 4.42 33.00
CA ALA C 366 2.91 3.90 33.78
C ALA C 366 4.03 3.43 32.85
N MET C 367 3.72 2.49 31.95
CA MET C 367 4.75 1.80 31.19
C MET C 367 5.58 2.83 30.42
N SER C 368 4.88 3.80 29.81
CA SER C 368 5.54 4.81 28.99
C SER C 368 6.42 5.70 29.88
N LEU C 369 5.92 5.97 31.08
CA LEU C 369 6.62 6.80 32.06
C LEU C 369 7.88 6.10 32.53
N ASP C 370 7.75 4.79 32.82
CA ASP C 370 8.88 4.00 33.29
C ASP C 370 9.98 3.99 32.21
N GLU C 371 9.56 3.97 30.94
CA GLU C 371 10.46 3.86 29.80
C GLU C 371 11.30 5.12 29.62
N THR C 372 10.63 6.28 29.70
CA THR C 372 11.29 7.57 29.52
C THR C 372 12.21 7.82 30.73
N LEU C 373 11.83 7.25 31.88
CA LEU C 373 12.64 7.35 33.08
C LEU C 373 13.90 6.49 32.94
N THR C 374 13.74 5.24 32.50
CA THR C 374 14.88 4.36 32.27
C THR C 374 15.79 4.97 31.19
N ASP C 375 15.18 5.48 30.10
CA ASP C 375 15.94 5.98 28.98
C ASP C 375 16.83 7.14 29.43
N SER C 376 16.23 8.10 30.14
CA SER C 376 16.95 9.28 30.60
C SER C 376 18.20 8.86 31.37
N GLY C 377 18.15 7.67 31.98
CA GLY C 377 19.23 7.20 32.82
C GLY C 377 18.99 7.56 34.29
N GLY C 378 18.49 8.78 34.53
CA GLY C 378 17.99 9.15 35.84
C GLY C 378 16.97 8.13 36.33
N HIS C 379 16.53 8.23 37.59
CA HIS C 379 15.44 7.37 38.02
C HIS C 379 14.51 8.07 38.98
N GLY C 380 13.31 7.48 39.09
CA GLY C 380 12.24 7.95 39.96
C GLY C 380 11.14 6.90 40.06
N THR C 381 9.99 7.30 40.60
CA THR C 381 8.95 6.36 40.94
C THR C 381 7.68 6.73 40.19
N VAL C 382 6.91 5.71 39.80
CA VAL C 382 5.62 5.89 39.15
C VAL C 382 4.54 5.18 39.95
N MET C 383 3.47 5.92 40.30
CA MET C 383 2.40 5.39 41.12
C MET C 383 1.06 5.61 40.43
N HIS C 384 0.02 5.04 41.05
CA HIS C 384 -1.35 5.13 40.59
C HIS C 384 -2.23 5.40 41.80
N THR C 385 -3.50 5.73 41.56
CA THR C 385 -4.47 5.91 42.63
C THR C 385 -5.39 4.68 42.69
N LEU C 386 -6.42 4.66 41.84
CA LEU C 386 -7.28 3.50 41.74
C LEU C 386 -6.88 2.67 40.51
N ARG C 387 -7.32 1.41 40.53
CA ARG C 387 -7.30 0.53 39.37
C ARG C 387 -8.72 0.02 39.13
N ARG C 388 -8.97 -0.46 37.92
CA ARG C 388 -10.20 -1.16 37.60
C ARG C 388 -10.50 -2.17 38.71
N GLN C 389 -11.72 -2.08 39.27
CA GLN C 389 -12.24 -2.97 40.28
C GLN C 389 -11.45 -2.84 41.58
N LYS C 390 -10.67 -1.76 41.71
CA LYS C 390 -9.87 -1.50 42.89
C LYS C 390 -9.92 -0.02 43.24
N GLY C 391 -11.11 0.45 43.65
CA GLY C 391 -11.34 1.85 43.92
C GLY C 391 -11.93 2.07 45.30
N SER C 392 -11.56 1.18 46.23
CA SER C 392 -12.12 1.14 47.58
C SER C 392 -11.33 2.05 48.52
N ALA C 393 -11.90 2.28 49.71
CA ALA C 393 -11.19 2.98 50.77
C ALA C 393 -9.84 2.32 51.05
N LYS C 394 -9.86 1.00 51.23
CA LYS C 394 -8.63 0.27 51.48
C LYS C 394 -7.66 0.52 50.32
N ASP C 395 -8.17 0.53 49.09
CA ASP C 395 -7.30 0.61 47.93
C ASP C 395 -6.61 1.97 47.88
N PHE C 396 -7.34 3.04 48.21
CA PHE C 396 -6.76 4.37 48.28
C PHE C 396 -5.81 4.43 49.48
N GLY C 397 -6.17 3.68 50.54
CA GLY C 397 -5.29 3.46 51.67
C GLY C 397 -3.94 2.84 51.30
N MET C 398 -3.98 1.78 50.48
CA MET C 398 -2.76 1.17 49.97
C MET C 398 -1.91 2.21 49.25
N ALA C 399 -2.55 3.12 48.51
CA ALA C 399 -1.82 4.10 47.72
C ALA C 399 -1.26 5.19 48.63
N LEU C 400 -2.02 5.53 49.68
CA LEU C 400 -1.54 6.38 50.76
C LEU C 400 -0.22 5.83 51.30
N CYS C 401 -0.19 4.51 51.54
CA CYS C 401 0.95 3.82 52.13
C CYS C 401 2.17 3.88 51.21
N LEU C 402 1.95 3.54 49.94
CA LEU C 402 3.00 3.66 48.95
C LEU C 402 3.49 5.11 48.88
N ALA C 403 2.58 6.07 49.05
CA ALA C 403 2.95 7.47 49.03
C ALA C 403 3.88 7.77 50.20
N TYR C 404 3.46 7.35 51.40
CA TYR C 404 4.26 7.51 52.61
C TYR C 404 5.65 6.90 52.41
N VAL C 405 5.66 5.65 51.95
CA VAL C 405 6.88 4.86 51.88
C VAL C 405 7.84 5.47 50.85
N ASN C 406 7.29 6.21 49.89
CA ASN C 406 8.09 6.80 48.83
C ASN C 406 8.57 8.19 49.22
N GLY C 407 8.13 8.69 50.39
CA GLY C 407 8.73 9.86 50.99
C GLY C 407 7.73 11.01 51.19
N LEU C 408 6.52 10.84 50.66
CA LEU C 408 5.47 11.82 50.86
C LEU C 408 5.05 11.78 52.32
N GLU C 409 4.41 12.87 52.78
CA GLU C 409 4.00 12.98 54.18
C GLU C 409 2.48 13.05 54.27
N ILE C 410 1.91 12.30 55.21
CA ILE C 410 0.47 12.14 55.37
C ILE C 410 -0.03 13.07 56.46
N ASP C 411 -1.31 13.48 56.34
CA ASP C 411 -1.99 14.28 57.33
C ASP C 411 -2.86 13.36 58.18
N GLY C 412 -2.34 13.01 59.37
CA GLY C 412 -3.02 12.11 60.29
C GLY C 412 -4.39 12.65 60.72
N GLU C 413 -4.50 13.98 60.76
CA GLU C 413 -5.75 14.66 61.04
C GLU C 413 -6.82 14.16 60.08
N ALA C 414 -6.39 13.85 58.84
CA ALA C 414 -7.30 13.62 57.75
C ALA C 414 -7.72 12.15 57.68
N LEU C 415 -6.75 11.22 57.76
CA LEU C 415 -7.05 9.81 57.59
C LEU C 415 -7.41 9.17 58.94
N PHE C 416 -7.61 10.02 59.96
CA PHE C 416 -8.15 9.57 61.23
C PHE C 416 -9.11 10.63 61.78
N GLY C 417 -10.05 10.20 62.63
CA GLY C 417 -11.11 11.06 63.11
C GLY C 417 -10.59 12.17 64.01
N VAL D 1 -23.69 12.85 -15.58
CA VAL D 1 -23.20 11.54 -15.04
C VAL D 1 -23.91 11.27 -13.71
N PRO D 2 -24.74 10.21 -13.63
CA PRO D 2 -25.34 9.80 -12.36
C PRO D 2 -24.29 9.27 -11.39
N LEU D 3 -24.21 9.87 -10.20
CA LEU D 3 -23.37 9.37 -9.13
C LEU D 3 -24.22 8.89 -7.96
N LEU D 4 -24.49 7.57 -7.96
CA LEU D 4 -25.43 6.94 -7.05
C LEU D 4 -24.71 6.54 -5.77
N LEU D 5 -25.34 6.83 -4.62
CA LEU D 5 -24.68 6.68 -3.34
C LEU D 5 -25.63 6.04 -2.33
N SER D 6 -25.17 4.93 -1.73
CA SER D 6 -25.99 4.13 -0.83
C SER D 6 -25.24 3.89 0.47
N GLY D 7 -26.00 3.84 1.58
CA GLY D 7 -25.48 3.39 2.85
C GLY D 7 -26.56 2.72 3.70
N HIS D 8 -26.12 1.91 4.66
CA HIS D 8 -27.00 1.30 5.64
C HIS D 8 -27.54 2.36 6.60
N THR D 9 -26.88 3.53 6.64
CA THR D 9 -27.35 4.67 7.43
C THR D 9 -27.12 5.98 6.69
N GLU D 10 -27.67 7.06 7.24
CA GLU D 10 -27.42 8.42 6.77
C GLU D 10 -25.92 8.72 6.77
N ALA D 11 -25.26 8.38 7.88
CA ALA D 11 -23.87 8.75 8.10
C ALA D 11 -22.96 7.99 7.14
N ALA D 12 -23.32 6.74 6.85
CA ALA D 12 -22.57 5.89 5.94
C ALA D 12 -22.61 6.48 4.53
N LEU D 13 -23.80 6.95 4.15
CA LEU D 13 -24.02 7.69 2.92
C LEU D 13 -23.12 8.92 2.90
N ARG D 14 -22.98 9.58 4.07
CA ARG D 14 -22.25 10.83 4.15
C ARG D 14 -20.76 10.60 3.93
N GLU D 15 -20.19 9.52 4.51
CA GLU D 15 -18.78 9.23 4.30
C GLU D 15 -18.53 8.78 2.86
N GLN D 16 -19.49 8.03 2.30
CA GLN D 16 -19.42 7.60 0.91
C GLN D 16 -19.19 8.83 0.02
N SER D 17 -19.84 9.93 0.39
CA SER D 17 -19.81 11.17 -0.38
C SER D 17 -18.43 11.83 -0.27
N THR D 18 -17.90 11.87 0.96
CA THR D 18 -16.62 12.51 1.23
C THR D 18 -15.52 11.77 0.46
N HIS D 45 -26.07 -2.29 -2.43
CA HIS D 45 -26.98 -1.17 -2.29
C HIS D 45 -27.87 -1.37 -1.07
N PHE D 46 -28.13 -0.27 -0.35
CA PHE D 46 -28.73 -0.31 0.97
C PHE D 46 -29.84 0.73 1.05
N GLY D 47 -30.35 0.97 2.27
CA GLY D 47 -31.68 1.52 2.46
C GLY D 47 -31.72 3.04 2.34
N HIS D 48 -30.62 3.70 2.68
CA HIS D 48 -30.50 5.14 2.53
C HIS D 48 -29.79 5.45 1.21
N ARG D 49 -30.52 6.08 0.28
CA ARG D 49 -30.03 6.28 -1.08
C ARG D 49 -30.16 7.74 -1.47
N ALA D 50 -29.22 8.19 -2.30
CA ALA D 50 -29.13 9.57 -2.78
C ALA D 50 -28.45 9.56 -4.15
N ALA D 51 -28.76 10.57 -4.98
CA ALA D 51 -28.21 10.64 -6.31
C ALA D 51 -27.67 12.04 -6.57
N VAL D 52 -26.47 12.13 -7.16
CA VAL D 52 -25.83 13.40 -7.40
C VAL D 52 -25.57 13.55 -8.90
N ILE D 53 -26.30 14.45 -9.55
CA ILE D 53 -26.11 14.72 -10.97
C ILE D 53 -25.44 16.08 -11.14
N GLY D 54 -24.12 16.06 -11.32
CA GLY D 54 -23.35 17.28 -11.54
C GLY D 54 -23.44 17.75 -13.00
N ALA D 66 -22.37 18.79 -0.09
CA ALA D 66 -23.69 19.07 0.47
C ALA D 66 -24.25 17.83 1.18
N LEU D 67 -24.31 16.71 0.46
CA LEU D 67 -24.82 15.47 1.02
C LEU D 67 -23.95 15.03 2.19
N ALA D 68 -22.62 15.15 2.03
CA ALA D 68 -21.66 14.77 3.05
C ALA D 68 -21.93 15.53 4.35
N GLU D 69 -22.54 16.71 4.24
CA GLU D 69 -22.75 17.60 5.37
C GLU D 69 -24.22 17.55 5.82
N GLY D 70 -25.04 16.78 5.10
CA GLY D 70 -26.43 16.57 5.46
C GLY D 70 -27.31 17.77 5.17
N ARG D 71 -26.98 18.52 4.12
CA ARG D 71 -27.73 19.72 3.73
C ARG D 71 -28.26 19.56 2.31
N GLU D 72 -29.47 20.10 2.09
CA GLU D 72 -30.24 19.84 0.88
C GLU D 72 -29.69 20.69 -0.27
N HIS D 73 -30.03 20.28 -1.50
CA HIS D 73 -29.40 20.79 -2.71
C HIS D 73 -30.22 20.33 -3.90
N HIS D 74 -30.30 21.15 -4.96
CA HIS D 74 -31.16 20.87 -6.09
C HIS D 74 -30.75 19.56 -6.76
N THR D 75 -29.48 19.45 -7.14
CA THR D 75 -29.02 18.35 -7.97
C THR D 75 -29.34 17.02 -7.31
N VAL D 76 -29.38 16.99 -5.97
CA VAL D 76 -29.51 15.75 -5.23
C VAL D 76 -30.98 15.35 -5.18
N VAL D 77 -31.25 14.06 -5.35
CA VAL D 77 -32.62 13.56 -5.40
C VAL D 77 -32.98 12.94 -4.06
N ARG D 78 -32.26 11.88 -3.68
CA ARG D 78 -32.41 11.29 -2.36
C ARG D 78 -33.88 11.25 -1.97
N GLY D 79 -34.77 11.09 -2.97
CA GLY D 79 -36.18 10.83 -2.70
C GLY D 79 -36.34 9.74 -1.64
N ASP D 80 -37.44 9.79 -0.87
CA ASP D 80 -37.61 8.93 0.29
C ASP D 80 -39.05 8.45 0.35
N GLY D 81 -39.38 7.78 1.46
CA GLY D 81 -40.70 7.20 1.65
C GLY D 81 -40.59 5.74 2.08
N THR D 82 -41.33 4.87 1.39
CA THR D 82 -41.34 3.45 1.72
C THR D 82 -40.19 2.76 0.98
N ALA D 83 -38.96 3.13 1.35
CA ALA D 83 -37.78 2.67 0.63
C ALA D 83 -37.36 1.29 1.13
N HIS D 84 -38.20 0.28 0.85
CA HIS D 84 -37.81 -1.10 1.02
C HIS D 84 -36.54 -1.37 0.20
N PRO D 85 -35.66 -2.29 0.64
CA PRO D 85 -34.51 -2.71 -0.16
C PRO D 85 -34.89 -3.34 -1.50
N ASP D 86 -36.00 -4.09 -1.50
CA ASP D 86 -36.42 -4.84 -2.68
C ASP D 86 -37.86 -4.44 -3.03
N ARG D 87 -38.03 -3.25 -3.60
CA ARG D 87 -39.35 -2.70 -3.82
C ARG D 87 -39.86 -3.13 -5.19
N ARG D 88 -41.17 -3.42 -5.26
CA ARG D 88 -41.80 -3.85 -6.51
C ARG D 88 -42.50 -2.65 -7.16
N VAL D 89 -42.29 -2.45 -8.46
CA VAL D 89 -42.83 -1.29 -9.14
C VAL D 89 -43.97 -1.72 -10.06
N VAL D 90 -45.14 -1.10 -9.85
CA VAL D 90 -46.29 -1.26 -10.73
C VAL D 90 -46.15 -0.29 -11.89
N PHE D 91 -46.15 -0.83 -13.12
CA PHE D 91 -46.15 -0.01 -14.33
C PHE D 91 -47.57 0.41 -14.65
N VAL D 92 -47.76 1.74 -14.79
CA VAL D 92 -49.05 2.31 -15.12
C VAL D 92 -49.00 2.82 -16.55
N PHE D 93 -49.99 2.41 -17.35
CA PHE D 93 -50.10 2.77 -18.76
C PHE D 93 -51.37 3.58 -18.96
N PRO D 94 -51.31 4.94 -18.91
CA PRO D 94 -52.51 5.77 -18.98
C PRO D 94 -53.01 5.76 -20.41
N GLY D 95 -53.99 6.61 -20.73
CA GLY D 95 -54.54 6.71 -22.07
C GLY D 95 -54.12 7.98 -22.79
N GLN D 96 -55.00 8.44 -23.69
CA GLN D 96 -54.66 9.45 -24.67
C GLN D 96 -54.45 10.78 -23.95
N GLY D 97 -53.71 11.69 -24.61
CA GLY D 97 -53.58 13.06 -24.15
C GLY D 97 -52.19 13.35 -23.57
N SER D 98 -51.34 12.32 -23.60
CA SER D 98 -49.99 12.37 -23.05
C SER D 98 -48.99 12.68 -24.16
N GLN D 99 -49.49 12.77 -25.40
CA GLN D 99 -48.63 12.88 -26.56
C GLN D 99 -48.04 14.29 -26.65
N TRP D 100 -46.87 14.37 -27.29
CA TRP D 100 -46.32 15.65 -27.70
C TRP D 100 -45.31 15.40 -28.81
N PRO D 101 -45.13 16.37 -29.74
CA PRO D 101 -44.59 16.09 -31.07
C PRO D 101 -43.17 15.55 -31.10
N SER D 102 -42.33 15.92 -30.14
CA SER D 102 -40.93 15.50 -30.13
C SER D 102 -40.69 14.42 -29.08
N MET D 103 -41.76 13.86 -28.50
CA MET D 103 -41.67 13.03 -27.33
C MET D 103 -40.65 11.90 -27.51
N ALA D 104 -40.38 11.52 -28.76
CA ALA D 104 -39.58 10.32 -29.03
C ALA D 104 -38.20 10.67 -29.58
N ARG D 105 -37.98 11.91 -30.01
CA ARG D 105 -36.87 12.25 -30.88
C ARG D 105 -35.54 11.80 -30.27
N ASP D 106 -35.23 12.31 -29.07
CA ASP D 106 -33.91 12.08 -28.52
C ASP D 106 -33.74 10.59 -28.23
N LEU D 107 -34.77 9.96 -27.67
CA LEU D 107 -34.70 8.58 -27.22
C LEU D 107 -34.43 7.65 -28.40
N LEU D 108 -34.98 8.02 -29.57
CA LEU D 108 -34.78 7.25 -30.78
C LEU D 108 -33.31 7.28 -31.17
N ASP D 109 -32.63 8.39 -30.86
CA ASP D 109 -31.23 8.57 -31.20
C ASP D 109 -30.34 7.85 -30.19
N ARG D 110 -30.74 7.86 -28.91
CA ARG D 110 -29.80 7.65 -27.82
C ARG D 110 -30.06 6.32 -27.10
N ALA D 111 -31.28 5.80 -27.19
CA ALA D 111 -31.61 4.54 -26.52
C ALA D 111 -31.90 3.45 -27.55
N PRO D 112 -31.03 2.42 -27.67
CA PRO D 112 -31.27 1.33 -28.61
C PRO D 112 -32.47 0.46 -28.22
N ALA D 113 -32.71 0.32 -26.90
CA ALA D 113 -33.84 -0.46 -26.42
C ALA D 113 -35.15 0.19 -26.84
N PHE D 114 -35.19 1.53 -26.71
CA PHE D 114 -36.29 2.33 -27.22
C PHE D 114 -36.47 2.07 -28.73
N ARG D 115 -35.38 2.27 -29.48
CA ARG D 115 -35.47 2.38 -30.93
C ARG D 115 -35.94 1.03 -31.47
N GLU D 116 -35.49 -0.05 -30.83
CA GLU D 116 -35.68 -1.38 -31.38
C GLU D 116 -37.12 -1.82 -31.17
N THR D 117 -37.74 -1.38 -30.06
CA THR D 117 -39.11 -1.74 -29.79
C THR D 117 -40.04 -0.87 -30.64
N ALA D 118 -39.55 0.32 -31.01
CA ALA D 118 -40.30 1.19 -31.90
C ALA D 118 -40.20 0.69 -33.34
N LYS D 119 -39.04 0.15 -33.72
CA LYS D 119 -38.89 -0.46 -35.04
C LYS D 119 -39.81 -1.68 -35.13
N ALA D 120 -39.90 -2.44 -34.03
CA ALA D 120 -40.68 -3.67 -34.01
C ALA D 120 -42.18 -3.34 -33.99
N CYS D 121 -42.58 -2.29 -33.25
CA CYS D 121 -43.97 -1.85 -33.25
C CYS D 121 -44.36 -1.33 -34.62
N ASP D 122 -43.46 -0.53 -35.20
CA ASP D 122 -43.67 0.03 -36.52
C ASP D 122 -43.97 -1.09 -37.50
N ALA D 123 -43.15 -2.14 -37.45
CA ALA D 123 -43.24 -3.24 -38.40
C ALA D 123 -44.57 -3.96 -38.25
N ALA D 124 -45.00 -4.18 -37.00
CA ALA D 124 -46.19 -4.99 -36.75
C ALA D 124 -47.45 -4.18 -37.08
N LEU D 125 -47.40 -2.86 -36.87
CA LEU D 125 -48.55 -2.00 -37.13
C LEU D 125 -48.69 -1.73 -38.63
N SER D 126 -47.56 -1.78 -39.36
CA SER D 126 -47.51 -1.40 -40.76
C SER D 126 -48.33 -2.36 -41.62
N VAL D 127 -48.46 -3.60 -41.14
CA VAL D 127 -49.32 -4.60 -41.76
C VAL D 127 -50.75 -4.07 -41.90
N HIS D 128 -51.12 -3.09 -41.07
CA HIS D 128 -52.52 -2.67 -40.95
C HIS D 128 -52.71 -1.22 -41.38
N LEU D 129 -51.63 -0.45 -41.53
CA LEU D 129 -51.73 0.98 -41.75
C LEU D 129 -51.04 1.36 -43.06
N ASP D 130 -51.59 2.36 -43.74
CA ASP D 130 -50.95 2.93 -44.92
C ASP D 130 -50.01 4.06 -44.52
N TRP D 131 -49.51 4.02 -43.27
CA TRP D 131 -48.53 5.00 -42.81
C TRP D 131 -47.62 4.34 -41.76
N SER D 132 -46.51 5.02 -41.46
CA SER D 132 -45.47 4.53 -40.56
C SER D 132 -45.51 5.30 -39.23
N VAL D 133 -45.39 4.54 -38.13
CA VAL D 133 -45.31 5.13 -36.80
C VAL D 133 -43.96 5.81 -36.62
N LEU D 134 -42.88 5.23 -37.16
CA LEU D 134 -41.57 5.82 -36.99
C LEU D 134 -41.56 7.20 -37.63
N ASP D 135 -42.27 7.35 -38.76
CA ASP D 135 -42.31 8.60 -39.49
C ASP D 135 -42.92 9.69 -38.61
N VAL D 136 -43.94 9.34 -37.81
CA VAL D 136 -44.60 10.31 -36.96
C VAL D 136 -43.72 10.60 -35.73
N LEU D 137 -43.14 9.57 -35.13
CA LEU D 137 -42.27 9.75 -33.98
C LEU D 137 -41.09 10.64 -34.34
N GLN D 138 -40.64 10.61 -35.61
CA GLN D 138 -39.50 11.43 -35.99
C GLN D 138 -39.96 12.60 -36.86
N GLU D 139 -41.24 12.96 -36.72
CA GLU D 139 -41.72 14.24 -37.17
C GLU D 139 -41.33 14.43 -38.64
N LYS D 140 -41.33 13.35 -39.41
CA LYS D 140 -41.06 13.45 -40.84
C LYS D 140 -42.20 14.25 -41.47
N PRO D 141 -41.88 15.16 -42.43
CA PRO D 141 -42.80 16.25 -42.79
C PRO D 141 -44.08 15.71 -43.41
N ASP D 142 -43.97 14.55 -44.07
CA ASP D 142 -45.03 14.00 -44.89
C ASP D 142 -45.82 12.96 -44.10
N ALA D 143 -45.48 12.77 -42.82
CA ALA D 143 -46.20 11.84 -41.97
C ALA D 143 -47.52 12.46 -41.54
N PRO D 144 -48.55 11.63 -41.24
CA PRO D 144 -49.85 12.13 -40.83
C PRO D 144 -49.80 12.83 -39.47
N PRO D 145 -50.83 13.66 -39.17
CA PRO D 145 -50.91 14.38 -37.90
C PRO D 145 -51.02 13.51 -36.65
N LEU D 146 -50.13 13.78 -35.70
CA LEU D 146 -50.13 13.15 -34.39
C LEU D 146 -51.53 13.18 -33.79
N SER D 147 -52.29 14.22 -34.14
CA SER D 147 -53.48 14.60 -33.38
C SER D 147 -54.67 13.75 -33.81
N ARG D 148 -54.63 13.28 -35.06
CA ARG D 148 -55.68 12.43 -35.62
C ARG D 148 -55.73 11.09 -34.88
N VAL D 149 -56.96 10.62 -34.57
CA VAL D 149 -57.17 9.67 -33.49
C VAL D 149 -56.65 8.29 -33.91
N ASP D 150 -56.73 7.98 -35.21
CA ASP D 150 -56.15 6.75 -35.72
C ASP D 150 -54.61 6.83 -35.76
N VAL D 151 -54.04 8.01 -35.48
CA VAL D 151 -52.59 8.15 -35.48
C VAL D 151 -52.08 8.09 -34.04
N VAL D 152 -52.80 8.74 -33.12
CA VAL D 152 -52.30 8.96 -31.78
C VAL D 152 -52.27 7.62 -31.02
N GLN D 153 -53.25 6.75 -31.25
CA GLN D 153 -53.42 5.60 -30.38
C GLN D 153 -52.34 4.55 -30.67
N PRO D 154 -52.04 4.23 -31.96
CA PRO D 154 -50.87 3.42 -32.29
C PRO D 154 -49.55 4.07 -31.86
N VAL D 155 -49.49 5.39 -31.94
CA VAL D 155 -48.26 6.11 -31.61
C VAL D 155 -48.02 6.02 -30.11
N LEU D 156 -49.06 6.22 -29.29
CA LEU D 156 -48.92 6.18 -27.84
C LEU D 156 -48.75 4.74 -27.37
N PHE D 157 -49.35 3.76 -28.08
CA PHE D 157 -49.09 2.36 -27.79
C PHE D 157 -47.59 2.07 -27.95
N THR D 158 -47.03 2.47 -29.10
CA THR D 158 -45.62 2.24 -29.39
C THR D 158 -44.74 2.89 -28.33
N MET D 159 -45.03 4.16 -27.99
CA MET D 159 -44.25 4.93 -27.04
C MET D 159 -44.17 4.20 -25.70
N MET D 160 -45.32 3.69 -25.22
CA MET D 160 -45.40 3.11 -23.89
C MET D 160 -44.76 1.72 -23.86
N LEU D 161 -44.78 1.00 -25.00
CA LEU D 161 -44.01 -0.23 -25.12
C LEU D 161 -42.52 0.08 -25.20
N SER D 162 -42.15 1.13 -25.95
CA SER D 162 -40.76 1.42 -26.20
C SER D 162 -40.09 1.96 -24.93
N LEU D 163 -40.87 2.68 -24.11
CA LEU D 163 -40.43 3.19 -22.82
C LEU D 163 -40.35 2.05 -21.80
N ALA D 164 -41.31 1.12 -21.84
CA ALA D 164 -41.29 -0.01 -20.92
C ALA D 164 -40.06 -0.86 -21.17
N ALA D 165 -39.80 -1.18 -22.44
CA ALA D 165 -38.58 -1.88 -22.82
C ALA D 165 -37.35 -1.13 -22.32
N CYS D 166 -37.41 0.21 -22.42
CA CYS D 166 -36.28 1.05 -22.07
C CYS D 166 -36.00 0.95 -20.57
N TRP D 167 -37.05 0.88 -19.75
CA TRP D 167 -36.92 0.65 -18.32
C TRP D 167 -36.31 -0.73 -18.05
N ARG D 168 -36.86 -1.77 -18.70
CA ARG D 168 -36.43 -3.13 -18.42
C ARG D 168 -34.98 -3.33 -18.83
N ASP D 169 -34.55 -2.65 -19.90
CA ASP D 169 -33.17 -2.74 -20.34
C ASP D 169 -32.25 -2.19 -19.26
N LEU D 170 -32.72 -1.15 -18.58
CA LEU D 170 -31.95 -0.48 -17.54
C LEU D 170 -32.19 -1.13 -16.18
N GLY D 171 -32.95 -2.23 -16.14
CA GLY D 171 -33.02 -3.09 -14.98
C GLY D 171 -34.30 -2.93 -14.15
N VAL D 172 -35.27 -2.14 -14.66
CA VAL D 172 -36.51 -1.98 -13.94
C VAL D 172 -37.62 -2.79 -14.61
N HIS D 173 -38.11 -3.80 -13.88
CA HIS D 173 -39.01 -4.82 -14.41
C HIS D 173 -40.34 -4.71 -13.68
N PRO D 174 -41.48 -4.85 -14.40
CA PRO D 174 -42.79 -4.69 -13.78
C PRO D 174 -43.09 -5.92 -12.94
N ALA D 175 -43.46 -5.69 -11.69
CA ALA D 175 -44.08 -6.69 -10.84
C ALA D 175 -45.59 -6.75 -11.10
N ALA D 176 -46.14 -5.70 -11.74
CA ALA D 176 -47.54 -5.68 -12.12
C ALA D 176 -47.79 -4.55 -13.12
N VAL D 177 -48.97 -4.55 -13.74
CA VAL D 177 -49.35 -3.50 -14.68
C VAL D 177 -50.81 -3.14 -14.43
N VAL D 178 -51.13 -1.86 -14.64
CA VAL D 178 -52.50 -1.40 -14.78
C VAL D 178 -52.53 -0.36 -15.91
N GLY D 179 -53.58 -0.45 -16.73
CA GLY D 179 -53.75 0.45 -17.85
C GLY D 179 -55.05 1.24 -17.73
N HIS D 180 -55.05 2.45 -18.29
CA HIS D 180 -56.22 3.31 -18.28
C HIS D 180 -56.75 3.41 -19.70
N SER D 181 -57.99 2.93 -19.91
CA SER D 181 -58.63 3.00 -21.21
C SER D 181 -57.79 2.25 -22.25
N GLN D 182 -57.36 2.95 -23.31
CA GLN D 182 -56.60 2.35 -24.39
C GLN D 182 -55.24 1.87 -23.86
N GLY D 183 -54.87 2.30 -22.66
CA GLY D 183 -53.60 1.92 -22.06
C GLY D 183 -53.54 0.43 -21.71
N GLU D 184 -54.72 -0.18 -21.50
CA GLU D 184 -54.80 -1.58 -21.14
C GLU D 184 -54.23 -2.44 -22.28
N ILE D 185 -54.22 -1.90 -23.49
CA ILE D 185 -53.67 -2.61 -24.64
C ILE D 185 -52.14 -2.71 -24.52
N ALA D 186 -51.48 -1.58 -24.25
CA ALA D 186 -50.04 -1.57 -24.00
C ALA D 186 -49.70 -2.44 -22.79
N ALA D 187 -50.52 -2.32 -21.73
CA ALA D 187 -50.30 -3.08 -20.51
C ALA D 187 -50.39 -4.59 -20.74
N ALA D 188 -51.39 -5.01 -21.53
CA ALA D 188 -51.57 -6.43 -21.83
C ALA D 188 -50.37 -6.95 -22.61
N CYS D 189 -49.80 -6.11 -23.48
CA CYS D 189 -48.64 -6.52 -24.27
C CYS D 189 -47.37 -6.52 -23.40
N VAL D 190 -47.22 -5.54 -22.48
CA VAL D 190 -46.08 -5.53 -21.58
C VAL D 190 -46.14 -6.75 -20.67
N ALA D 191 -47.35 -7.12 -20.24
CA ALA D 191 -47.53 -8.12 -19.20
C ALA D 191 -47.53 -9.53 -19.79
N GLY D 192 -47.58 -9.65 -21.12
CA GLY D 192 -47.45 -10.95 -21.78
C GLY D 192 -48.80 -11.50 -22.26
N ALA D 193 -49.88 -10.73 -22.05
CA ALA D 193 -51.23 -11.22 -22.29
C ALA D 193 -51.52 -11.33 -23.78
N LEU D 194 -51.08 -10.34 -24.55
CA LEU D 194 -51.28 -10.34 -25.99
C LEU D 194 -49.92 -10.44 -26.66
N SER D 195 -49.85 -11.07 -27.84
CA SER D 195 -48.73 -10.86 -28.74
C SER D 195 -48.67 -9.40 -29.19
N LEU D 196 -47.46 -8.96 -29.56
CA LEU D 196 -47.26 -7.72 -30.29
C LEU D 196 -48.24 -7.64 -31.46
N GLU D 197 -48.39 -8.74 -32.21
CA GLU D 197 -49.24 -8.77 -33.39
C GLU D 197 -50.70 -8.46 -33.02
N ASP D 198 -51.21 -9.08 -31.96
CA ASP D 198 -52.61 -8.91 -31.62
C ASP D 198 -52.85 -7.51 -31.06
N ALA D 199 -51.94 -7.04 -30.19
CA ALA D 199 -52.01 -5.71 -29.65
C ALA D 199 -52.04 -4.69 -30.79
N ALA D 200 -51.08 -4.80 -31.69
CA ALA D 200 -50.96 -3.94 -32.87
C ALA D 200 -52.30 -3.88 -33.59
N ARG D 201 -52.86 -5.04 -33.91
CA ARG D 201 -54.11 -5.11 -34.64
C ARG D 201 -55.21 -4.40 -33.88
N ILE D 202 -55.30 -4.63 -32.57
CA ILE D 202 -56.36 -4.05 -31.77
C ILE D 202 -56.27 -2.52 -31.85
N VAL D 203 -55.08 -1.99 -31.57
CA VAL D 203 -54.92 -0.55 -31.38
C VAL D 203 -55.11 0.15 -32.73
N ALA D 204 -54.70 -0.54 -33.80
CA ALA D 204 -54.81 0.02 -35.15
C ALA D 204 -56.28 0.12 -35.55
N LEU D 205 -57.06 -0.92 -35.25
CA LEU D 205 -58.40 -1.07 -35.80
C LEU D 205 -59.45 -0.41 -34.89
N ARG D 206 -59.22 -0.39 -33.57
CA ARG D 206 -60.13 0.30 -32.67
C ARG D 206 -60.00 1.80 -32.88
N SER D 207 -58.80 2.26 -33.26
CA SER D 207 -58.55 3.68 -33.40
C SER D 207 -59.06 4.17 -34.75
N ARG D 208 -59.08 3.29 -35.76
CA ARG D 208 -59.67 3.59 -37.05
C ARG D 208 -61.20 3.66 -36.95
N ALA D 209 -61.80 2.79 -36.13
CA ALA D 209 -63.23 2.84 -35.89
C ALA D 209 -63.62 4.24 -35.39
N TRP D 210 -62.72 4.87 -34.63
CA TRP D 210 -63.02 6.10 -33.92
C TRP D 210 -62.97 7.30 -34.86
N LEU D 211 -62.15 7.18 -35.91
CA LEU D 211 -62.02 8.19 -36.96
C LEU D 211 -63.42 8.70 -37.36
N THR D 212 -64.40 7.80 -37.32
CA THR D 212 -65.76 8.11 -37.75
C THR D 212 -66.41 9.16 -36.83
N LEU D 213 -65.96 9.22 -35.57
CA LEU D 213 -66.66 9.94 -34.53
C LEU D 213 -65.79 11.07 -33.98
N ALA D 214 -64.64 11.31 -34.62
CA ALA D 214 -63.71 12.34 -34.21
C ALA D 214 -64.37 13.71 -34.30
N GLY D 215 -64.42 14.43 -33.17
CA GLY D 215 -64.96 15.78 -33.11
C GLY D 215 -66.49 15.81 -33.03
N LYS D 216 -67.12 14.65 -32.77
CA LYS D 216 -68.53 14.63 -32.41
C LYS D 216 -68.66 14.36 -30.91
N GLY D 217 -67.54 14.40 -30.20
CA GLY D 217 -67.52 14.09 -28.77
C GLY D 217 -66.17 14.41 -28.15
N GLY D 218 -66.13 14.37 -26.82
CA GLY D 218 -64.91 14.68 -26.07
C GLY D 218 -64.97 14.09 -24.67
N MET D 219 -63.94 14.41 -23.88
CA MET D 219 -63.81 13.90 -22.53
C MET D 219 -63.31 15.02 -21.62
N ALA D 220 -63.80 15.05 -20.38
CA ALA D 220 -63.39 16.06 -19.42
C ALA D 220 -63.12 15.40 -18.08
N ALA D 221 -62.09 15.91 -17.37
CA ALA D 221 -61.82 15.50 -16.01
C ALA D 221 -62.56 16.46 -15.07
N VAL D 222 -63.18 15.92 -14.03
CA VAL D 222 -63.87 16.75 -13.07
C VAL D 222 -63.49 16.28 -11.67
N SER D 223 -63.21 17.23 -10.78
CA SER D 223 -62.84 16.91 -9.40
C SER D 223 -64.09 16.70 -8.56
N LEU D 224 -64.78 15.59 -8.82
CA LEU D 224 -65.90 15.16 -8.01
C LEU D 224 -65.80 13.65 -7.78
N PRO D 225 -66.37 13.13 -6.67
CA PRO D 225 -66.61 11.70 -6.54
C PRO D 225 -67.57 11.22 -7.64
N GLU D 226 -67.41 9.96 -8.04
CA GLU D 226 -68.30 9.35 -9.01
C GLU D 226 -69.75 9.75 -8.72
N ALA D 227 -70.16 9.62 -7.45
CA ALA D 227 -71.56 9.66 -7.09
C ALA D 227 -72.14 11.05 -7.33
N ARG D 228 -71.32 12.08 -7.02
CA ARG D 228 -71.73 13.46 -7.18
C ARG D 228 -71.77 13.82 -8.67
N LEU D 229 -70.92 13.16 -9.46
CA LEU D 229 -70.87 13.40 -10.89
C LEU D 229 -72.06 12.73 -11.58
N ARG D 230 -72.45 11.54 -11.09
CA ARG D 230 -73.54 10.80 -11.68
C ARG D 230 -74.85 11.56 -11.45
N GLU D 231 -74.94 12.22 -10.29
CA GLU D 231 -76.06 13.09 -9.95
C GLU D 231 -76.16 14.22 -10.96
N ARG D 232 -75.00 14.75 -11.37
CA ARG D 232 -74.92 15.96 -12.14
C ARG D 232 -75.13 15.70 -13.63
N ILE D 233 -75.11 14.43 -14.06
CA ILE D 233 -75.24 14.14 -15.48
C ILE D 233 -76.54 13.42 -15.78
N GLU D 234 -77.38 13.18 -14.76
CA GLU D 234 -78.65 12.49 -14.95
C GLU D 234 -79.44 13.14 -16.08
N ARG D 235 -79.54 14.48 -16.05
CA ARG D 235 -80.51 15.19 -16.87
C ARG D 235 -80.14 15.10 -18.35
N PHE D 236 -78.88 14.73 -18.62
CA PHE D 236 -78.37 14.67 -19.98
C PHE D 236 -78.66 13.29 -20.58
N GLY D 237 -79.16 12.38 -19.73
CA GLY D 237 -79.27 10.98 -20.09
C GLY D 237 -78.02 10.49 -20.82
N GLN D 238 -78.21 9.91 -22.00
CA GLN D 238 -77.17 9.12 -22.64
C GLN D 238 -76.24 10.04 -23.43
N ARG D 239 -76.44 11.36 -23.30
CA ARG D 239 -75.59 12.33 -23.97
C ARG D 239 -74.25 12.42 -23.24
N LEU D 240 -74.29 12.17 -21.93
CA LEU D 240 -73.09 12.17 -21.12
C LEU D 240 -73.00 10.85 -20.34
N SER D 241 -71.77 10.33 -20.25
CA SER D 241 -71.48 9.10 -19.55
C SER D 241 -70.33 9.33 -18.59
N VAL D 242 -70.29 8.54 -17.50
CA VAL D 242 -69.09 8.44 -16.68
C VAL D 242 -68.04 7.64 -17.45
N ALA D 243 -66.86 8.23 -17.64
CA ALA D 243 -65.83 7.63 -18.48
C ALA D 243 -64.77 6.97 -17.61
N ALA D 244 -64.56 7.51 -16.39
CA ALA D 244 -63.55 6.98 -15.49
C ALA D 244 -63.83 7.41 -14.05
N VAL D 245 -63.46 6.54 -13.12
CA VAL D 245 -63.47 6.83 -11.69
C VAL D 245 -62.04 6.67 -11.20
N ASN D 246 -61.32 7.78 -11.04
CA ASN D 246 -59.86 7.71 -10.96
C ASN D 246 -59.38 7.83 -9.52
N SER D 247 -60.22 8.41 -8.66
CA SER D 247 -59.83 8.72 -7.30
C SER D 247 -61.10 8.90 -6.49
N PRO D 248 -61.01 8.91 -5.15
CA PRO D 248 -62.18 9.19 -4.32
C PRO D 248 -62.89 10.48 -4.71
N GLY D 249 -62.14 11.49 -5.16
CA GLY D 249 -62.75 12.74 -5.58
C GLY D 249 -62.32 13.19 -6.98
N THR D 250 -61.96 12.21 -7.83
CA THR D 250 -61.62 12.49 -9.22
C THR D 250 -62.34 11.48 -10.11
N ALA D 251 -62.95 11.98 -11.18
CA ALA D 251 -63.60 11.15 -12.19
C ALA D 251 -63.49 11.83 -13.55
N ALA D 252 -64.06 11.18 -14.58
CA ALA D 252 -64.03 11.70 -15.93
C ALA D 252 -65.39 11.49 -16.61
N VAL D 253 -65.72 12.42 -17.51
CA VAL D 253 -67.01 12.41 -18.19
C VAL D 253 -66.75 12.55 -19.68
N ALA D 254 -67.50 11.79 -20.49
CA ALA D 254 -67.39 11.87 -21.94
C ALA D 254 -68.79 11.92 -22.54
N GLY D 255 -68.85 12.31 -23.81
CA GLY D 255 -70.12 12.35 -24.55
C GLY D 255 -70.17 13.55 -25.49
N ASP D 256 -71.39 14.00 -25.80
CA ASP D 256 -71.63 14.94 -26.88
C ASP D 256 -71.05 16.30 -26.46
N VAL D 257 -70.39 17.00 -27.41
CA VAL D 257 -69.57 18.15 -27.07
C VAL D 257 -70.45 19.25 -26.47
N ASP D 258 -71.71 19.32 -26.94
CA ASP D 258 -72.65 20.34 -26.51
C ASP D 258 -72.96 20.17 -25.03
N ALA D 259 -73.16 18.91 -24.61
CA ALA D 259 -73.50 18.58 -23.23
C ALA D 259 -72.28 18.73 -22.33
N LEU D 260 -71.10 18.38 -22.83
CA LEU D 260 -69.86 18.65 -22.14
C LEU D 260 -69.77 20.15 -21.85
N ARG D 261 -69.99 20.96 -22.90
CA ARG D 261 -69.89 22.42 -22.80
C ARG D 261 -70.84 22.92 -21.71
N GLU D 262 -72.09 22.44 -21.72
CA GLU D 262 -73.10 22.81 -20.73
C GLU D 262 -72.62 22.44 -19.33
N LEU D 263 -72.42 21.14 -19.13
CA LEU D 263 -72.05 20.60 -17.83
C LEU D 263 -70.81 21.32 -17.28
N LEU D 264 -69.76 21.41 -18.09
CA LEU D 264 -68.54 22.09 -17.68
C LEU D 264 -68.83 23.54 -17.31
N ALA D 265 -69.72 24.21 -18.04
CA ALA D 265 -70.09 25.59 -17.72
C ALA D 265 -70.76 25.64 -16.35
N GLU D 266 -71.66 24.70 -16.07
CA GLU D 266 -72.32 24.61 -14.78
C GLU D 266 -71.29 24.50 -13.66
N LEU D 267 -70.35 23.57 -13.83
CA LEU D 267 -69.42 23.19 -12.79
C LEU D 267 -68.48 24.35 -12.47
N THR D 268 -67.90 24.93 -13.53
CA THR D 268 -66.95 26.03 -13.38
C THR D 268 -67.62 27.17 -12.63
N ALA D 269 -68.86 27.47 -13.01
CA ALA D 269 -69.66 28.50 -12.39
C ALA D 269 -69.80 28.26 -10.88
N GLU D 270 -69.76 26.99 -10.45
CA GLU D 270 -69.98 26.65 -9.06
C GLU D 270 -68.64 26.45 -8.36
N GLY D 271 -67.55 26.79 -9.04
CA GLY D 271 -66.22 26.73 -8.46
C GLY D 271 -65.70 25.30 -8.27
N ILE D 272 -66.17 24.37 -9.12
CA ILE D 272 -65.69 23.01 -9.14
C ILE D 272 -64.73 22.84 -10.32
N ARG D 273 -63.51 22.37 -10.03
CA ARG D 273 -62.49 22.20 -11.05
C ARG D 273 -62.95 21.14 -12.06
N ALA D 274 -63.04 21.57 -13.32
CA ALA D 274 -63.40 20.70 -14.44
C ALA D 274 -62.74 21.23 -15.71
N LYS D 275 -62.14 20.31 -16.48
CA LYS D 275 -61.39 20.65 -17.69
C LYS D 275 -61.72 19.68 -18.81
N PRO D 276 -61.77 20.12 -20.07
CA PRO D 276 -61.55 19.22 -21.20
C PRO D 276 -60.22 18.51 -21.04
N ILE D 277 -60.19 17.23 -21.41
CA ILE D 277 -58.93 16.50 -21.50
C ILE D 277 -58.29 16.84 -22.85
N PRO D 278 -57.14 17.52 -22.86
CA PRO D 278 -56.57 18.02 -24.11
C PRO D 278 -55.94 16.87 -24.89
N GLY D 279 -56.09 16.92 -26.22
CA GLY D 279 -55.57 15.89 -27.09
C GLY D 279 -56.55 14.72 -27.28
N VAL D 280 -57.84 14.97 -27.02
CA VAL D 280 -58.87 13.96 -27.18
C VAL D 280 -60.05 14.61 -27.87
N ASP D 281 -60.45 14.05 -29.03
CA ASP D 281 -61.58 14.55 -29.80
C ASP D 281 -62.59 13.42 -30.02
N THR D 282 -62.62 12.47 -29.08
CA THR D 282 -63.55 11.35 -29.13
C THR D 282 -64.18 11.14 -27.75
N ALA D 283 -65.40 10.59 -27.72
CA ALA D 283 -66.15 10.36 -26.50
C ALA D 283 -66.08 8.88 -26.15
N GLY D 284 -64.90 8.42 -25.76
CA GLY D 284 -64.74 7.08 -25.25
C GLY D 284 -65.52 6.88 -23.96
N HIS D 285 -65.95 5.64 -23.74
CA HIS D 285 -66.62 5.27 -22.51
C HIS D 285 -67.98 5.95 -22.45
N SER D 286 -68.57 6.15 -23.64
CA SER D 286 -69.87 6.80 -23.77
C SER D 286 -70.76 5.96 -24.67
N ALA D 287 -72.01 6.40 -24.83
CA ALA D 287 -73.00 5.67 -25.62
C ALA D 287 -72.68 5.78 -27.11
N GLN D 288 -71.79 6.72 -27.46
CA GLN D 288 -71.38 6.92 -28.85
C GLN D 288 -70.66 5.66 -29.35
N VAL D 289 -70.06 4.93 -28.41
CA VAL D 289 -69.31 3.71 -28.70
C VAL D 289 -70.25 2.62 -29.20
N ASP D 290 -71.57 2.78 -29.01
CA ASP D 290 -72.54 1.73 -29.31
C ASP D 290 -72.62 1.51 -30.83
N GLY D 291 -72.40 2.57 -31.62
CA GLY D 291 -72.46 2.47 -33.06
C GLY D 291 -71.16 1.95 -33.68
N LEU D 292 -70.18 1.64 -32.82
CA LEU D 292 -68.93 1.06 -33.28
C LEU D 292 -68.93 -0.46 -33.05
N LYS D 293 -69.91 -0.95 -32.29
CA LYS D 293 -69.79 -2.26 -31.66
C LYS D 293 -69.69 -3.35 -32.73
N GLU D 294 -70.57 -3.30 -33.73
CA GLU D 294 -70.64 -4.38 -34.71
C GLU D 294 -69.41 -4.33 -35.59
N HIS D 295 -68.99 -3.13 -36.01
CA HIS D 295 -67.81 -2.98 -36.84
C HIS D 295 -66.60 -3.60 -36.15
N LEU D 296 -66.47 -3.30 -34.85
CA LEU D 296 -65.37 -3.79 -34.05
C LEU D 296 -65.35 -5.31 -34.06
N PHE D 297 -66.51 -5.93 -33.81
CA PHE D 297 -66.55 -7.37 -33.67
C PHE D 297 -66.18 -8.01 -35.01
N GLU D 298 -66.50 -7.30 -36.12
CA GLU D 298 -66.16 -7.77 -37.46
C GLU D 298 -64.65 -7.76 -37.69
N VAL D 299 -63.96 -6.72 -37.17
CA VAL D 299 -62.60 -6.44 -37.58
C VAL D 299 -61.61 -6.91 -36.51
N LEU D 300 -62.04 -6.92 -35.24
CA LEU D 300 -61.15 -7.22 -34.13
C LEU D 300 -60.93 -8.73 -34.04
N ALA D 301 -62.02 -9.47 -33.85
CA ALA D 301 -61.91 -10.90 -33.63
C ALA D 301 -61.17 -11.53 -34.81
N PRO D 302 -60.55 -12.71 -34.64
CA PRO D 302 -60.24 -13.25 -33.31
C PRO D 302 -58.88 -12.81 -32.78
N VAL D 303 -58.79 -12.62 -31.46
CA VAL D 303 -57.49 -12.46 -30.80
C VAL D 303 -57.16 -13.75 -30.04
N SER D 304 -55.87 -13.90 -29.73
CA SER D 304 -55.39 -15.09 -29.03
C SER D 304 -54.89 -14.70 -27.65
N PRO D 305 -55.77 -14.26 -26.72
CA PRO D 305 -55.34 -13.87 -25.37
C PRO D 305 -54.72 -15.06 -24.63
N ARG D 306 -53.66 -14.78 -23.87
CA ARG D 306 -52.98 -15.79 -23.07
C ARG D 306 -52.87 -15.29 -21.63
N SER D 307 -52.73 -16.23 -20.69
CA SER D 307 -52.43 -15.91 -19.30
C SER D 307 -51.08 -15.18 -19.23
N SER D 308 -51.02 -14.15 -18.39
CA SER D 308 -49.94 -13.18 -18.42
C SER D 308 -48.75 -13.69 -17.62
N ASP D 309 -47.55 -13.22 -17.98
CA ASP D 309 -46.34 -13.49 -17.22
C ASP D 309 -46.34 -12.71 -15.92
N ILE D 310 -46.97 -11.52 -15.91
CA ILE D 310 -47.02 -10.71 -14.71
C ILE D 310 -48.44 -10.18 -14.48
N PRO D 311 -48.77 -9.83 -13.22
CA PRO D 311 -50.14 -9.52 -12.84
C PRO D 311 -50.70 -8.33 -13.61
N PHE D 312 -51.95 -8.51 -14.05
CA PHE D 312 -52.69 -7.55 -14.84
C PHE D 312 -53.95 -7.17 -14.08
N TYR D 313 -53.97 -5.93 -13.55
CA TYR D 313 -55.12 -5.40 -12.83
C TYR D 313 -55.99 -4.60 -13.81
N SER D 314 -57.09 -5.23 -14.23
CA SER D 314 -58.04 -4.66 -15.18
C SER D 314 -58.73 -3.43 -14.60
N THR D 315 -58.97 -2.44 -15.47
CA THR D 315 -59.77 -1.29 -15.12
C THR D 315 -61.12 -1.40 -15.80
N VAL D 316 -61.36 -2.54 -16.44
CA VAL D 316 -62.72 -2.94 -16.81
C VAL D 316 -63.41 -3.54 -15.58
N THR D 317 -62.73 -4.50 -14.95
CA THR D 317 -63.25 -5.19 -13.78
C THR D 317 -62.82 -4.47 -12.50
N GLY D 318 -61.69 -3.76 -12.59
CA GLY D 318 -61.12 -3.06 -11.45
C GLY D 318 -60.44 -4.03 -10.49
N ALA D 319 -60.08 -5.21 -11.01
CA ALA D 319 -59.39 -6.20 -10.20
C ALA D 319 -58.45 -7.04 -11.06
N PRO D 320 -57.51 -7.78 -10.43
CA PRO D 320 -56.70 -8.76 -11.15
C PRO D 320 -57.55 -9.77 -11.93
N LEU D 321 -56.98 -10.22 -13.05
CA LEU D 321 -57.73 -10.89 -14.10
C LEU D 321 -56.79 -11.90 -14.75
N ASP D 322 -57.27 -13.13 -14.97
CA ASP D 322 -56.64 -14.03 -15.92
C ASP D 322 -56.79 -13.44 -17.32
N THR D 323 -55.65 -13.11 -17.94
CA THR D 323 -55.62 -12.34 -19.18
C THR D 323 -55.93 -13.25 -20.36
N GLU D 324 -56.22 -14.52 -20.05
CA GLU D 324 -56.86 -15.44 -20.96
C GLU D 324 -58.16 -14.86 -21.51
N ARG D 325 -58.75 -13.93 -20.77
CA ARG D 325 -60.15 -13.55 -20.96
C ARG D 325 -60.21 -12.23 -21.74
N LEU D 326 -59.07 -11.89 -22.36
CA LEU D 326 -58.86 -10.61 -23.03
C LEU D 326 -59.16 -10.75 -24.52
N ASP D 327 -60.33 -11.32 -24.84
CA ASP D 327 -60.74 -11.54 -26.22
C ASP D 327 -61.36 -10.25 -26.77
N ALA D 328 -61.94 -10.34 -27.97
CA ALA D 328 -62.50 -9.18 -28.66
C ALA D 328 -63.58 -8.52 -27.81
N GLY D 329 -64.30 -9.31 -27.01
CA GLY D 329 -65.37 -8.80 -26.14
C GLY D 329 -64.85 -7.91 -25.01
N TYR D 330 -63.73 -8.31 -24.41
CA TYR D 330 -63.10 -7.52 -23.36
C TYR D 330 -62.73 -6.15 -23.91
N TRP D 331 -62.23 -6.13 -25.15
CA TRP D 331 -61.68 -4.90 -25.74
C TRP D 331 -62.79 -3.94 -26.15
N TYR D 332 -64.01 -4.45 -26.37
CA TYR D 332 -65.17 -3.59 -26.53
C TYR D 332 -65.58 -3.05 -25.16
N ARG D 333 -65.61 -3.93 -24.16
CA ARG D 333 -65.86 -3.52 -22.79
C ARG D 333 -64.91 -2.37 -22.43
N ASN D 334 -63.67 -2.52 -22.90
CA ASN D 334 -62.61 -1.59 -22.62
C ASN D 334 -62.98 -0.21 -23.16
N MET D 335 -63.73 -0.18 -24.27
CA MET D 335 -64.01 1.04 -25.00
C MET D 335 -65.24 1.70 -24.41
N ARG D 336 -66.22 0.86 -24.07
CA ARG D 336 -67.57 1.31 -23.77
C ARG D 336 -67.70 1.64 -22.28
N GLU D 337 -67.09 0.80 -21.43
CA GLU D 337 -67.44 0.78 -20.02
C GLU D 337 -66.54 1.76 -19.26
N PRO D 338 -66.97 2.20 -18.06
CA PRO D 338 -66.18 3.14 -17.26
C PRO D 338 -64.83 2.55 -16.89
N VAL D 339 -63.80 3.41 -16.84
CA VAL D 339 -62.50 2.98 -16.35
C VAL D 339 -62.49 3.06 -14.82
N GLU D 340 -62.44 1.89 -14.18
CA GLU D 340 -62.42 1.80 -12.73
C GLU D 340 -60.97 1.83 -12.23
N PHE D 341 -60.33 3.01 -12.30
CA PHE D 341 -58.92 3.13 -11.98
C PHE D 341 -58.73 3.09 -10.47
N GLU D 342 -59.67 3.68 -9.72
CA GLU D 342 -59.59 3.72 -8.27
C GLU D 342 -59.58 2.29 -7.73
N LYS D 343 -60.51 1.47 -8.22
CA LYS D 343 -60.73 0.13 -7.70
C LYS D 343 -59.49 -0.72 -7.94
N ALA D 344 -58.84 -0.49 -9.09
CA ALA D 344 -57.66 -1.24 -9.48
C ALA D 344 -56.47 -0.84 -8.59
N VAL D 345 -56.35 0.46 -8.35
CA VAL D 345 -55.28 0.98 -7.51
C VAL D 345 -55.49 0.53 -6.07
N ARG D 346 -56.76 0.36 -5.66
CA ARG D 346 -57.10 -0.08 -4.31
C ARG D 346 -56.78 -1.57 -4.14
N ALA D 347 -57.04 -2.36 -5.19
CA ALA D 347 -56.64 -3.76 -5.23
C ALA D 347 -55.11 -3.86 -5.12
N LEU D 348 -54.40 -3.03 -5.90
CA LEU D 348 -52.95 -3.04 -5.91
C LEU D 348 -52.40 -2.69 -4.52
N ILE D 349 -52.98 -1.65 -3.89
CA ILE D 349 -52.53 -1.23 -2.57
C ILE D 349 -52.81 -2.34 -1.56
N ALA D 350 -54.02 -2.91 -1.62
CA ALA D 350 -54.39 -4.02 -0.76
C ALA D 350 -53.37 -5.15 -0.85
N ASP D 351 -52.70 -5.25 -2.01
CA ASP D 351 -51.82 -6.38 -2.30
C ASP D 351 -50.36 -5.96 -2.07
N GLY D 352 -50.15 -4.78 -1.47
CA GLY D 352 -48.86 -4.42 -0.91
C GLY D 352 -47.94 -3.73 -1.92
N TYR D 353 -48.51 -3.25 -3.02
CA TYR D 353 -47.79 -2.46 -4.01
C TYR D 353 -47.74 -1.00 -3.54
N ASP D 354 -46.61 -0.33 -3.73
CA ASP D 354 -46.39 0.97 -3.10
C ASP D 354 -45.54 1.88 -3.98
N LEU D 355 -45.19 1.43 -5.20
CA LEU D 355 -44.46 2.25 -6.15
C LEU D 355 -45.12 2.15 -7.51
N PHE D 356 -45.61 3.29 -8.00
CA PHE D 356 -46.32 3.35 -9.27
C PHE D 356 -45.53 4.20 -10.25
N LEU D 357 -45.31 3.65 -11.47
CA LEU D 357 -44.56 4.34 -12.50
C LEU D 357 -45.43 4.49 -13.75
N GLU D 358 -45.86 5.72 -14.03
CA GLU D 358 -46.45 6.05 -15.32
C GLU D 358 -45.39 5.91 -16.41
N CYS D 359 -45.60 4.92 -17.30
CA CYS D 359 -44.61 4.52 -18.29
C CYS D 359 -45.02 5.09 -19.65
N ASN D 360 -44.96 6.43 -19.76
CA ASN D 360 -45.64 7.17 -20.81
C ASN D 360 -44.95 8.53 -21.03
N PRO D 361 -45.32 9.30 -22.09
CA PRO D 361 -44.65 10.56 -22.38
C PRO D 361 -44.97 11.75 -21.49
N HIS D 362 -46.06 11.68 -20.71
CA HIS D 362 -46.43 12.76 -19.80
C HIS D 362 -47.40 12.25 -18.74
N PRO D 363 -47.17 12.55 -17.45
CA PRO D 363 -47.99 11.98 -16.37
C PRO D 363 -49.40 12.53 -16.39
N MET D 364 -50.38 11.61 -16.39
CA MET D 364 -51.79 11.94 -16.50
C MET D 364 -52.50 11.62 -15.19
N LEU D 365 -51.92 10.70 -14.40
CA LEU D 365 -52.70 10.05 -13.36
C LEU D 365 -52.04 10.21 -11.99
N ALA D 366 -50.93 10.98 -11.96
CA ALA D 366 -50.17 11.17 -10.73
C ALA D 366 -51.07 11.64 -9.59
N MET D 367 -51.89 12.68 -9.85
CA MET D 367 -52.70 13.28 -8.80
C MET D 367 -53.70 12.25 -8.25
N SER D 368 -54.42 11.60 -9.15
CA SER D 368 -55.45 10.64 -8.76
C SER D 368 -54.83 9.51 -7.94
N LEU D 369 -53.70 9.01 -8.43
CA LEU D 369 -52.94 7.97 -7.74
C LEU D 369 -52.65 8.40 -6.31
N ASP D 370 -52.16 9.63 -6.10
CA ASP D 370 -51.80 10.08 -4.77
C ASP D 370 -53.04 10.12 -3.89
N GLU D 371 -54.17 10.56 -4.45
CA GLU D 371 -55.41 10.72 -3.70
C GLU D 371 -55.88 9.38 -3.16
N THR D 372 -55.79 8.32 -4.00
CA THR D 372 -56.23 6.99 -3.63
C THR D 372 -55.27 6.40 -2.60
N LEU D 373 -53.96 6.69 -2.75
CA LEU D 373 -52.98 6.28 -1.76
C LEU D 373 -53.31 6.93 -0.41
N THR D 374 -53.48 8.26 -0.39
CA THR D 374 -53.74 9.02 0.82
C THR D 374 -54.97 8.45 1.54
N ASP D 375 -56.04 8.18 0.77
CA ASP D 375 -57.33 7.80 1.32
C ASP D 375 -57.29 6.37 1.83
N SER D 376 -56.29 5.60 1.37
CA SER D 376 -56.18 4.20 1.72
C SER D 376 -55.49 4.03 3.08
N GLY D 377 -55.11 5.14 3.70
CA GLY D 377 -54.23 5.10 4.85
C GLY D 377 -52.78 4.80 4.43
N GLY D 378 -52.51 3.52 4.17
CA GLY D 378 -51.17 3.08 3.81
C GLY D 378 -50.65 3.79 2.57
N HIS D 379 -49.37 4.21 2.61
CA HIS D 379 -48.87 5.24 1.73
C HIS D 379 -47.77 4.69 0.83
N GLY D 380 -47.60 5.32 -0.35
CA GLY D 380 -46.57 4.93 -1.30
C GLY D 380 -46.15 6.09 -2.20
N THR D 381 -45.44 5.78 -3.29
CA THR D 381 -44.81 6.78 -4.14
C THR D 381 -45.35 6.65 -5.57
N VAL D 382 -45.31 7.77 -6.32
CA VAL D 382 -45.72 7.82 -7.72
C VAL D 382 -44.61 8.46 -8.55
N MET D 383 -44.17 7.79 -9.63
CA MET D 383 -43.12 8.32 -10.47
C MET D 383 -43.63 8.51 -11.89
N HIS D 384 -42.78 9.12 -12.72
CA HIS D 384 -43.05 9.33 -14.13
C HIS D 384 -41.84 8.88 -14.97
N THR D 385 -41.99 8.92 -16.30
CA THR D 385 -40.88 8.68 -17.21
C THR D 385 -40.49 9.97 -17.91
N LEU D 386 -41.30 10.39 -18.90
CA LEU D 386 -41.11 11.65 -19.58
C LEU D 386 -42.21 12.63 -19.19
N ARG D 387 -41.91 13.92 -19.36
CA ARG D 387 -42.93 14.98 -19.34
C ARG D 387 -42.83 15.74 -20.66
N ARG D 388 -43.90 16.46 -20.99
CA ARG D 388 -43.90 17.38 -22.10
C ARG D 388 -42.60 18.19 -22.09
N GLN D 389 -41.91 18.22 -23.23
CA GLN D 389 -40.73 19.03 -23.47
C GLN D 389 -39.56 18.54 -22.61
N LYS D 390 -39.74 17.39 -21.96
CA LYS D 390 -38.73 16.82 -21.08
C LYS D 390 -38.61 15.32 -21.34
N GLY D 391 -38.17 14.97 -22.55
CA GLY D 391 -38.09 13.58 -22.98
C GLY D 391 -36.71 13.23 -23.51
N SER D 392 -35.69 13.92 -22.97
CA SER D 392 -34.31 13.66 -23.33
C SER D 392 -33.78 12.45 -22.55
N ALA D 393 -32.68 11.88 -23.06
CA ALA D 393 -31.91 10.85 -22.39
C ALA D 393 -31.61 11.27 -20.95
N LYS D 394 -31.15 12.52 -20.77
CA LYS D 394 -30.89 13.06 -19.46
C LYS D 394 -32.14 12.91 -18.58
N ASP D 395 -33.30 13.33 -19.09
CA ASP D 395 -34.52 13.36 -18.31
C ASP D 395 -34.91 11.96 -17.86
N PHE D 396 -34.64 10.96 -18.72
CA PHE D 396 -34.83 9.56 -18.37
C PHE D 396 -33.79 9.16 -17.33
N GLY D 397 -32.55 9.66 -17.52
CA GLY D 397 -31.51 9.54 -16.51
C GLY D 397 -32.00 9.97 -15.13
N MET D 398 -32.71 11.10 -15.11
CA MET D 398 -33.25 11.66 -13.88
C MET D 398 -34.35 10.76 -13.33
N ALA D 399 -35.17 10.18 -14.22
CA ALA D 399 -36.19 9.23 -13.80
C ALA D 399 -35.54 7.96 -13.26
N LEU D 400 -34.49 7.50 -13.95
CA LEU D 400 -33.68 6.38 -13.49
C LEU D 400 -33.28 6.59 -12.03
N CYS D 401 -32.85 7.80 -11.70
CA CYS D 401 -32.26 8.11 -10.42
C CYS D 401 -33.34 8.16 -9.34
N LEU D 402 -34.52 8.71 -9.68
CA LEU D 402 -35.64 8.69 -8.76
C LEU D 402 -35.96 7.24 -8.42
N ALA D 403 -35.80 6.34 -9.41
CA ALA D 403 -36.08 4.93 -9.24
C ALA D 403 -35.09 4.29 -8.27
N TYR D 404 -33.79 4.49 -8.53
CA TYR D 404 -32.72 3.99 -7.68
C TYR D 404 -32.95 4.42 -6.23
N VAL D 405 -33.24 5.70 -6.07
CA VAL D 405 -33.37 6.34 -4.77
C VAL D 405 -34.57 5.76 -4.01
N ASN D 406 -35.56 5.26 -4.75
CA ASN D 406 -36.76 4.70 -4.14
C ASN D 406 -36.61 3.21 -3.90
N GLY D 407 -35.45 2.65 -4.27
CA GLY D 407 -35.04 1.33 -3.81
C GLY D 407 -34.88 0.33 -4.96
N LEU D 408 -35.13 0.80 -6.19
CA LEU D 408 -35.03 -0.06 -7.36
C LEU D 408 -33.57 -0.25 -7.72
N GLU D 409 -33.30 -1.28 -8.53
CA GLU D 409 -31.94 -1.66 -8.85
C GLU D 409 -31.66 -1.35 -10.32
N ILE D 410 -30.57 -0.62 -10.58
CA ILE D 410 -30.22 -0.14 -11.91
C ILE D 410 -29.13 -1.04 -12.50
N ASP D 411 -29.03 -1.04 -13.83
CA ASP D 411 -28.04 -1.81 -14.53
C ASP D 411 -26.97 -0.84 -15.08
N GLY D 412 -25.95 -0.57 -14.27
CA GLY D 412 -24.84 0.26 -14.69
C GLY D 412 -24.24 -0.21 -15.99
#